data_8EXX
#
_entry.id   8EXX
#
_cell.length_a   1.00
_cell.length_b   1.00
_cell.length_c   1.00
_cell.angle_alpha   90.00
_cell.angle_beta   90.00
_cell.angle_gamma   90.00
#
_symmetry.space_group_name_H-M   'P 1'
#
loop_
_entity.id
_entity.type
_entity.pdbx_description
1 polymer 'DNA polymerase'
2 polymer 'DNA polymerase processivity factor'
3 polymer 'Primer DNA (32-MER)'
4 polymer 'Template DNA (50-MER)'
5 non-polymer 'MAGNESIUM ION'
6 non-polymer 'PHOSPHONOFORMIC ACID'
#
loop_
_entity_poly.entity_id
_entity_poly.type
_entity_poly.pdbx_seq_one_letter_code
_entity_poly.pdbx_strand_id
1 'polypeptide(L)'
;HHHHHHNFYNPYLAPVGTQQKPTGPTQRHTYYSECDEFRFIAPRVLDEDAPPEKRAGVHDGHLKRAPKVYCGGDERDVLR
VGSGGFWPRRSRLWGGVDHAPAGFNPTVTVFHVYDILENVEHAYGMRAAQFHARFMDAITPTGTVITLLGLTPEGHRVAV
HVYGTRQYFYMNKEEVDRHLQCRAPRDLCERMAAALRESPGASFRGISADHFEAEVVERTDVYYYETRPALFYRVYVRSG
RVLSYLCDNFCPAIKKYEGGVDATTRFILDNPGFVTFGWYRLKPGRNNTLAQPRAPMAFGTSSDVEFNCTADNLAIEGGM
SDLPAYKLMCFDIECKAGGEDELAFPVAGHPEDLVIQISCLLYDLSTTALEHVLLFSLGSCDLPESHLNELAARGLPTPV
VLEFDSEFEMLLAFMTLVKQYGPEFVTGYNIINFDWPFLLAKLTDIYKVPLDGYGRMNGRGVFRVWDIGQSHFQKRSKIK
VNGMVNIDMYGIITDKIKLSSYKLNAVAEAVLKDKKKDLSYRDIPAYYATGPAQRGVIGEYCIQDSLLVGQLFFKFLPHL
ELSAVARLAGINITRTIYDGQQIRVFTCLLRLADQKGFILPDTQGRFRGAGGEAPKRPAAAREDEERPEEEGEDEDEREE
GGGEREPEGARETAGRHVGYQGARVLDPTSGFHVNPVVVFDFASLYPSIIQAHNLCFSTLSLRADAVAHLEAGKDYLEIE
VGGRRLFFVKAHVRESLLSILLRDWLAMRKQIRSRIPQSSPEEAVLLDKQQAAIKVVCNSVYGFTGVQHGLLPCLHVAAT
VTTIGREMLLATREYVHARWAAFEQLLADFPEAADMRAPGPYSMRIIYGDTDSIFVLCRGLTAAGLTAMGDKMASHISRA
LFLPPIKLECEKTFTKLLLIAKKKYIGVIYGGKMLIKGVDLVRKNNCAFINRTSRALVDLLFYDDTVSGAAAALAERPAE
EWLARPLPEGLQAFGAVLVDAHRRITDPERDIQDFVLTAELSRHPRAYTNKRLAHLTVYYKLMARRAQVPSIKDRIPYVI
VAQTREVEETVARLAALRELDAAAPGDEPAPPAALPSPAKRPRETPSHADPPGGASKPRKLLVSELAEDPAYAIAHGVAL
NTDYYFSHLLGAACVTFKALFGNNAKITESLLKRFIPEVWHPPDDVAARLRAAGFGAVGAGATAEETRRMLHRAFDTLA
;
A
2 'polypeptide(L)'
;MTDSPGGVAPASPVEDASDASLGQPEEGAPCQVVLQGAELNGILQAFAPLRTSLLDSLLVMGDRGILIHNTIFGEQVFLP
LEHSQFSRYRWRGPTAAFLSLVDQKRSLLSVFRANQYPDLRRVELAITGQAPFRTLVQRIWTTTSDGEAVELASETLMKR
ELTSFVVLVPQGTPDVQLRLTRPQLTKVLNATGADSATPTTFELGVNGKFSVFTTSTCVTFAAREEGVSSSTSTQVQILS
NALTKAGQAAANAKTVYGENTHRTFSVVVDDCSMRAVLRRLQVAGGTLKFFLTTPVPSLCVTATGPNAVSAVFLLKPQKI
CLDWLGHSQGSPSAGSSASR
;
B
3 'polydeoxyribonucleotide'
;(DG)(DA)(DT)(DT)(DA)(DC)(DG)(DA)(DA)(DT)(DT)(DC)(DG)(DA)(DG)(DC)(DT)(DC)(DG)(DG)
(DT)(DA)(DC)(DC)(DC)(DG)(DG)(DG)(DG)(DA)(DT)(DOC)
;
P
4 'polydeoxyribonucleotide'
;(DC)(DA)(DC)(DA)(DC)(DA)(DC)(DA)(DC)(DA)(DC)(DA)(DC)(DA)(DC)(DA)(DC)(DA)(DG)(DA)
(DT)(DC)(DC)(DC)(DC)(DG)(DG)(DG)(DT)(DA)(DC)(DC)(DG)(DA)(DG)(DC)(DT)(DC)(DG)(DA)
(DA)(DT)(DT)(DC)(DG)(DT)(DA)(DA)(DT)(DC)
;
T
#
# COMPACT_ATOMS: atom_id res chain seq x y z
N GLY A 24 38.01 -5.14 -42.54
CA GLY A 24 37.39 -4.94 -41.24
C GLY A 24 36.12 -4.14 -41.32
N PRO A 25 35.40 -4.01 -40.21
CA PRO A 25 34.12 -3.30 -40.23
C PRO A 25 34.35 -1.83 -40.52
N THR A 26 33.25 -1.12 -40.78
CA THR A 26 33.30 0.32 -40.98
C THR A 26 32.78 1.05 -39.75
N GLN A 27 31.58 0.71 -39.32
CA GLN A 27 31.10 1.10 -38.01
C GLN A 27 31.73 0.14 -37.00
N ARG A 28 32.70 0.58 -36.21
CA ARG A 28 33.40 -0.40 -35.40
C ARG A 28 32.56 -0.86 -34.23
N HIS A 29 32.76 -2.13 -33.85
CA HIS A 29 32.07 -2.80 -32.76
C HIS A 29 32.64 -2.42 -31.41
N THR A 30 31.79 -2.12 -30.44
CA THR A 30 32.22 -1.66 -29.12
C THR A 30 31.87 -2.64 -28.01
N TYR A 31 32.04 -3.92 -28.27
CA TYR A 31 31.72 -5.00 -27.36
C TYR A 31 32.96 -5.85 -27.30
N TYR A 32 33.37 -6.26 -26.12
CA TYR A 32 34.63 -6.96 -26.04
C TYR A 32 34.61 -8.21 -26.91
N SER A 33 35.43 -8.19 -27.94
CA SER A 33 35.72 -9.30 -28.82
C SER A 33 37.03 -9.98 -28.50
N GLU A 34 37.87 -9.34 -27.71
CA GLU A 34 39.14 -9.90 -27.34
C GLU A 34 39.56 -9.20 -26.07
N CYS A 35 40.36 -9.86 -25.26
CA CYS A 35 40.85 -9.26 -24.04
C CYS A 35 42.10 -9.98 -23.63
N ASP A 36 42.98 -9.29 -22.94
CA ASP A 36 44.10 -9.93 -22.28
C ASP A 36 44.35 -9.45 -20.87
N GLU A 37 43.57 -8.50 -20.38
CA GLU A 37 43.83 -7.92 -19.07
C GLU A 37 42.52 -7.61 -18.43
N PHE A 38 42.32 -8.08 -17.22
CA PHE A 38 41.10 -7.76 -16.52
C PHE A 38 41.41 -7.64 -15.05
N ARG A 39 40.40 -7.32 -14.26
CA ARG A 39 40.54 -7.16 -12.83
C ARG A 39 40.09 -8.46 -12.19
N PHE A 40 41.01 -9.38 -12.11
CA PHE A 40 40.76 -10.61 -11.39
C PHE A 40 40.33 -10.28 -9.99
N ILE A 41 39.11 -10.63 -9.65
CA ILE A 41 38.63 -10.55 -8.29
C ILE A 41 37.89 -11.84 -8.04
N ALA A 42 38.32 -12.58 -7.09
CA ALA A 42 37.88 -13.94 -6.91
C ALA A 42 37.96 -14.27 -5.46
N PRO A 43 36.88 -14.39 -4.69
CA PRO A 43 37.01 -14.49 -3.24
C PRO A 43 37.95 -15.62 -2.90
N ARG A 44 38.91 -15.38 -1.99
CA ARG A 44 40.00 -16.34 -1.81
C ARG A 44 39.58 -17.43 -0.84
N VAL A 45 38.52 -18.09 -1.26
CA VAL A 45 37.98 -19.27 -0.62
C VAL A 45 37.92 -20.43 -1.60
N LEU A 46 38.00 -20.13 -2.90
CA LEU A 46 37.97 -21.11 -3.97
C LEU A 46 39.24 -21.92 -4.03
N ASP A 47 40.30 -21.47 -3.39
CA ASP A 47 41.61 -22.11 -3.45
C ASP A 47 41.95 -22.64 -2.06
N GLU A 48 41.78 -23.94 -1.86
CA GLU A 48 42.06 -24.53 -0.57
C GLU A 48 43.54 -24.82 -0.36
N ASP A 49 44.41 -24.26 -1.18
CA ASP A 49 45.85 -24.38 -1.03
C ASP A 49 46.43 -23.27 -0.19
N ALA A 50 45.61 -22.65 0.66
CA ALA A 50 46.06 -21.66 1.62
C ALA A 50 45.47 -22.05 2.96
N PRO A 51 46.14 -21.76 4.08
CA PRO A 51 45.63 -22.20 5.37
C PRO A 51 44.47 -21.34 5.82
N PRO A 52 43.89 -21.63 6.99
CA PRO A 52 42.68 -20.92 7.45
C PRO A 52 42.83 -19.41 7.59
N GLU A 53 44.02 -18.85 7.43
CA GLU A 53 44.21 -17.41 7.60
C GLU A 53 43.90 -16.65 6.33
N LYS A 54 44.30 -17.16 5.17
CA LYS A 54 43.86 -16.61 3.90
C LYS A 54 42.65 -17.39 3.37
N ARG A 55 41.56 -17.29 4.12
CA ARG A 55 40.23 -17.71 3.67
C ARG A 55 39.29 -16.54 3.53
N ALA A 56 39.16 -15.73 4.57
CA ALA A 56 38.34 -14.55 4.46
C ALA A 56 39.04 -13.54 3.58
N GLY A 57 38.25 -12.83 2.79
CA GLY A 57 38.74 -11.79 1.91
C GLY A 57 38.44 -12.11 0.46
N VAL A 58 38.92 -11.23 -0.41
CA VAL A 58 38.82 -11.40 -1.85
C VAL A 58 40.13 -10.97 -2.48
N HIS A 59 40.44 -11.54 -3.64
CA HIS A 59 41.67 -11.15 -4.28
C HIS A 59 41.41 -9.85 -5.00
N ASP A 60 42.42 -9.35 -5.70
CA ASP A 60 42.29 -8.18 -6.55
C ASP A 60 43.58 -8.08 -7.30
N GLY A 61 43.54 -7.51 -8.50
CA GLY A 61 44.79 -7.36 -9.22
C GLY A 61 44.68 -7.85 -10.63
N HIS A 62 45.39 -7.19 -11.53
CA HIS A 62 45.18 -7.52 -12.92
C HIS A 62 45.80 -8.87 -13.23
N LEU A 63 45.40 -9.41 -14.38
CA LEU A 63 45.92 -10.66 -14.90
C LEU A 63 46.33 -10.43 -16.33
N LYS A 64 47.23 -11.26 -16.84
CA LYS A 64 47.61 -11.22 -18.24
C LYS A 64 47.14 -12.44 -19.02
N ARG A 65 46.09 -13.11 -18.56
CA ARG A 65 45.48 -14.23 -19.26
C ARG A 65 44.21 -13.79 -19.95
N ALA A 66 43.88 -14.43 -21.02
CA ALA A 66 42.59 -14.17 -21.65
C ALA A 66 41.51 -14.94 -20.91
N PRO A 67 40.34 -14.36 -20.68
CA PRO A 67 39.41 -14.96 -19.72
C PRO A 67 38.96 -16.33 -20.17
N LYS A 68 38.31 -17.07 -19.28
CA LYS A 68 38.28 -18.54 -19.33
C LYS A 68 37.02 -19.02 -18.68
N VAL A 69 36.39 -20.03 -19.26
CA VAL A 69 35.21 -20.64 -18.68
C VAL A 69 35.42 -22.14 -18.67
N TYR A 70 35.06 -22.78 -17.57
CA TYR A 70 35.02 -24.23 -17.50
C TYR A 70 33.58 -24.63 -17.31
N CYS A 71 33.14 -25.60 -18.09
CA CYS A 71 31.77 -26.08 -18.01
C CYS A 71 31.69 -27.51 -17.55
N GLY A 72 32.43 -28.43 -18.18
CA GLY A 72 32.57 -29.78 -17.69
C GLY A 72 33.97 -30.19 -17.31
N GLY A 73 34.91 -29.29 -17.50
CA GLY A 73 36.31 -29.65 -17.45
C GLY A 73 36.96 -29.36 -18.79
N ASP A 74 36.39 -28.43 -19.53
CA ASP A 74 36.93 -27.92 -20.77
C ASP A 74 37.29 -26.47 -20.51
N GLU A 75 38.30 -25.98 -21.19
CA GLU A 75 38.68 -24.59 -21.08
C GLU A 75 38.44 -23.97 -22.45
N ARG A 76 37.66 -22.91 -22.46
CA ARG A 76 37.32 -22.22 -23.70
C ARG A 76 37.29 -20.75 -23.32
N ASP A 77 38.22 -19.97 -23.85
CA ASP A 77 38.24 -18.57 -23.50
C ASP A 77 36.94 -17.89 -23.92
N VAL A 78 36.34 -17.13 -23.01
CA VAL A 78 34.96 -16.66 -23.08
C VAL A 78 34.60 -15.95 -24.38
N LEU A 79 35.60 -15.45 -25.09
CA LEU A 79 35.35 -14.60 -26.25
C LEU A 79 35.82 -15.24 -27.53
N ARG A 80 35.94 -16.56 -27.55
CA ARG A 80 36.33 -17.29 -28.76
C ARG A 80 35.10 -17.95 -29.37
N VAL A 81 34.39 -17.23 -30.21
CA VAL A 81 33.40 -17.85 -31.06
C VAL A 81 34.12 -18.75 -32.06
N GLY A 82 33.54 -19.90 -32.36
CA GLY A 82 34.25 -20.95 -33.06
C GLY A 82 33.72 -22.32 -32.71
N SER A 83 34.62 -23.24 -32.32
CA SER A 83 34.38 -24.69 -32.26
C SER A 83 33.00 -25.01 -31.74
N GLY A 84 32.62 -24.34 -30.67
CA GLY A 84 31.26 -24.33 -30.19
C GLY A 84 31.14 -24.43 -28.70
N GLY A 85 30.38 -23.48 -28.25
CA GLY A 85 30.51 -22.90 -26.94
C GLY A 85 29.59 -23.53 -25.98
N PHE A 86 29.85 -23.25 -24.74
CA PHE A 86 28.91 -23.63 -23.72
C PHE A 86 27.59 -22.88 -23.78
N TRP A 87 27.35 -21.94 -24.70
CA TRP A 87 26.14 -21.15 -24.80
C TRP A 87 25.59 -21.25 -26.22
N PRO A 88 24.30 -21.07 -26.40
CA PRO A 88 23.80 -20.87 -27.76
C PRO A 88 24.27 -19.58 -28.41
N ARG A 89 25.06 -19.70 -29.46
CA ARG A 89 25.37 -18.61 -30.37
C ARG A 89 24.21 -18.39 -31.30
N ARG A 90 23.62 -17.21 -31.27
CA ARG A 90 22.52 -16.86 -32.14
C ARG A 90 22.84 -15.70 -33.06
N SER A 91 24.07 -15.21 -33.02
CA SER A 91 24.59 -14.11 -33.81
C SER A 91 25.13 -14.61 -35.12
N ARG A 92 25.35 -13.68 -36.05
CA ARG A 92 26.10 -13.99 -37.26
C ARG A 92 27.50 -13.40 -37.28
N LEU A 93 27.83 -12.49 -36.38
CA LEU A 93 29.08 -11.76 -36.42
C LEU A 93 29.77 -11.85 -35.08
N TRP A 94 31.07 -11.75 -35.10
CA TRP A 94 31.76 -11.57 -33.84
C TRP A 94 33.06 -10.84 -34.13
N GLY A 95 33.07 -9.55 -33.83
CA GLY A 95 34.25 -8.76 -34.07
C GLY A 95 34.57 -8.71 -35.54
N GLY A 96 33.56 -8.58 -36.36
CA GLY A 96 33.76 -8.59 -37.80
C GLY A 96 33.71 -9.95 -38.44
N VAL A 97 34.40 -10.93 -37.86
CA VAL A 97 34.70 -12.16 -38.57
C VAL A 97 33.40 -12.92 -38.78
N ASP A 98 32.93 -13.01 -40.02
CA ASP A 98 31.60 -13.56 -40.27
C ASP A 98 31.60 -15.04 -39.90
N HIS A 99 30.94 -15.37 -38.81
CA HIS A 99 30.71 -16.75 -38.39
C HIS A 99 29.36 -17.26 -38.85
N ALA A 100 29.16 -17.36 -40.15
CA ALA A 100 27.97 -17.97 -40.74
C ALA A 100 28.39 -18.93 -41.83
N PRO A 101 27.59 -19.95 -42.13
CA PRO A 101 27.99 -20.88 -43.19
C PRO A 101 28.11 -20.13 -44.50
N ALA A 102 29.10 -20.52 -45.30
CA ALA A 102 29.36 -19.76 -46.50
C ALA A 102 28.18 -19.85 -47.43
N GLY A 103 27.93 -18.77 -48.16
CA GLY A 103 26.75 -18.75 -49.01
C GLY A 103 25.48 -18.41 -48.29
N PHE A 104 25.53 -17.96 -47.04
CA PHE A 104 24.36 -17.76 -46.19
C PHE A 104 23.67 -16.48 -46.64
N ASN A 105 22.74 -16.62 -47.54
CA ASN A 105 22.00 -15.49 -48.12
C ASN A 105 20.53 -15.82 -48.04
N PRO A 106 19.95 -15.80 -46.85
CA PRO A 106 18.51 -15.99 -46.74
C PRO A 106 17.81 -14.88 -47.48
N THR A 107 16.69 -15.22 -48.10
CA THR A 107 15.79 -14.23 -48.64
C THR A 107 14.66 -14.11 -47.64
N VAL A 108 14.29 -12.88 -47.34
CA VAL A 108 13.21 -12.58 -46.41
C VAL A 108 12.30 -11.55 -47.02
N THR A 109 11.02 -11.86 -47.04
CA THR A 109 10.06 -10.87 -47.40
C THR A 109 8.84 -10.81 -46.50
N VAL A 110 8.75 -11.64 -45.48
CA VAL A 110 7.77 -11.42 -44.43
C VAL A 110 8.45 -11.46 -43.07
N PHE A 111 8.82 -10.31 -42.53
CA PHE A 111 9.46 -10.22 -41.23
C PHE A 111 8.55 -9.56 -40.21
N HIS A 112 8.77 -9.91 -38.95
CA HIS A 112 8.01 -9.42 -37.82
C HIS A 112 8.91 -8.47 -37.10
N VAL A 113 8.42 -7.26 -36.80
CA VAL A 113 9.19 -6.27 -36.04
C VAL A 113 8.60 -6.06 -34.65
N TYR A 114 9.46 -5.97 -33.66
CA TYR A 114 9.08 -5.77 -32.27
C TYR A 114 9.58 -4.48 -31.65
N ASP A 115 10.69 -3.94 -32.10
CA ASP A 115 11.26 -2.75 -31.48
C ASP A 115 11.85 -1.97 -32.61
N ILE A 116 11.47 -0.72 -32.70
CA ILE A 116 12.00 0.23 -33.64
C ILE A 116 13.02 1.09 -32.93
N LEU A 117 14.20 1.23 -33.48
CA LEU A 117 15.22 2.14 -32.97
C LEU A 117 15.38 3.31 -33.91
N GLU A 118 15.86 4.43 -33.38
CA GLU A 118 16.32 5.56 -34.20
C GLU A 118 17.80 5.75 -33.95
N ASN A 119 18.57 5.89 -35.00
CA ASN A 119 19.99 6.17 -34.89
C ASN A 119 20.34 7.18 -35.94
N VAL A 120 21.28 8.03 -35.65
CA VAL A 120 21.54 9.13 -36.55
C VAL A 120 22.89 8.86 -37.15
N GLU A 121 22.91 8.23 -38.31
CA GLU A 121 24.16 7.88 -38.94
C GLU A 121 24.55 9.03 -39.85
N HIS A 122 25.59 8.85 -40.67
CA HIS A 122 26.23 9.97 -41.34
C HIS A 122 26.66 9.48 -42.69
N ALA A 123 26.91 10.42 -43.59
CA ALA A 123 27.34 10.04 -44.94
C ALA A 123 28.81 9.73 -45.00
N TYR A 124 29.60 10.39 -44.19
CA TYR A 124 31.02 10.12 -44.19
C TYR A 124 31.33 8.98 -43.25
N GLY A 125 30.41 8.69 -42.32
CA GLY A 125 30.60 7.51 -41.50
C GLY A 125 30.38 6.21 -42.22
N MET A 126 29.63 6.20 -43.32
CA MET A 126 29.42 5.00 -44.10
C MET A 126 29.76 5.29 -45.54
N ARG A 127 31.01 5.13 -45.90
CA ARG A 127 31.44 5.19 -47.28
C ARG A 127 31.95 3.86 -47.82
N ALA A 128 32.58 3.06 -46.97
CA ALA A 128 32.88 1.68 -47.33
C ALA A 128 31.66 0.78 -47.24
N ALA A 129 30.54 1.28 -46.76
CA ALA A 129 29.32 0.48 -46.73
C ALA A 129 28.91 0.08 -48.13
N GLN A 130 29.25 0.88 -49.14
CA GLN A 130 28.84 0.61 -50.50
C GLN A 130 27.32 0.53 -50.63
N PHE A 131 26.65 1.62 -50.30
CA PHE A 131 25.22 1.55 -50.25
C PHE A 131 24.75 1.88 -51.66
N HIS A 132 23.45 1.98 -51.87
CA HIS A 132 22.96 2.57 -53.10
C HIS A 132 22.96 4.07 -52.94
N ALA A 133 22.84 4.76 -54.05
CA ALA A 133 22.92 6.19 -53.98
C ALA A 133 21.70 6.76 -53.30
N ARG A 134 20.56 6.13 -53.46
CA ARG A 134 19.37 6.57 -52.75
C ARG A 134 19.63 6.70 -51.26
N PHE A 135 20.26 5.71 -50.67
CA PHE A 135 20.51 5.74 -49.24
C PHE A 135 21.52 6.78 -48.86
N MET A 136 22.65 6.82 -49.55
CA MET A 136 23.68 7.82 -49.29
C MET A 136 23.12 9.22 -49.45
N ASP A 137 22.12 9.38 -50.28
CA ASP A 137 21.45 10.67 -50.42
C ASP A 137 20.55 10.93 -49.22
N ALA A 138 19.89 9.91 -48.69
CA ALA A 138 18.99 10.10 -47.57
C ALA A 138 19.71 10.74 -46.40
N ILE A 139 20.81 10.13 -45.97
CA ILE A 139 21.62 10.64 -44.87
C ILE A 139 22.58 11.79 -45.20
N THR A 140 22.64 12.26 -46.45
CA THR A 140 23.85 12.91 -47.00
C THR A 140 24.64 13.89 -46.12
N PRO A 141 24.08 14.97 -45.52
CA PRO A 141 24.85 15.54 -44.39
C PRO A 141 24.91 14.64 -43.19
N THR A 142 23.74 14.10 -42.85
CA THR A 142 23.39 13.33 -41.67
C THR A 142 21.97 12.90 -41.91
N GLY A 143 21.45 12.06 -41.04
CA GLY A 143 20.02 11.80 -41.11
C GLY A 143 19.64 10.78 -40.08
N THR A 144 18.36 10.46 -40.05
CA THR A 144 17.81 9.60 -39.03
C THR A 144 17.38 8.32 -39.69
N VAL A 145 17.91 7.21 -39.21
CA VAL A 145 17.67 5.92 -39.80
C VAL A 145 16.96 5.10 -38.77
N ILE A 146 15.73 4.77 -39.09
CA ILE A 146 14.88 3.99 -38.22
C ILE A 146 15.17 2.53 -38.46
N THR A 147 15.83 1.89 -37.51
CA THR A 147 16.06 0.46 -37.64
C THR A 147 14.83 -0.26 -37.12
N LEU A 148 14.17 -0.97 -38.00
CA LEU A 148 13.18 -1.94 -37.63
C LEU A 148 13.93 -3.19 -37.33
N LEU A 149 13.40 -4.06 -36.49
CA LEU A 149 14.28 -4.96 -35.79
C LEU A 149 13.41 -6.14 -35.41
N GLY A 150 13.74 -7.34 -35.86
CA GLY A 150 12.80 -8.41 -35.65
C GLY A 150 13.25 -9.75 -36.17
N LEU A 151 12.29 -10.65 -36.39
CA LEU A 151 12.49 -12.03 -36.84
C LEU A 151 11.76 -12.36 -38.11
N THR A 152 12.46 -13.02 -39.00
CA THR A 152 11.96 -13.69 -40.18
C THR A 152 11.40 -15.05 -39.80
N PRO A 153 10.21 -15.43 -40.27
CA PRO A 153 9.48 -16.53 -39.63
C PRO A 153 10.26 -17.81 -39.49
N GLU A 154 11.03 -18.18 -40.52
CA GLU A 154 11.95 -19.30 -40.40
C GLU A 154 12.82 -19.20 -39.14
N GLY A 155 13.21 -17.99 -38.72
CA GLY A 155 14.01 -17.85 -37.51
C GLY A 155 15.11 -16.82 -37.54
N HIS A 156 15.53 -16.38 -38.71
CA HIS A 156 16.62 -15.43 -38.84
C HIS A 156 16.25 -14.10 -38.18
N ARG A 157 17.24 -13.45 -37.60
CA ARG A 157 17.06 -12.15 -36.98
C ARG A 157 17.36 -11.10 -38.02
N VAL A 158 16.36 -10.36 -38.39
CA VAL A 158 16.44 -9.36 -39.43
C VAL A 158 16.50 -8.01 -38.76
N ALA A 159 17.22 -7.09 -39.38
CA ALA A 159 17.34 -5.70 -38.95
C ALA A 159 17.20 -4.84 -40.20
N VAL A 160 16.06 -4.22 -40.40
CA VAL A 160 15.81 -3.51 -41.64
C VAL A 160 15.97 -2.03 -41.35
N HIS A 161 16.80 -1.34 -42.12
CA HIS A 161 17.15 0.04 -41.81
C HIS A 161 16.44 0.90 -42.80
N VAL A 162 15.55 1.75 -42.34
CA VAL A 162 14.65 2.49 -43.22
C VAL A 162 15.05 3.96 -43.18
N TYR A 163 15.28 4.53 -44.34
CA TYR A 163 15.94 5.82 -44.46
C TYR A 163 14.92 6.87 -44.83
N GLY A 164 15.29 8.11 -44.66
CA GLY A 164 14.50 9.18 -45.22
C GLY A 164 13.37 9.66 -44.36
N THR A 165 13.31 9.28 -43.10
CA THR A 165 12.25 9.76 -42.23
C THR A 165 12.78 10.96 -41.49
N ARG A 166 12.11 12.08 -41.64
CA ARG A 166 12.52 13.33 -41.02
C ARG A 166 11.47 13.74 -40.02
N GLN A 167 11.90 14.08 -38.83
CA GLN A 167 10.99 14.68 -37.89
C GLN A 167 10.79 16.12 -38.27
N TYR A 168 9.71 16.73 -37.81
CA TYR A 168 9.46 18.08 -38.26
C TYR A 168 8.48 18.74 -37.34
N PHE A 169 8.65 20.03 -37.15
CA PHE A 169 7.81 20.84 -36.30
C PHE A 169 7.35 22.04 -37.06
N TYR A 170 6.13 22.47 -36.83
CA TYR A 170 5.52 23.57 -37.55
C TYR A 170 5.53 24.82 -36.69
N MET A 171 5.53 25.97 -37.33
CA MET A 171 5.59 27.25 -36.63
C MET A 171 4.83 28.26 -37.44
N ASN A 172 3.98 29.04 -36.79
CA ASN A 172 3.12 30.02 -37.45
C ASN A 172 3.90 30.82 -38.48
N LYS A 173 3.30 31.08 -39.64
CA LYS A 173 4.07 31.88 -40.59
C LYS A 173 4.27 33.30 -40.08
N GLU A 174 3.28 33.86 -39.40
CA GLU A 174 3.44 35.24 -38.94
C GLU A 174 4.53 35.34 -37.89
N GLU A 175 4.49 34.52 -36.87
CA GLU A 175 5.44 34.70 -35.79
C GLU A 175 6.85 34.45 -36.23
N VAL A 176 7.06 33.63 -37.25
CA VAL A 176 8.38 33.52 -37.86
C VAL A 176 8.64 34.65 -38.86
N ASP A 177 7.63 35.45 -39.17
CA ASP A 177 7.75 36.61 -40.04
C ASP A 177 7.70 37.92 -39.26
N ARG A 178 7.71 37.86 -37.93
CA ARG A 178 8.14 39.01 -37.14
C ARG A 178 9.41 38.75 -36.35
N HIS A 179 9.48 37.68 -35.56
CA HIS A 179 10.68 37.51 -34.74
C HIS A 179 11.94 37.42 -35.59
N LEU A 180 11.99 36.46 -36.51
CA LEU A 180 13.08 36.41 -37.48
C LEU A 180 13.18 37.70 -38.28
N GLN A 181 12.04 38.13 -38.85
CA GLN A 181 11.84 39.27 -39.77
C GLN A 181 11.68 38.66 -41.16
N ASP A 187 11.19 30.70 -46.26
CA ASP A 187 11.76 29.40 -46.56
C ASP A 187 13.28 29.43 -46.37
N LEU A 188 14.07 29.57 -47.44
CA LEU A 188 15.52 29.52 -47.27
C LEU A 188 16.01 30.63 -46.36
N CYS A 189 15.32 31.76 -46.31
CA CYS A 189 15.64 32.76 -45.31
C CYS A 189 15.50 32.19 -43.92
N GLU A 190 14.49 31.36 -43.72
CA GLU A 190 14.25 30.81 -42.39
C GLU A 190 15.33 29.82 -42.03
N ARG A 191 15.64 28.91 -42.93
CA ARG A 191 16.57 27.86 -42.57
C ARG A 191 17.98 28.42 -42.45
N MET A 192 18.39 29.29 -43.38
CA MET A 192 19.66 29.99 -43.19
C MET A 192 19.72 30.68 -41.83
N ALA A 193 18.64 31.33 -41.40
CA ALA A 193 18.67 31.94 -40.08
C ALA A 193 18.81 30.89 -39.00
N ALA A 194 17.90 29.93 -38.99
CA ALA A 194 17.85 28.95 -37.91
C ALA A 194 19.08 28.07 -37.88
N ALA A 195 19.81 27.96 -38.98
CA ALA A 195 20.92 27.02 -39.00
C ALA A 195 22.05 27.49 -38.10
N LEU A 196 22.44 28.75 -38.21
CA LEU A 196 23.48 29.26 -37.34
C LEU A 196 22.92 29.93 -36.09
N ARG A 197 21.61 30.14 -35.97
CA ARG A 197 21.11 30.59 -34.68
C ARG A 197 21.38 29.56 -33.59
N GLU A 198 21.52 28.28 -33.96
CA GLU A 198 21.86 27.24 -33.00
C GLU A 198 23.27 27.36 -32.43
N SER A 199 24.20 27.88 -33.22
CA SER A 199 25.66 27.85 -32.99
C SER A 199 26.16 28.03 -31.55
N PRO A 200 25.64 29.00 -30.77
CA PRO A 200 26.30 29.33 -29.50
C PRO A 200 26.45 28.17 -28.53
N GLY A 201 27.52 28.25 -27.74
CA GLY A 201 28.04 27.20 -26.88
C GLY A 201 28.03 25.85 -27.55
N ALA A 202 28.75 25.78 -28.69
CA ALA A 202 28.65 24.72 -29.68
C ALA A 202 28.53 23.33 -29.08
N SER A 203 27.52 22.62 -29.54
CA SER A 203 27.45 21.16 -29.45
C SER A 203 27.13 20.64 -30.84
N PHE A 204 26.50 21.48 -31.65
CA PHE A 204 26.37 21.31 -33.08
C PHE A 204 27.38 22.21 -33.76
N ARG A 205 27.70 21.87 -35.00
CA ARG A 205 28.76 22.55 -35.72
C ARG A 205 28.68 22.08 -37.15
N GLY A 206 29.07 22.97 -38.07
CA GLY A 206 29.02 22.61 -39.47
C GLY A 206 27.61 22.51 -39.98
N ILE A 207 26.67 23.18 -39.33
CA ILE A 207 25.25 23.07 -39.65
C ILE A 207 24.92 24.07 -40.75
N SER A 208 24.52 23.55 -41.90
CA SER A 208 24.49 24.26 -43.16
C SER A 208 23.05 24.36 -43.66
N ALA A 209 22.91 24.93 -44.85
CA ALA A 209 21.61 24.99 -45.52
C ALA A 209 20.96 23.63 -45.64
N ASP A 210 21.72 22.58 -45.83
CA ASP A 210 21.16 21.27 -46.20
C ASP A 210 20.69 20.47 -44.99
N HIS A 211 20.49 21.10 -43.85
CA HIS A 211 20.19 20.45 -42.60
C HIS A 211 18.77 20.70 -42.15
N PHE A 212 18.05 21.62 -42.80
CA PHE A 212 16.69 21.97 -42.45
C PHE A 212 15.99 22.31 -43.75
N GLU A 213 14.71 22.07 -43.80
CA GLU A 213 13.88 22.52 -44.91
C GLU A 213 12.67 23.21 -44.34
N ALA A 214 12.27 24.31 -44.93
CA ALA A 214 11.00 24.92 -44.62
C ALA A 214 10.05 24.68 -45.78
N GLU A 215 8.78 24.53 -45.48
CA GLU A 215 7.79 24.66 -46.54
C GLU A 215 6.49 25.16 -45.96
N VAL A 216 5.88 26.14 -46.60
CA VAL A 216 4.68 26.75 -46.05
C VAL A 216 3.49 25.84 -46.33
N VAL A 217 2.81 25.40 -45.27
CA VAL A 217 1.63 24.54 -45.36
C VAL A 217 0.54 25.14 -44.47
N GLU A 218 -0.71 24.75 -44.72
CA GLU A 218 -1.88 25.49 -44.24
C GLU A 218 -2.77 24.64 -43.34
N ARG A 219 -2.83 24.95 -42.04
CA ARG A 219 -3.40 24.04 -41.06
C ARG A 219 -3.94 24.82 -39.88
N THR A 220 -4.93 24.27 -39.21
CA THR A 220 -5.52 24.91 -38.04
C THR A 220 -5.01 24.36 -36.73
N ASP A 221 -4.94 25.22 -35.74
CA ASP A 221 -4.60 24.81 -34.38
C ASP A 221 -5.71 24.00 -33.78
N VAL A 222 -5.36 23.16 -32.82
CA VAL A 222 -6.35 22.21 -32.33
C VAL A 222 -7.37 22.86 -31.44
N TYR A 223 -7.06 23.96 -30.79
CA TYR A 223 -7.79 24.40 -29.61
C TYR A 223 -8.91 25.36 -29.98
N TYR A 224 -10.12 24.98 -29.66
CA TYR A 224 -11.29 25.84 -29.63
C TYR A 224 -11.83 25.88 -31.01
N TYR A 225 -13.12 26.03 -31.11
CA TYR A 225 -13.82 25.98 -32.38
C TYR A 225 -13.72 27.27 -33.13
N GLU A 226 -13.28 28.34 -32.49
CA GLU A 226 -13.23 29.62 -33.14
C GLU A 226 -11.98 29.81 -33.97
N THR A 227 -11.08 28.85 -34.04
CA THR A 227 -9.71 29.12 -34.43
C THR A 227 -9.54 28.76 -35.89
N ARG A 228 -9.23 29.75 -36.69
CA ARG A 228 -9.24 29.60 -38.13
C ARG A 228 -7.98 28.93 -38.64
N PRO A 229 -8.03 28.31 -39.81
CA PRO A 229 -6.81 27.80 -40.42
C PRO A 229 -5.85 28.92 -40.69
N ALA A 230 -4.56 28.63 -40.56
CA ALA A 230 -3.56 29.64 -40.77
C ALA A 230 -2.45 29.02 -41.58
N LEU A 231 -1.36 29.75 -41.73
CA LEU A 231 -0.29 29.36 -42.63
C LEU A 231 0.92 29.17 -41.76
N PHE A 232 1.51 27.99 -41.83
CA PHE A 232 2.56 27.60 -40.94
C PHE A 232 3.73 27.25 -41.80
N TYR A 233 4.89 27.26 -41.21
CA TYR A 233 6.09 26.78 -41.84
C TYR A 233 6.28 25.42 -41.27
N ARG A 234 6.39 24.42 -42.11
CA ARG A 234 6.76 23.08 -41.69
C ARG A 234 8.27 23.01 -41.77
N VAL A 235 8.92 22.92 -40.64
CA VAL A 235 10.37 22.86 -40.56
C VAL A 235 10.75 21.41 -40.44
N TYR A 236 11.44 20.88 -41.45
CA TYR A 236 11.92 19.51 -41.44
C TYR A 236 13.34 19.56 -40.97
N VAL A 237 13.57 18.99 -39.85
CA VAL A 237 14.90 18.84 -39.31
C VAL A 237 15.48 17.57 -39.88
N ARG A 238 16.80 17.45 -39.85
CA ARG A 238 17.48 16.33 -40.46
C ARG A 238 17.73 15.26 -39.43
N SER A 239 18.27 15.62 -38.27
CA SER A 239 18.35 14.65 -37.19
C SER A 239 18.30 15.33 -35.83
N GLY A 240 17.36 14.91 -35.01
CA GLY A 240 17.42 14.92 -33.55
C GLY A 240 18.05 16.15 -32.94
N ARG A 241 17.64 17.29 -33.45
CA ARG A 241 18.03 18.59 -32.94
C ARG A 241 16.84 19.48 -32.74
N VAL A 242 15.66 19.10 -33.27
CA VAL A 242 14.42 19.80 -33.01
C VAL A 242 14.39 20.07 -31.53
N LEU A 243 14.66 19.07 -30.68
CA LEU A 243 14.70 19.31 -29.25
C LEU A 243 15.56 20.50 -28.83
N SER A 244 16.62 20.83 -29.57
CA SER A 244 17.33 22.09 -29.32
C SER A 244 16.49 23.29 -29.71
N TYR A 245 15.91 23.28 -30.90
CA TYR A 245 15.10 24.41 -31.33
C TYR A 245 13.85 24.54 -30.48
N LEU A 246 13.10 23.46 -30.34
CA LEU A 246 12.04 23.34 -29.37
C LEU A 246 12.50 23.47 -27.93
N CYS A 247 13.80 23.40 -27.66
CA CYS A 247 14.23 23.87 -26.36
C CYS A 247 14.19 25.39 -26.42
N ASP A 248 14.34 26.02 -25.28
CA ASP A 248 14.13 27.45 -25.24
C ASP A 248 15.16 28.23 -26.07
N ASN A 249 16.24 27.59 -26.55
CA ASN A 249 17.24 28.31 -27.32
C ASN A 249 16.67 29.16 -28.46
N PHE A 250 15.98 28.53 -29.41
CA PHE A 250 15.86 29.17 -30.73
C PHE A 250 15.12 30.51 -30.70
N CYS A 251 13.84 30.50 -30.33
CA CYS A 251 13.02 31.70 -30.18
C CYS A 251 11.87 31.45 -29.21
N PRO A 252 12.00 31.71 -27.93
CA PRO A 252 10.88 31.40 -27.03
C PRO A 252 9.58 32.10 -27.37
N ALA A 253 9.63 33.29 -27.97
CA ALA A 253 8.38 33.95 -28.35
C ALA A 253 7.59 33.14 -29.36
N ILE A 254 8.25 32.37 -30.22
CA ILE A 254 7.60 31.61 -31.28
C ILE A 254 7.14 30.28 -30.73
N LYS A 255 5.86 29.97 -30.90
CA LYS A 255 5.27 28.75 -30.36
C LYS A 255 5.46 27.61 -31.34
N LYS A 256 6.53 26.85 -31.18
CA LYS A 256 6.71 25.65 -32.00
C LYS A 256 5.56 24.68 -31.80
N TYR A 257 5.01 24.15 -32.90
CA TYR A 257 3.74 23.48 -32.75
C TYR A 257 3.79 22.01 -32.45
N GLU A 258 4.56 21.19 -33.17
CA GLU A 258 4.71 19.76 -32.83
C GLU A 258 6.17 19.39 -32.77
N GLY A 259 6.81 19.52 -31.62
CA GLY A 259 8.24 19.27 -31.56
C GLY A 259 8.67 18.08 -30.75
N GLY A 260 7.74 17.42 -30.07
CA GLY A 260 8.07 16.22 -29.33
C GLY A 260 7.91 14.94 -30.09
N VAL A 261 7.33 14.99 -31.28
CA VAL A 261 7.14 13.79 -32.06
C VAL A 261 8.48 13.30 -32.57
N ASP A 262 8.70 12.01 -32.47
CA ASP A 262 10.00 11.40 -32.66
C ASP A 262 10.19 11.14 -34.13
N ALA A 263 11.33 10.61 -34.51
CA ALA A 263 11.39 10.06 -35.85
C ALA A 263 10.50 8.84 -35.95
N THR A 264 10.43 8.05 -34.89
CA THR A 264 9.65 6.82 -34.95
C THR A 264 8.17 7.12 -35.12
N THR A 265 7.66 8.13 -34.43
CA THR A 265 6.24 8.41 -34.57
C THR A 265 5.96 9.07 -35.89
N ARG A 266 6.90 9.86 -36.39
CA ARG A 266 6.77 10.38 -37.74
C ARG A 266 6.95 9.30 -38.77
N PHE A 267 7.41 8.12 -38.40
CA PHE A 267 7.42 7.00 -39.33
C PHE A 267 6.17 6.18 -39.23
N ILE A 268 5.50 6.20 -38.09
CA ILE A 268 4.37 5.30 -37.89
C ILE A 268 3.04 5.94 -38.27
N LEU A 269 2.92 7.26 -38.20
CA LEU A 269 1.63 7.90 -38.44
C LEU A 269 1.40 8.37 -39.85
N ASP A 270 2.44 8.55 -40.64
CA ASP A 270 2.28 9.12 -41.98
C ASP A 270 2.45 8.09 -43.09
N ASN A 271 3.02 6.93 -42.80
CA ASN A 271 2.82 5.79 -43.66
C ASN A 271 1.60 5.05 -43.16
N PRO A 272 0.53 4.95 -43.94
CA PRO A 272 -0.77 4.57 -43.38
C PRO A 272 -0.78 3.12 -42.93
N GLY A 273 -1.25 2.89 -41.71
CA GLY A 273 -1.49 1.55 -41.25
C GLY A 273 -0.33 0.89 -40.55
N PHE A 274 0.88 1.41 -40.70
CA PHE A 274 2.05 0.80 -40.08
C PHE A 274 1.86 0.71 -38.58
N VAL A 275 2.36 -0.35 -38.00
CA VAL A 275 2.23 -0.59 -36.58
C VAL A 275 3.56 -1.08 -36.09
N THR A 276 3.92 -0.63 -34.92
CA THR A 276 5.23 -0.91 -34.36
C THR A 276 5.38 -2.21 -33.61
N PHE A 277 4.42 -3.10 -33.64
CA PHE A 277 4.65 -4.49 -33.24
C PHE A 277 3.72 -5.28 -34.12
N GLY A 278 4.21 -5.79 -35.23
CA GLY A 278 3.34 -6.46 -36.15
C GLY A 278 4.11 -6.91 -37.35
N TRP A 279 3.53 -7.86 -38.05
CA TRP A 279 4.18 -8.42 -39.22
C TRP A 279 4.32 -7.37 -40.30
N TYR A 280 5.45 -7.35 -40.97
CA TYR A 280 5.62 -6.52 -42.15
C TYR A 280 5.89 -7.41 -43.34
N ARG A 281 6.06 -6.80 -44.48
CA ARG A 281 6.48 -7.48 -45.69
C ARG A 281 7.43 -6.55 -46.40
N LEU A 282 8.23 -7.06 -47.30
CA LEU A 282 9.29 -6.30 -47.95
C LEU A 282 9.00 -6.26 -49.44
N LYS A 283 8.43 -5.16 -49.91
CA LYS A 283 7.81 -5.01 -51.21
C LYS A 283 8.65 -4.14 -52.13
N PRO A 284 8.58 -4.32 -53.44
CA PRO A 284 9.29 -3.45 -54.37
C PRO A 284 8.70 -2.06 -54.53
N GLY A 285 8.78 -1.22 -53.50
CA GLY A 285 7.92 -0.07 -53.33
C GLY A 285 7.60 0.88 -54.47
N ARG A 286 8.57 1.58 -55.04
CA ARG A 286 8.26 2.59 -56.04
C ARG A 286 9.42 2.68 -57.02
N ASN A 287 9.10 3.03 -58.26
CA ASN A 287 10.02 2.98 -59.39
C ASN A 287 10.40 1.54 -59.70
N ASN A 288 9.75 0.59 -59.04
CA ASN A 288 10.30 -0.72 -58.80
C ASN A 288 11.71 -0.53 -58.25
N THR A 289 11.80 0.19 -57.13
CA THR A 289 13.04 0.18 -56.38
C THR A 289 13.02 -1.02 -55.46
N LEU A 290 14.19 -1.37 -54.98
CA LEU A 290 14.40 -2.64 -54.32
C LEU A 290 15.23 -2.45 -53.08
N ALA A 291 14.84 -3.12 -52.01
CA ALA A 291 15.62 -3.07 -50.80
C ALA A 291 16.93 -3.78 -51.02
N GLN A 292 17.91 -3.47 -50.18
CA GLN A 292 19.30 -3.76 -50.47
C GLN A 292 19.85 -4.40 -49.22
N PRO A 293 20.14 -5.69 -49.22
CA PRO A 293 20.86 -6.21 -48.08
C PRO A 293 22.25 -5.60 -48.05
N ARG A 294 22.75 -5.35 -46.86
CA ARG A 294 24.11 -4.91 -46.71
C ARG A 294 25.06 -6.05 -46.96
N ALA A 295 26.31 -5.76 -46.96
CA ALA A 295 27.31 -6.78 -46.87
C ALA A 295 27.39 -7.14 -45.41
N PRO A 296 27.84 -8.35 -45.07
CA PRO A 296 27.89 -8.72 -43.67
C PRO A 296 28.77 -7.84 -42.84
N MET A 297 29.68 -7.11 -43.46
CA MET A 297 30.69 -6.37 -42.74
C MET A 297 30.28 -4.93 -42.51
N ALA A 298 29.09 -4.53 -42.94
CA ALA A 298 28.53 -3.21 -42.66
C ALA A 298 27.30 -3.29 -41.76
N PHE A 299 27.16 -4.37 -41.03
CA PHE A 299 25.98 -4.60 -40.23
C PHE A 299 25.99 -3.65 -39.06
N GLY A 300 24.93 -2.91 -38.92
CA GLY A 300 24.83 -2.00 -37.82
C GLY A 300 24.33 -2.64 -36.57
N THR A 301 23.83 -3.85 -36.67
CA THR A 301 23.23 -4.55 -35.57
C THR A 301 23.67 -5.99 -35.72
N SER A 302 24.11 -6.60 -34.65
CA SER A 302 24.54 -7.97 -34.77
C SER A 302 23.28 -8.79 -34.91
N SER A 303 22.92 -9.06 -36.15
CA SER A 303 21.82 -9.93 -36.49
C SER A 303 22.17 -10.59 -37.81
N ASP A 304 21.29 -11.44 -38.33
CA ASP A 304 21.74 -12.32 -39.39
C ASP A 304 21.66 -11.66 -40.77
N VAL A 305 20.50 -11.15 -41.14
CA VAL A 305 20.31 -10.51 -42.44
C VAL A 305 19.81 -9.10 -42.20
N GLU A 306 20.46 -8.13 -42.82
CA GLU A 306 20.19 -6.74 -42.56
C GLU A 306 19.88 -6.07 -43.88
N PHE A 307 18.92 -5.15 -43.92
CA PHE A 307 18.39 -4.57 -45.14
C PHE A 307 18.26 -3.08 -45.05
N ASN A 308 18.27 -2.45 -46.20
CA ASN A 308 18.37 -1.02 -46.35
C ASN A 308 17.18 -0.46 -47.08
N CYS A 309 16.00 -0.92 -46.74
CA CYS A 309 14.85 -0.46 -47.45
C CYS A 309 14.64 1.02 -47.17
N THR A 310 13.67 1.62 -47.85
CA THR A 310 13.26 2.97 -47.53
C THR A 310 11.82 2.94 -47.07
N ALA A 311 11.31 4.11 -46.73
CA ALA A 311 10.06 4.26 -45.99
C ALA A 311 8.93 3.40 -46.53
N ASP A 312 8.92 3.14 -47.84
CA ASP A 312 7.76 2.67 -48.56
C ASP A 312 8.01 1.36 -49.30
N ASN A 313 9.23 0.83 -49.24
CA ASN A 313 9.42 -0.59 -49.50
C ASN A 313 8.69 -1.52 -48.54
N LEU A 314 8.22 -1.03 -47.41
CA LEU A 314 7.50 -1.86 -46.46
C LEU A 314 6.01 -1.81 -46.68
N ALA A 315 5.36 -2.92 -46.38
CA ALA A 315 3.92 -3.04 -46.32
C ALA A 315 3.62 -3.78 -45.03
N ILE A 316 2.37 -3.81 -44.62
CA ILE A 316 2.02 -4.01 -43.23
C ILE A 316 1.26 -5.31 -43.15
N GLU A 317 1.56 -6.23 -44.05
CA GLU A 317 0.59 -7.24 -44.42
C GLU A 317 0.05 -7.98 -43.23
N GLY A 318 -1.27 -8.14 -43.22
CA GLY A 318 -2.00 -8.68 -42.10
C GLY A 318 -2.52 -10.05 -42.49
N GLY A 319 -3.29 -10.61 -41.58
CA GLY A 319 -3.75 -11.96 -41.73
C GLY A 319 -2.74 -12.91 -41.16
N MET A 320 -1.44 -12.63 -41.35
CA MET A 320 -0.42 -13.28 -40.54
C MET A 320 -0.52 -12.73 -39.13
N SER A 321 -0.99 -13.55 -38.20
CA SER A 321 -1.06 -13.24 -36.78
C SER A 321 -0.27 -14.30 -36.01
N ASP A 322 1.01 -14.02 -35.75
CA ASP A 322 1.90 -15.00 -35.17
C ASP A 322 2.92 -14.24 -34.34
N LEU A 323 3.71 -14.96 -33.54
CA LEU A 323 4.85 -14.38 -32.83
C LEU A 323 6.13 -15.17 -33.09
N PRO A 324 7.05 -14.72 -33.91
CA PRO A 324 8.14 -15.58 -34.37
C PRO A 324 9.30 -15.98 -33.48
N ALA A 325 9.10 -16.82 -32.51
CA ALA A 325 10.21 -17.44 -31.78
C ALA A 325 11.21 -16.46 -31.21
N TYR A 326 10.76 -15.33 -30.73
CA TYR A 326 11.64 -14.48 -29.96
C TYR A 326 12.12 -15.22 -28.73
N LYS A 327 13.40 -15.18 -28.45
CA LYS A 327 13.96 -15.90 -27.33
C LYS A 327 13.95 -15.09 -26.06
N LEU A 328 13.04 -15.35 -25.16
CA LEU A 328 13.00 -14.67 -23.88
C LEU A 328 14.02 -15.24 -22.95
N MET A 329 14.81 -14.39 -22.30
CA MET A 329 15.80 -14.78 -21.32
C MET A 329 15.21 -14.42 -19.97
N CYS A 330 15.45 -15.21 -18.95
CA CYS A 330 14.89 -14.92 -17.64
C CYS A 330 15.98 -15.16 -16.62
N PHE A 331 16.50 -14.11 -16.00
CA PHE A 331 17.73 -14.20 -15.24
C PHE A 331 17.61 -13.54 -13.88
N ASP A 332 18.48 -13.98 -12.99
CA ASP A 332 18.49 -13.66 -11.58
C ASP A 332 19.94 -13.48 -11.17
N ILE A 333 20.14 -12.80 -10.07
CA ILE A 333 21.44 -12.53 -9.49
C ILE A 333 21.44 -13.12 -8.10
N GLU A 334 22.57 -13.74 -7.75
CA GLU A 334 22.89 -13.96 -6.37
C GLU A 334 24.29 -13.44 -6.20
N CYS A 335 24.46 -12.70 -5.11
CA CYS A 335 25.61 -11.86 -4.87
C CYS A 335 26.11 -12.14 -3.49
N LYS A 336 27.42 -12.09 -3.33
CA LYS A 336 28.07 -12.28 -2.07
C LYS A 336 28.59 -10.95 -1.60
N ALA A 337 28.88 -10.85 -0.32
CA ALA A 337 29.40 -9.64 0.29
C ALA A 337 30.59 -10.07 1.11
N GLY A 338 31.70 -9.37 0.99
CA GLY A 338 32.85 -9.73 1.77
C GLY A 338 33.57 -8.52 2.33
N GLY A 339 34.45 -8.85 3.24
CA GLY A 339 35.47 -8.03 3.85
C GLY A 339 34.77 -7.66 5.13
N GLU A 340 35.14 -8.25 6.25
CA GLU A 340 34.99 -7.71 7.59
C GLU A 340 33.56 -7.75 8.08
N ASP A 341 32.59 -8.16 7.26
CA ASP A 341 31.26 -8.47 7.75
C ASP A 341 30.56 -9.26 6.67
N GLU A 342 30.04 -10.42 7.02
CA GLU A 342 29.35 -11.25 6.05
C GLU A 342 27.86 -11.09 6.08
N LEU A 343 27.28 -10.68 7.19
CA LEU A 343 25.85 -10.42 7.26
C LEU A 343 25.55 -8.97 6.91
N ALA A 344 26.03 -8.57 5.74
CA ALA A 344 25.85 -7.24 5.20
C ALA A 344 25.38 -7.39 3.78
N PHE A 345 24.30 -6.72 3.45
CA PHE A 345 23.80 -6.78 2.09
C PHE A 345 24.83 -6.17 1.15
N PRO A 346 25.21 -6.84 0.07
CA PRO A 346 26.32 -6.33 -0.70
C PRO A 346 25.93 -5.07 -1.44
N VAL A 347 26.93 -4.27 -1.76
CA VAL A 347 26.75 -3.00 -2.41
C VAL A 347 27.55 -3.02 -3.67
N ALA A 348 26.99 -2.48 -4.75
CA ALA A 348 27.65 -2.64 -6.03
C ALA A 348 29.03 -2.02 -6.06
N GLY A 349 29.17 -0.81 -5.52
CA GLY A 349 30.41 -0.09 -5.70
C GLY A 349 31.63 -0.75 -5.07
N HIS A 350 31.43 -1.48 -4.01
CA HIS A 350 32.53 -2.08 -3.29
C HIS A 350 33.23 -3.07 -4.22
N PRO A 351 34.53 -2.97 -4.45
CA PRO A 351 35.19 -3.98 -5.28
C PRO A 351 35.09 -5.37 -4.70
N GLU A 352 34.82 -5.51 -3.41
CA GLU A 352 34.82 -6.79 -2.75
C GLU A 352 33.43 -7.40 -2.69
N ASP A 353 32.37 -6.66 -2.40
CA ASP A 353 31.04 -7.22 -2.54
C ASP A 353 30.79 -7.57 -4.00
N LEU A 354 30.65 -8.86 -4.33
CA LEU A 354 30.81 -9.32 -5.70
C LEU A 354 29.73 -10.33 -6.06
N VAL A 355 29.32 -10.39 -7.33
CA VAL A 355 28.31 -11.38 -7.70
C VAL A 355 28.92 -12.77 -7.73
N ILE A 356 28.17 -13.75 -7.24
CA ILE A 356 28.64 -15.14 -7.20
C ILE A 356 28.05 -15.88 -8.38
N GLN A 357 26.74 -15.89 -8.54
CA GLN A 357 26.21 -16.70 -9.63
C GLN A 357 24.90 -16.16 -10.12
N ILE A 358 24.60 -16.42 -11.38
CA ILE A 358 23.41 -15.90 -12.02
C ILE A 358 22.76 -16.98 -12.85
N SER A 359 21.46 -17.16 -12.67
CA SER A 359 20.72 -18.02 -13.56
C SER A 359 20.59 -17.35 -14.90
N CYS A 360 20.37 -18.14 -15.92
CA CYS A 360 19.97 -17.62 -17.20
C CYS A 360 19.12 -18.69 -17.86
N LEU A 361 17.82 -18.59 -17.79
CA LEU A 361 16.97 -19.53 -18.48
C LEU A 361 16.68 -18.93 -19.82
N LEU A 362 16.61 -19.72 -20.87
CA LEU A 362 16.36 -19.13 -22.17
C LEU A 362 15.15 -19.80 -22.72
N TYR A 363 14.18 -19.04 -23.08
CA TYR A 363 12.89 -19.61 -23.33
C TYR A 363 12.68 -19.44 -24.78
N ASP A 364 11.56 -19.91 -25.26
CA ASP A 364 11.14 -19.60 -26.60
C ASP A 364 9.76 -19.02 -26.40
N LEU A 365 9.52 -17.88 -26.99
CA LEU A 365 8.40 -17.06 -26.63
C LEU A 365 7.22 -17.26 -27.54
N SER A 366 7.29 -18.23 -28.44
CA SER A 366 6.23 -18.57 -29.35
C SER A 366 5.52 -19.84 -28.95
N THR A 367 6.23 -20.71 -28.25
CA THR A 367 5.73 -22.00 -27.82
C THR A 367 5.76 -22.11 -26.31
N THR A 368 6.18 -21.07 -25.61
CA THR A 368 6.36 -21.08 -24.18
C THR A 368 7.35 -22.15 -23.74
N ALA A 369 8.29 -22.48 -24.57
CA ALA A 369 9.13 -23.61 -24.25
C ALA A 369 10.28 -23.09 -23.45
N LEU A 370 10.98 -23.98 -22.76
CA LEU A 370 12.23 -23.64 -22.11
C LEU A 370 13.38 -24.39 -22.73
N GLU A 371 14.48 -23.69 -22.99
CA GLU A 371 15.72 -24.37 -23.25
C GLU A 371 16.89 -23.71 -22.52
N HIS A 372 17.80 -24.57 -22.19
CA HIS A 372 19.17 -24.36 -21.79
C HIS A 372 19.52 -23.83 -20.41
N VAL A 373 18.60 -23.44 -19.54
CA VAL A 373 18.69 -23.50 -18.08
C VAL A 373 20.11 -23.20 -17.62
N LEU A 374 20.74 -22.21 -18.22
CA LEU A 374 22.15 -21.92 -17.93
C LEU A 374 22.31 -21.41 -16.52
N LEU A 375 23.40 -21.78 -15.85
CA LEU A 375 23.78 -21.15 -14.60
C LEU A 375 25.24 -20.78 -14.66
N PHE A 376 25.59 -19.55 -14.31
CA PHE A 376 26.97 -19.09 -14.33
C PHE A 376 27.44 -19.00 -12.90
N SER A 377 28.56 -19.65 -12.58
CA SER A 377 29.06 -19.68 -11.22
C SER A 377 30.47 -19.16 -11.09
N LEU A 378 30.80 -18.66 -9.91
CA LEU A 378 32.13 -18.18 -9.58
C LEU A 378 32.82 -19.29 -8.82
N GLY A 379 33.46 -20.14 -9.55
CA GLY A 379 34.21 -21.22 -8.99
C GLY A 379 33.39 -22.47 -9.01
N SER A 380 33.94 -23.50 -8.40
CA SER A 380 33.40 -24.84 -8.53
C SER A 380 31.97 -24.91 -8.03
N CYS A 381 31.09 -25.51 -8.82
CA CYS A 381 29.69 -25.65 -8.47
C CYS A 381 29.21 -27.01 -8.90
N ASP A 382 28.50 -27.68 -8.00
CA ASP A 382 27.80 -28.93 -8.24
C ASP A 382 26.35 -28.58 -8.23
N LEU A 383 25.47 -29.55 -8.40
CA LEU A 383 24.08 -29.29 -8.12
C LEU A 383 23.50 -30.52 -7.45
N PRO A 384 22.67 -30.38 -6.43
CA PRO A 384 22.20 -31.56 -5.74
C PRO A 384 21.45 -32.45 -6.70
N GLU A 385 21.64 -33.77 -6.57
CA GLU A 385 20.99 -34.65 -7.50
C GLU A 385 19.48 -34.56 -7.43
N SER A 386 18.95 -34.04 -6.33
CA SER A 386 17.52 -33.78 -6.30
C SER A 386 17.14 -32.75 -7.34
N HIS A 387 17.96 -31.73 -7.52
CA HIS A 387 17.60 -30.70 -8.46
C HIS A 387 17.70 -31.18 -9.89
N LEU A 388 18.69 -32.00 -10.20
CA LEU A 388 18.81 -32.45 -11.58
C LEU A 388 17.72 -33.45 -11.91
N ASN A 389 17.28 -34.21 -10.92
CA ASN A 389 16.26 -35.20 -11.17
C ASN A 389 14.89 -34.55 -11.19
N GLU A 390 14.60 -33.63 -10.29
CA GLU A 390 13.37 -32.87 -10.38
C GLU A 390 13.25 -32.15 -11.71
N LEU A 391 14.36 -31.66 -12.25
CA LEU A 391 14.23 -30.97 -13.52
C LEU A 391 13.96 -31.96 -14.63
N ALA A 392 14.71 -33.06 -14.70
CA ALA A 392 14.44 -33.99 -15.80
C ALA A 392 13.08 -34.65 -15.65
N ALA A 393 12.61 -34.85 -14.42
CA ALA A 393 11.25 -35.30 -14.19
C ALA A 393 10.21 -34.25 -14.54
N ARG A 394 10.61 -32.99 -14.74
CA ARG A 394 9.68 -32.01 -15.27
C ARG A 394 9.91 -31.74 -16.74
N GLY A 395 10.79 -32.47 -17.40
CA GLY A 395 10.94 -32.28 -18.82
C GLY A 395 11.55 -30.94 -19.16
N LEU A 396 12.54 -30.51 -18.40
CA LEU A 396 13.27 -29.26 -18.51
C LEU A 396 14.73 -29.56 -18.81
N PRO A 397 15.38 -28.85 -19.72
CA PRO A 397 16.73 -29.20 -20.10
C PRO A 397 17.71 -29.18 -18.94
N THR A 398 18.65 -30.10 -19.01
CA THR A 398 19.62 -30.27 -17.94
C THR A 398 20.42 -28.99 -17.76
N PRO A 399 20.58 -28.47 -16.54
CA PRO A 399 21.30 -27.22 -16.39
C PRO A 399 22.74 -27.34 -16.82
N VAL A 400 23.24 -26.26 -17.40
CA VAL A 400 24.60 -26.16 -17.90
C VAL A 400 25.28 -25.20 -16.95
N VAL A 401 26.26 -25.66 -16.21
CA VAL A 401 26.88 -24.89 -15.15
C VAL A 401 28.27 -24.51 -15.60
N LEU A 402 28.52 -23.21 -15.74
CA LEU A 402 29.80 -22.71 -16.19
C LEU A 402 30.60 -22.17 -15.02
N GLU A 403 31.73 -22.79 -14.74
CA GLU A 403 32.64 -22.44 -13.65
C GLU A 403 33.67 -21.42 -14.08
N PHE A 404 33.48 -20.15 -13.74
CA PHE A 404 34.43 -19.08 -14.05
C PHE A 404 35.25 -18.77 -12.82
N ASP A 405 36.55 -18.73 -12.97
CA ASP A 405 37.38 -18.54 -11.80
C ASP A 405 37.35 -17.10 -11.27
N SER A 406 37.10 -16.12 -12.13
CA SER A 406 37.20 -14.69 -11.83
C SER A 406 35.85 -14.03 -11.97
N GLU A 407 35.50 -13.07 -11.12
CA GLU A 407 34.18 -12.46 -11.30
C GLU A 407 34.07 -11.68 -12.61
N PHE A 408 35.11 -10.97 -13.01
CA PHE A 408 34.98 -10.22 -14.25
C PHE A 408 34.72 -11.12 -15.39
N GLU A 409 35.35 -12.25 -15.35
CA GLU A 409 35.32 -13.25 -16.38
C GLU A 409 34.05 -14.03 -16.36
N MET A 410 33.28 -13.87 -15.30
CA MET A 410 31.87 -14.23 -15.28
C MET A 410 31.05 -13.15 -15.96
N LEU A 411 31.10 -11.92 -15.48
CA LEU A 411 30.13 -10.95 -16.00
C LEU A 411 30.45 -10.55 -17.41
N LEU A 412 31.61 -10.88 -17.90
CA LEU A 412 31.87 -10.80 -19.31
C LEU A 412 31.22 -11.94 -20.03
N ALA A 413 31.28 -13.16 -19.49
CA ALA A 413 30.55 -14.24 -20.13
C ALA A 413 29.08 -13.96 -20.15
N PHE A 414 28.54 -13.42 -19.09
CA PHE A 414 27.12 -13.13 -19.11
C PHE A 414 26.77 -12.06 -20.13
N MET A 415 27.47 -10.92 -20.15
CA MET A 415 27.22 -10.06 -21.30
C MET A 415 28.20 -10.40 -22.38
N THR A 416 28.27 -11.66 -22.73
CA THR A 416 28.64 -12.15 -24.03
C THR A 416 27.54 -13.08 -24.45
N LEU A 417 26.86 -13.66 -23.48
CA LEU A 417 25.63 -14.36 -23.78
C LEU A 417 24.56 -13.41 -24.27
N VAL A 418 24.40 -12.26 -23.63
CA VAL A 418 23.26 -11.42 -24.00
C VAL A 418 23.62 -10.58 -25.20
N LYS A 419 24.79 -10.80 -25.78
CA LYS A 419 25.15 -10.18 -27.03
C LYS A 419 25.45 -11.20 -28.09
N GLN A 420 25.54 -12.48 -27.75
CA GLN A 420 25.65 -13.52 -28.76
C GLN A 420 24.33 -14.20 -28.93
N TYR A 421 23.68 -14.52 -27.82
CA TYR A 421 22.41 -15.19 -27.92
C TYR A 421 21.32 -14.20 -28.22
N GLY A 422 21.25 -13.15 -27.47
CA GLY A 422 20.54 -12.01 -27.97
C GLY A 422 19.08 -12.13 -27.70
N PRO A 423 18.72 -12.34 -26.46
CA PRO A 423 17.33 -12.47 -26.13
C PRO A 423 16.59 -11.23 -26.50
N GLU A 424 15.48 -11.39 -27.18
CA GLU A 424 14.70 -10.24 -27.53
C GLU A 424 13.96 -9.71 -26.34
N PHE A 425 13.39 -10.56 -25.52
CA PHE A 425 12.66 -10.16 -24.33
C PHE A 425 13.45 -10.61 -23.14
N VAL A 426 13.48 -9.86 -22.07
CA VAL A 426 14.21 -10.24 -20.88
C VAL A 426 13.28 -10.06 -19.71
N THR A 427 13.46 -10.87 -18.69
CA THR A 427 12.54 -10.92 -17.60
C THR A 427 13.31 -11.26 -16.37
N GLY A 428 12.70 -11.02 -15.23
CA GLY A 428 13.32 -11.29 -13.97
C GLY A 428 12.32 -10.92 -12.94
N TYR A 429 12.74 -10.92 -11.71
CA TYR A 429 11.93 -10.41 -10.63
C TYR A 429 12.80 -9.40 -9.96
N ASN A 430 12.41 -8.15 -10.05
CA ASN A 430 13.20 -7.06 -9.54
C ASN A 430 14.47 -6.92 -10.35
N ILE A 431 14.39 -7.08 -11.66
CA ILE A 431 15.61 -6.86 -12.43
C ILE A 431 15.90 -5.40 -12.55
N ILE A 432 14.91 -4.53 -12.47
CA ILE A 432 15.19 -3.15 -12.79
C ILE A 432 15.91 -2.51 -11.64
N ASN A 433 15.70 -3.00 -10.43
CA ASN A 433 16.22 -2.37 -9.25
C ASN A 433 17.49 -3.05 -8.75
N PHE A 434 17.45 -4.35 -8.48
CA PHE A 434 18.64 -5.00 -7.97
C PHE A 434 19.46 -5.75 -8.99
N ASP A 435 18.89 -6.46 -9.95
CA ASP A 435 19.75 -7.31 -10.77
C ASP A 435 20.52 -6.48 -11.77
N TRP A 436 19.84 -5.71 -12.58
CA TRP A 436 20.55 -5.00 -13.64
C TRP A 436 21.42 -3.91 -13.07
N PRO A 437 20.94 -3.04 -12.19
CA PRO A 437 21.87 -2.04 -11.69
C PRO A 437 23.01 -2.59 -10.92
N PHE A 438 22.89 -3.72 -10.23
CA PHE A 438 24.10 -4.30 -9.66
C PHE A 438 25.04 -4.73 -10.75
N LEU A 439 24.54 -5.40 -11.76
CA LEU A 439 25.42 -5.96 -12.77
C LEU A 439 26.12 -4.85 -13.55
N LEU A 440 25.37 -3.85 -14.01
CA LEU A 440 25.93 -2.70 -14.71
C LEU A 440 26.80 -1.85 -13.82
N ALA A 441 26.43 -1.69 -12.55
CA ALA A 441 27.28 -0.91 -11.67
C ALA A 441 28.59 -1.59 -11.52
N LYS A 442 28.58 -2.89 -11.59
CA LYS A 442 29.78 -3.64 -11.37
C LYS A 442 30.65 -3.58 -12.62
N LEU A 443 30.06 -3.72 -13.80
CA LEU A 443 30.84 -3.52 -15.02
C LEU A 443 31.37 -2.11 -15.16
N THR A 444 30.48 -1.12 -15.18
CA THR A 444 30.93 0.22 -15.52
C THR A 444 31.82 0.82 -14.44
N ASP A 445 31.48 0.70 -13.16
CA ASP A 445 32.37 1.25 -12.15
C ASP A 445 33.66 0.46 -12.08
N ILE A 446 33.57 -0.85 -11.91
CA ILE A 446 34.69 -1.53 -11.26
C ILE A 446 35.59 -2.18 -12.27
N TYR A 447 35.04 -2.60 -13.42
CA TYR A 447 35.79 -3.22 -14.49
C TYR A 447 35.89 -2.34 -15.72
N LYS A 448 35.08 -1.30 -15.82
CA LYS A 448 35.23 -0.24 -16.83
C LYS A 448 35.20 -0.82 -18.24
N VAL A 449 34.09 -1.45 -18.56
CA VAL A 449 33.85 -2.05 -19.87
C VAL A 449 32.60 -1.40 -20.46
N PRO A 450 32.63 -0.88 -21.69
CA PRO A 450 31.43 -0.27 -22.26
C PRO A 450 30.24 -1.19 -22.32
N LEU A 451 29.08 -0.69 -21.91
CA LEU A 451 27.82 -1.39 -22.10
C LEU A 451 27.03 -0.85 -23.27
N ASP A 452 27.53 0.11 -24.00
CA ASP A 452 26.69 0.67 -25.05
C ASP A 452 26.59 -0.27 -26.23
N GLY A 453 27.53 -1.20 -26.37
CA GLY A 453 27.58 -2.07 -27.52
C GLY A 453 26.91 -3.40 -27.30
N TYR A 454 26.69 -3.79 -26.06
CA TYR A 454 26.10 -5.06 -25.73
C TYR A 454 24.62 -5.06 -25.84
N GLY A 455 24.02 -4.06 -26.46
CA GLY A 455 22.59 -4.01 -26.63
C GLY A 455 22.31 -4.82 -27.87
N ARG A 456 21.53 -4.33 -28.81
CA ARG A 456 21.46 -5.01 -30.09
C ARG A 456 22.33 -4.39 -31.14
N MET A 457 22.59 -3.10 -31.11
CA MET A 457 23.50 -2.52 -32.07
C MET A 457 24.86 -2.47 -31.45
N ASN A 458 25.83 -2.83 -32.23
CA ASN A 458 27.16 -3.10 -31.76
C ASN A 458 27.97 -1.85 -31.59
N GLY A 459 27.33 -0.70 -31.56
CA GLY A 459 28.05 0.46 -31.14
C GLY A 459 27.22 1.71 -31.05
N ARG A 460 27.44 2.45 -29.99
CA ARG A 460 26.68 3.65 -29.73
C ARG A 460 25.20 3.32 -29.59
N GLY A 461 24.92 2.47 -28.62
CA GLY A 461 23.58 2.10 -28.25
C GLY A 461 23.35 2.57 -26.83
N VAL A 462 22.17 2.27 -26.33
CA VAL A 462 21.72 2.72 -25.03
C VAL A 462 21.61 1.51 -24.12
N PHE A 463 22.18 1.61 -22.93
CA PHE A 463 22.08 0.58 -21.91
C PHE A 463 22.07 1.35 -20.60
N ARG A 464 20.88 1.61 -20.08
CA ARG A 464 20.71 2.59 -19.03
C ARG A 464 19.65 2.11 -18.08
N VAL A 465 19.88 2.21 -16.78
CA VAL A 465 18.82 2.08 -15.79
C VAL A 465 18.57 3.43 -15.13
N TRP A 466 17.39 3.97 -15.31
CA TRP A 466 16.99 5.18 -14.63
C TRP A 466 16.24 4.76 -13.39
N ASP A 467 16.82 5.07 -12.25
CA ASP A 467 16.12 4.90 -10.99
C ASP A 467 15.23 6.10 -10.71
N ILE A 468 14.10 5.82 -10.08
CA ILE A 468 13.23 6.90 -9.63
C ILE A 468 13.95 7.65 -8.55
N GLY A 469 14.84 6.98 -7.83
CA GLY A 469 15.39 7.45 -6.57
C GLY A 469 16.45 8.52 -6.75
N GLN A 470 16.08 9.54 -7.50
CA GLN A 470 16.88 10.68 -7.82
C GLN A 470 16.09 11.95 -7.55
N SER A 471 15.28 11.92 -6.49
CA SER A 471 14.56 13.07 -5.96
C SER A 471 13.76 13.79 -7.06
N HIS A 472 12.80 13.05 -7.64
CA HIS A 472 12.34 13.30 -8.98
C HIS A 472 10.81 13.20 -8.94
N PHE A 473 10.18 13.18 -10.11
CA PHE A 473 8.77 13.42 -10.33
C PHE A 473 8.11 12.21 -11.00
N GLN A 474 8.90 11.19 -11.35
CA GLN A 474 8.47 10.02 -12.07
C GLN A 474 8.10 8.91 -11.11
N LYS A 475 7.41 7.91 -11.63
CA LYS A 475 6.88 6.81 -10.86
C LYS A 475 7.45 5.46 -11.28
N ARG A 476 8.35 5.46 -12.23
CA ARG A 476 8.83 4.27 -12.90
C ARG A 476 10.34 4.28 -12.76
N SER A 477 10.93 3.14 -12.51
CA SER A 477 12.36 2.99 -12.68
C SER A 477 12.50 2.20 -13.96
N LYS A 478 13.08 2.83 -14.95
CA LYS A 478 13.05 2.39 -16.31
C LYS A 478 14.40 1.80 -16.63
N ILE A 479 14.43 0.74 -17.40
CA ILE A 479 15.66 0.28 -18.03
C ILE A 479 15.41 0.30 -19.50
N LYS A 480 16.31 0.91 -20.23
CA LYS A 480 16.21 0.89 -21.67
C LYS A 480 17.50 0.32 -22.17
N VAL A 481 17.36 -0.67 -23.01
CA VAL A 481 18.45 -1.43 -23.56
C VAL A 481 18.13 -1.47 -25.01
N ASN A 482 19.14 -1.54 -25.80
CA ASN A 482 19.00 -1.22 -27.19
C ASN A 482 18.52 -2.46 -27.93
N GLY A 483 17.22 -2.55 -28.16
CA GLY A 483 16.68 -3.71 -28.83
C GLY A 483 16.39 -4.92 -27.99
N MET A 484 16.10 -4.74 -26.71
CA MET A 484 15.69 -5.81 -25.83
C MET A 484 14.58 -5.27 -24.97
N VAL A 485 13.53 -6.02 -24.75
CA VAL A 485 12.35 -5.50 -24.08
C VAL A 485 12.36 -6.04 -22.67
N ASN A 486 12.90 -5.28 -21.74
CA ASN A 486 13.15 -5.76 -20.39
C ASN A 486 11.87 -5.80 -19.58
N ILE A 487 11.03 -6.79 -19.84
CA ILE A 487 9.79 -6.87 -19.08
C ILE A 487 10.15 -7.43 -17.71
N ASP A 488 10.27 -6.58 -16.72
CA ASP A 488 10.29 -7.00 -15.34
C ASP A 488 8.96 -7.55 -14.93
N MET A 489 8.94 -8.50 -14.00
CA MET A 489 7.69 -9.00 -13.45
C MET A 489 7.35 -8.42 -12.11
N TYR A 490 8.17 -7.57 -11.56
CA TYR A 490 7.75 -6.90 -10.35
C TYR A 490 6.69 -5.88 -10.69
N GLY A 491 6.91 -5.09 -11.72
CA GLY A 491 5.91 -4.21 -12.26
C GLY A 491 4.60 -4.92 -12.49
N ILE A 492 4.66 -5.89 -13.37
CA ILE A 492 3.46 -6.56 -13.85
C ILE A 492 2.68 -7.21 -12.73
N ILE A 493 3.34 -7.89 -11.79
CA ILE A 493 2.57 -8.44 -10.67
C ILE A 493 2.23 -7.40 -9.61
N THR A 494 2.76 -6.20 -9.69
CA THR A 494 2.31 -5.12 -8.81
C THR A 494 1.29 -4.27 -9.50
N ASP A 495 0.82 -4.69 -10.66
CA ASP A 495 -0.30 -4.07 -11.34
C ASP A 495 -1.40 -5.04 -11.58
N LYS A 496 -1.18 -6.32 -11.33
CA LYS A 496 -2.19 -7.33 -11.58
C LYS A 496 -2.79 -7.88 -10.30
N ILE A 497 -2.09 -7.84 -9.18
CA ILE A 497 -2.54 -8.46 -7.94
C ILE A 497 -2.37 -7.46 -6.80
N LYS A 498 -3.22 -7.59 -5.80
CA LYS A 498 -3.31 -6.67 -4.68
C LYS A 498 -2.89 -7.49 -3.49
N LEU A 499 -1.60 -7.44 -3.20
CA LEU A 499 -0.95 -8.38 -2.33
C LEU A 499 -0.09 -7.56 -1.40
N SER A 500 0.01 -7.99 -0.16
CA SER A 500 0.63 -7.14 0.83
C SER A 500 2.11 -7.00 0.58
N SER A 501 2.80 -8.12 0.43
CA SER A 501 4.25 -8.15 0.30
C SER A 501 4.58 -8.89 -0.97
N TYR A 502 5.30 -8.24 -1.89
CA TYR A 502 5.46 -8.75 -3.23
C TYR A 502 6.76 -9.46 -3.41
N LYS A 503 7.32 -10.02 -2.36
CA LYS A 503 8.54 -10.79 -2.49
C LYS A 503 8.21 -12.12 -3.16
N LEU A 504 9.16 -12.61 -3.98
CA LEU A 504 8.87 -13.75 -4.83
C LEU A 504 8.26 -14.92 -4.09
N ASN A 505 8.64 -15.15 -2.85
CA ASN A 505 8.06 -16.27 -2.12
C ASN A 505 6.58 -16.07 -1.95
N ALA A 506 6.17 -14.86 -1.60
CA ALA A 506 4.76 -14.65 -1.31
C ALA A 506 3.96 -14.58 -2.58
N VAL A 507 4.53 -14.01 -3.63
CA VAL A 507 3.78 -13.96 -4.86
C VAL A 507 3.72 -15.31 -5.53
N ALA A 508 4.70 -16.17 -5.35
CA ALA A 508 4.56 -17.53 -5.86
C ALA A 508 3.47 -18.28 -5.13
N GLU A 509 3.44 -18.15 -3.81
CA GLU A 509 2.41 -18.79 -3.01
C GLU A 509 1.03 -18.32 -3.43
N ALA A 510 0.86 -17.02 -3.59
CA ALA A 510 -0.46 -16.46 -3.81
C ALA A 510 -0.94 -16.64 -5.23
N VAL A 511 -0.04 -16.59 -6.20
CA VAL A 511 -0.40 -16.50 -7.60
C VAL A 511 -0.37 -17.85 -8.28
N LEU A 512 0.41 -18.80 -7.76
CA LEU A 512 0.64 -20.05 -8.44
C LEU A 512 0.22 -21.23 -7.57
N LYS A 513 -0.19 -20.99 -6.33
CA LYS A 513 -0.63 -22.02 -5.43
C LYS A 513 0.49 -23.02 -5.27
N ASP A 514 1.64 -22.50 -4.90
CA ASP A 514 2.92 -23.16 -4.94
C ASP A 514 3.52 -22.99 -3.57
N LYS A 515 4.56 -23.74 -3.25
CA LYS A 515 5.27 -23.59 -1.99
C LYS A 515 6.77 -23.50 -2.27
N LYS A 516 7.29 -22.30 -2.23
CA LYS A 516 8.69 -22.09 -2.56
C LYS A 516 9.48 -22.16 -1.27
N LYS A 517 10.77 -22.43 -1.39
CA LYS A 517 11.66 -22.54 -0.24
C LYS A 517 12.76 -21.50 -0.42
N ASP A 518 12.73 -20.50 0.42
CA ASP A 518 13.59 -19.35 0.23
C ASP A 518 14.98 -19.62 0.80
N LEU A 519 15.89 -18.73 0.48
CA LEU A 519 17.24 -18.75 1.03
C LEU A 519 17.55 -17.31 1.39
N SER A 520 17.38 -16.96 2.66
CA SER A 520 17.63 -15.58 3.05
C SER A 520 19.08 -15.30 2.79
N TYR A 521 19.39 -14.05 2.45
CA TYR A 521 20.76 -13.80 2.05
C TYR A 521 21.74 -14.14 3.15
N ARG A 522 21.35 -13.96 4.41
CA ARG A 522 22.32 -13.92 5.50
C ARG A 522 23.20 -15.16 5.54
N ASP A 523 22.68 -16.29 5.07
CA ASP A 523 23.39 -17.56 5.06
C ASP A 523 24.00 -17.90 3.71
N ILE A 524 24.22 -16.92 2.84
CA ILE A 524 24.83 -17.21 1.55
C ILE A 524 26.31 -17.51 1.79
N PRO A 525 27.13 -16.64 2.40
CA PRO A 525 28.54 -17.02 2.56
C PRO A 525 28.78 -17.88 3.79
N ALA A 526 27.96 -18.91 3.95
CA ALA A 526 28.17 -20.08 4.78
C ALA A 526 27.95 -21.28 3.88
N TYR A 527 27.10 -21.12 2.87
CA TYR A 527 26.97 -22.12 1.84
C TYR A 527 28.02 -21.94 0.76
N TYR A 528 28.68 -20.79 0.71
CA TYR A 528 29.71 -20.57 -0.27
C TYR A 528 31.08 -20.96 0.25
N ALA A 529 31.35 -20.73 1.53
CA ALA A 529 32.65 -21.07 2.09
C ALA A 529 32.87 -22.55 2.17
N THR A 530 31.82 -23.35 2.12
CA THR A 530 31.95 -24.78 2.05
C THR A 530 32.34 -25.14 0.62
N GLY A 531 32.61 -26.40 0.38
CA GLY A 531 33.02 -26.80 -0.94
C GLY A 531 31.87 -26.71 -1.91
N PRO A 532 32.04 -27.26 -3.11
CA PRO A 532 31.01 -27.11 -4.13
C PRO A 532 29.70 -27.73 -3.75
N ALA A 533 29.66 -28.59 -2.77
CA ALA A 533 28.41 -29.26 -2.49
C ALA A 533 27.39 -28.36 -1.85
N GLN A 534 27.71 -27.09 -1.59
CA GLN A 534 26.78 -26.10 -1.09
C GLN A 534 26.66 -24.90 -2.00
N ARG A 535 27.68 -24.62 -2.80
CA ARG A 535 27.45 -23.76 -3.95
C ARG A 535 26.42 -24.40 -4.87
N GLY A 536 26.35 -25.71 -4.87
CA GLY A 536 25.24 -26.33 -5.55
C GLY A 536 23.92 -25.96 -4.93
N VAL A 537 23.85 -25.85 -3.63
CA VAL A 537 22.57 -25.49 -3.06
C VAL A 537 22.24 -24.05 -3.42
N ILE A 538 23.26 -23.22 -3.61
CA ILE A 538 22.95 -21.88 -4.07
C ILE A 538 22.45 -21.93 -5.51
N GLY A 539 23.06 -22.75 -6.34
CA GLY A 539 22.56 -22.88 -7.70
C GLY A 539 21.18 -23.46 -7.78
N GLU A 540 20.85 -24.35 -6.86
CA GLU A 540 19.49 -24.82 -6.74
C GLU A 540 18.54 -23.67 -6.50
N TYR A 541 18.87 -22.79 -5.56
CA TYR A 541 17.91 -21.73 -5.30
C TYR A 541 17.86 -20.73 -6.42
N CYS A 542 18.97 -20.45 -7.09
CA CYS A 542 18.90 -19.59 -8.26
C CYS A 542 18.04 -20.19 -9.36
N ILE A 543 18.33 -21.40 -9.81
CA ILE A 543 17.54 -21.95 -10.90
C ILE A 543 16.09 -22.13 -10.50
N GLN A 544 15.82 -22.48 -9.28
CA GLN A 544 14.44 -22.72 -8.93
C GLN A 544 13.70 -21.43 -8.76
N ASP A 545 14.41 -20.35 -8.46
CA ASP A 545 13.79 -19.04 -8.49
C ASP A 545 13.49 -18.62 -9.91
N SER A 546 14.48 -18.65 -10.77
CA SER A 546 14.20 -18.09 -12.09
C SER A 546 13.31 -18.99 -12.93
N LEU A 547 13.11 -20.24 -12.58
CA LEU A 547 12.08 -20.98 -13.29
C LEU A 547 10.73 -20.55 -12.83
N LEU A 548 10.62 -20.13 -11.60
CA LEU A 548 9.37 -19.60 -11.11
C LEU A 548 9.03 -18.29 -11.80
N VAL A 549 10.01 -17.40 -11.90
CA VAL A 549 9.83 -16.22 -12.75
C VAL A 549 9.33 -16.60 -14.13
N GLY A 550 9.99 -17.53 -14.80
CA GLY A 550 9.48 -17.98 -16.08
C GLY A 550 8.04 -18.44 -16.04
N GLN A 551 7.62 -19.03 -14.94
CA GLN A 551 6.26 -19.53 -14.84
C GLN A 551 5.29 -18.40 -14.69
N LEU A 552 5.66 -17.36 -13.96
CA LEU A 552 4.77 -16.22 -13.86
C LEU A 552 4.72 -15.47 -15.17
N PHE A 553 5.81 -15.40 -15.93
CA PHE A 553 5.73 -14.66 -17.17
C PHE A 553 4.81 -15.34 -18.15
N PHE A 554 4.90 -16.66 -18.23
CA PHE A 554 3.98 -17.39 -19.09
C PHE A 554 2.60 -17.52 -18.51
N LYS A 555 2.40 -17.28 -17.22
CA LYS A 555 1.03 -17.20 -16.74
C LYS A 555 0.39 -15.90 -17.17
N PHE A 556 1.11 -14.78 -17.08
CA PHE A 556 0.51 -13.48 -17.36
C PHE A 556 0.74 -12.99 -18.77
N LEU A 557 1.66 -13.59 -19.51
CA LEU A 557 2.03 -13.22 -20.86
C LEU A 557 2.02 -11.71 -21.06
N PRO A 558 2.86 -10.97 -20.35
CA PRO A 558 2.84 -9.54 -20.54
C PRO A 558 3.21 -9.12 -21.91
N HIS A 559 3.97 -9.90 -22.65
CA HIS A 559 4.42 -9.41 -23.93
C HIS A 559 3.26 -9.25 -24.89
N LEU A 560 2.27 -10.13 -24.82
CA LEU A 560 1.12 -9.98 -25.70
C LEU A 560 0.25 -8.82 -25.26
N GLU A 561 0.12 -8.59 -23.97
CA GLU A 561 -0.80 -7.55 -23.58
C GLU A 561 -0.21 -6.16 -23.79
N LEU A 562 1.09 -5.99 -23.60
CA LEU A 562 1.72 -4.75 -24.00
C LEU A 562 1.83 -4.64 -25.50
N SER A 563 1.91 -5.76 -26.19
CA SER A 563 1.92 -5.70 -27.63
C SER A 563 0.65 -5.08 -28.16
N ALA A 564 -0.50 -5.59 -27.74
CA ALA A 564 -1.77 -4.98 -28.16
C ALA A 564 -1.78 -3.47 -28.07
N VAL A 565 -1.29 -2.87 -26.97
CA VAL A 565 -1.29 -1.41 -26.88
C VAL A 565 -0.17 -0.78 -27.68
N ALA A 566 0.93 -1.46 -27.90
CA ALA A 566 1.93 -0.93 -28.81
C ALA A 566 1.38 -0.86 -30.21
N ARG A 567 0.63 -1.86 -30.61
CA ARG A 567 -0.04 -1.76 -31.90
C ARG A 567 -1.05 -0.64 -31.90
N LEU A 568 -1.87 -0.55 -30.87
CA LEU A 568 -2.94 0.43 -30.89
C LEU A 568 -2.49 1.86 -30.76
N ALA A 569 -1.27 2.10 -30.32
CA ALA A 569 -0.83 3.45 -30.01
C ALA A 569 0.19 3.99 -30.98
N GLY A 570 1.11 3.18 -31.47
CA GLY A 570 2.18 3.66 -32.31
C GLY A 570 3.48 3.83 -31.57
N ILE A 571 3.44 3.83 -30.24
CA ILE A 571 4.63 3.73 -29.42
C ILE A 571 5.23 2.32 -29.43
N ASN A 572 6.53 2.20 -29.21
CA ASN A 572 7.17 0.90 -29.19
C ASN A 572 6.73 0.10 -27.98
N ILE A 573 7.17 -1.15 -27.89
CA ILE A 573 6.90 -1.84 -26.64
C ILE A 573 7.73 -1.21 -25.55
N THR A 574 8.89 -0.68 -25.88
CA THR A 574 9.75 -0.23 -24.81
C THR A 574 9.24 1.06 -24.22
N ARG A 575 8.35 1.75 -24.91
CA ARG A 575 7.74 2.97 -24.44
C ARG A 575 6.32 2.77 -24.00
N THR A 576 5.72 1.63 -24.26
CA THR A 576 4.48 1.31 -23.59
C THR A 576 4.70 0.57 -22.32
N ILE A 577 5.93 0.17 -22.01
CA ILE A 577 6.13 -0.41 -20.70
C ILE A 577 6.48 0.67 -19.72
N TYR A 578 7.37 1.58 -20.12
CA TYR A 578 8.00 2.50 -19.20
C TYR A 578 7.65 3.97 -19.37
N ASP A 579 6.64 4.37 -20.12
CA ASP A 579 6.42 5.80 -20.33
C ASP A 579 4.98 6.17 -20.18
N GLY A 580 4.32 5.62 -19.18
CA GLY A 580 3.08 6.19 -18.74
C GLY A 580 2.01 6.20 -19.81
N GLN A 581 0.95 6.95 -19.54
CA GLN A 581 -0.23 6.91 -20.35
C GLN A 581 -0.55 8.18 -21.09
N GLN A 582 0.19 9.24 -20.89
CA GLN A 582 -0.08 10.38 -21.74
C GLN A 582 0.51 10.19 -23.10
N ILE A 583 1.48 9.31 -23.25
CA ILE A 583 2.11 9.18 -24.54
C ILE A 583 1.25 8.36 -25.49
N ARG A 584 0.77 7.20 -25.07
CA ARG A 584 -0.15 6.46 -25.92
C ARG A 584 -1.37 7.27 -26.34
N VAL A 585 -1.84 8.18 -25.51
CA VAL A 585 -3.05 8.89 -25.86
C VAL A 585 -2.71 10.07 -26.71
N PHE A 586 -1.61 10.75 -26.40
CA PHE A 586 -1.15 11.78 -27.29
C PHE A 586 -0.86 11.23 -28.66
N THR A 587 -0.20 10.07 -28.77
CA THR A 587 0.11 9.57 -30.10
C THR A 587 -1.12 9.16 -30.89
N CYS A 588 -2.19 8.73 -30.22
CA CYS A 588 -3.35 8.40 -31.03
C CYS A 588 -4.04 9.67 -31.46
N LEU A 589 -4.05 10.65 -30.56
CA LEU A 589 -4.59 11.95 -30.88
C LEU A 589 -3.79 12.61 -31.97
N LEU A 590 -2.53 12.28 -32.09
CA LEU A 590 -1.72 12.90 -33.12
C LEU A 590 -2.00 12.26 -34.46
N ARG A 591 -2.38 11.00 -34.48
CA ARG A 591 -2.71 10.42 -35.76
C ARG A 591 -4.07 10.91 -36.21
N LEU A 592 -4.94 11.22 -35.27
CA LEU A 592 -6.21 11.80 -35.67
C LEU A 592 -6.06 13.27 -36.02
N ALA A 593 -5.18 13.98 -35.33
CA ALA A 593 -4.97 15.37 -35.65
C ALA A 593 -4.45 15.51 -37.07
N ASP A 594 -3.32 14.88 -37.39
CA ASP A 594 -2.81 15.19 -38.72
C ASP A 594 -3.34 14.23 -39.78
N GLN A 595 -4.65 14.10 -39.83
CA GLN A 595 -5.38 13.67 -41.00
C GLN A 595 -6.58 14.57 -41.25
N LYS A 596 -6.85 15.51 -40.35
CA LYS A 596 -8.01 16.36 -40.35
C LYS A 596 -7.60 17.81 -40.54
N GLY A 597 -6.37 18.04 -41.00
CA GLY A 597 -5.89 19.38 -41.08
C GLY A 597 -5.88 20.00 -39.70
N PHE A 598 -5.09 19.45 -38.81
CA PHE A 598 -5.01 19.92 -37.46
C PHE A 598 -3.57 19.82 -37.05
N ILE A 599 -3.24 20.58 -36.04
CA ILE A 599 -1.89 20.65 -35.54
C ILE A 599 -1.96 20.80 -34.04
N LEU A 600 -1.11 20.09 -33.34
CA LEU A 600 -1.28 19.89 -31.91
C LEU A 600 -0.26 20.74 -31.14
N PRO A 601 -0.64 21.88 -30.55
CA PRO A 601 0.36 22.79 -29.98
C PRO A 601 1.20 22.16 -28.90
N ASP A 602 2.40 22.64 -28.79
CA ASP A 602 3.38 22.13 -27.85
C ASP A 602 3.60 23.22 -26.82
N THR A 603 3.20 22.96 -25.59
CA THR A 603 3.49 23.87 -24.49
C THR A 603 4.70 23.32 -23.76
N GLN A 604 5.67 24.19 -23.49
CA GLN A 604 6.90 23.85 -22.81
C GLN A 604 7.09 24.80 -21.64
N GLY A 605 8.14 24.57 -20.87
CA GLY A 605 8.36 25.35 -19.67
C GLY A 605 7.64 24.65 -18.54
N ARG A 606 7.66 23.33 -18.58
CA ARG A 606 6.82 22.51 -17.71
C ARG A 606 7.53 22.44 -16.36
N PHE A 607 7.06 21.61 -15.43
CA PHE A 607 7.17 22.03 -14.04
C PHE A 607 8.58 21.88 -13.50
N ARG A 608 9.47 22.70 -14.06
CA ARG A 608 10.27 23.62 -13.28
C ARG A 608 10.34 24.97 -13.98
N GLY A 609 9.32 25.31 -14.76
CA GLY A 609 8.93 26.67 -15.03
C GLY A 609 7.52 26.92 -14.55
N ALA A 610 6.73 25.84 -14.47
CA ALA A 610 5.41 25.83 -13.86
C ALA A 610 4.45 26.67 -14.68
N GLY A 611 3.29 26.99 -14.12
CA GLY A 611 2.26 27.69 -14.87
C GLY A 611 2.56 29.17 -14.88
N GLY A 612 2.63 29.75 -16.06
CA GLY A 612 3.10 31.11 -16.18
C GLY A 612 2.04 32.17 -15.98
N GLU A 613 2.17 32.95 -14.90
CA GLU A 613 1.41 34.17 -14.72
C GLU A 613 2.32 35.40 -14.61
N ALA A 614 3.64 35.21 -14.76
CA ALA A 614 4.61 36.28 -14.55
C ALA A 614 4.42 36.96 -13.21
N GLY A 655 -1.26 21.38 -0.74
CA GLY A 655 -0.85 20.05 -0.35
C GLY A 655 -0.83 19.11 -1.52
N ARG A 656 -1.88 19.17 -2.34
CA ARG A 656 -1.97 18.38 -3.56
C ARG A 656 -2.93 19.14 -4.46
N HIS A 657 -2.40 19.69 -5.55
CA HIS A 657 -3.12 20.66 -6.35
C HIS A 657 -4.23 20.00 -7.17
N VAL A 658 -5.48 20.21 -6.78
CA VAL A 658 -6.62 19.63 -7.46
C VAL A 658 -7.07 20.64 -8.50
N GLY A 659 -6.68 20.44 -9.74
CA GLY A 659 -7.00 21.44 -10.74
C GLY A 659 -8.46 21.62 -11.10
N TYR A 660 -9.43 20.90 -10.53
CA TYR A 660 -10.84 21.18 -10.79
C TYR A 660 -11.71 20.29 -9.92
N GLN A 661 -12.97 20.68 -9.75
CA GLN A 661 -13.90 19.79 -9.09
C GLN A 661 -14.04 18.50 -9.88
N GLY A 662 -13.96 17.37 -9.19
CA GLY A 662 -13.88 16.07 -9.84
C GLY A 662 -15.06 15.13 -9.88
N ALA A 663 -15.85 15.02 -8.84
CA ALA A 663 -16.86 13.98 -8.86
C ALA A 663 -17.81 14.22 -7.72
N ARG A 664 -18.88 13.46 -7.74
N ARG A 664 -18.88 13.46 -7.74
CA ARG A 664 -19.93 13.51 -6.72
CA ARG A 664 -19.93 13.51 -6.71
C ARG A 664 -19.86 12.22 -5.93
C ARG A 664 -19.86 12.22 -5.93
N VAL A 665 -20.09 12.26 -4.64
CA VAL A 665 -20.33 11.05 -3.88
C VAL A 665 -21.57 11.29 -3.05
N LEU A 666 -22.69 10.73 -3.46
CA LEU A 666 -23.90 11.04 -2.78
C LEU A 666 -23.83 10.47 -1.38
N ASP A 667 -24.62 11.04 -0.51
CA ASP A 667 -24.49 10.72 0.89
C ASP A 667 -24.99 9.31 1.13
N PRO A 668 -24.21 8.44 1.75
CA PRO A 668 -24.69 7.09 1.95
C PRO A 668 -25.66 7.06 3.10
N THR A 669 -26.81 6.45 2.92
CA THR A 669 -27.69 6.20 4.05
C THR A 669 -27.08 5.03 4.79
N SER A 670 -26.12 5.34 5.66
CA SER A 670 -25.28 4.35 6.31
C SER A 670 -26.11 3.34 7.07
N GLY A 671 -25.75 2.08 6.97
CA GLY A 671 -26.61 1.08 7.54
C GLY A 671 -26.40 -0.26 6.92
N PHE A 672 -26.82 -1.28 7.66
CA PHE A 672 -27.05 -2.58 7.10
C PHE A 672 -28.39 -2.51 6.43
N HIS A 673 -28.50 -3.14 5.26
CA HIS A 673 -29.68 -2.98 4.39
C HIS A 673 -29.96 -4.39 3.93
N VAL A 674 -30.85 -5.05 4.64
CA VAL A 674 -31.24 -6.38 4.23
C VAL A 674 -32.02 -6.34 2.92
N ASN A 675 -32.78 -5.30 2.65
CA ASN A 675 -33.57 -5.29 1.44
C ASN A 675 -32.70 -5.24 0.18
N PRO A 676 -33.20 -5.72 -0.94
CA PRO A 676 -32.44 -5.66 -2.18
C PRO A 676 -31.97 -4.28 -2.54
N VAL A 677 -30.67 -4.08 -2.64
CA VAL A 677 -30.08 -2.83 -3.09
C VAL A 677 -29.60 -3.01 -4.51
N VAL A 678 -30.29 -2.48 -5.50
CA VAL A 678 -30.01 -2.81 -6.89
C VAL A 678 -29.18 -1.70 -7.47
N VAL A 679 -28.02 -2.00 -7.94
CA VAL A 679 -27.11 -0.94 -8.30
C VAL A 679 -27.25 -0.70 -9.78
N PHE A 680 -27.10 0.55 -10.19
CA PHE A 680 -27.10 0.90 -11.61
C PHE A 680 -25.78 1.56 -11.92
N ASP A 681 -25.18 1.22 -13.01
CA ASP A 681 -23.83 1.66 -13.31
C ASP A 681 -23.86 2.19 -14.71
N PHE A 682 -23.36 3.39 -14.89
CA PHE A 682 -23.04 3.86 -16.21
C PHE A 682 -21.87 3.10 -16.76
N ALA A 683 -21.90 2.84 -18.05
CA ALA A 683 -20.97 1.94 -18.72
C ALA A 683 -19.79 2.72 -19.27
N SER A 684 -18.74 2.83 -18.46
CA SER A 684 -17.54 3.60 -18.79
C SER A 684 -17.89 5.04 -19.02
N LEU A 685 -18.48 5.63 -17.98
CA LEU A 685 -19.17 6.91 -18.05
C LEU A 685 -18.40 7.96 -18.82
N TYR A 686 -17.20 8.29 -18.37
CA TYR A 686 -16.50 9.42 -18.99
C TYR A 686 -16.30 9.22 -20.47
N PRO A 687 -15.68 8.16 -20.95
CA PRO A 687 -15.60 7.97 -22.39
C PRO A 687 -16.91 7.98 -23.16
N SER A 688 -18.06 7.89 -22.53
CA SER A 688 -19.31 8.06 -23.23
C SER A 688 -19.89 9.43 -23.02
N ILE A 689 -19.23 10.26 -22.22
CA ILE A 689 -19.55 11.68 -22.18
C ILE A 689 -18.65 12.44 -23.11
N ILE A 690 -17.47 11.91 -23.41
CA ILE A 690 -16.64 12.54 -24.41
C ILE A 690 -17.13 12.17 -25.80
N GLN A 691 -18.20 11.39 -25.91
CA GLN A 691 -18.82 11.00 -27.18
C GLN A 691 -20.25 11.41 -27.26
N ALA A 692 -20.98 11.39 -26.17
CA ALA A 692 -22.38 11.75 -26.26
C ALA A 692 -22.51 13.21 -26.53
N HIS A 693 -21.57 14.02 -26.06
CA HIS A 693 -21.59 15.46 -26.22
C HIS A 693 -20.33 15.98 -26.89
N ASN A 694 -19.59 15.10 -27.55
CA ASN A 694 -18.44 15.39 -28.42
C ASN A 694 -17.54 16.48 -27.84
N LEU A 695 -17.12 16.23 -26.62
CA LEU A 695 -16.22 17.10 -25.88
C LEU A 695 -14.81 16.87 -26.35
N CYS A 696 -14.26 17.72 -27.20
CA CYS A 696 -12.81 17.76 -27.30
C CYS A 696 -12.33 19.18 -27.32
N PHE A 697 -11.01 19.31 -27.39
CA PHE A 697 -10.38 20.61 -27.57
C PHE A 697 -10.98 21.32 -28.74
N SER A 698 -11.11 20.61 -29.84
CA SER A 698 -11.50 21.17 -31.11
C SER A 698 -12.93 21.60 -31.17
N THR A 699 -13.72 21.53 -30.12
CA THR A 699 -15.09 22.02 -30.18
C THR A 699 -15.41 22.84 -28.95
N LEU A 700 -14.42 23.53 -28.40
CA LEU A 700 -14.45 24.10 -27.07
C LEU A 700 -14.73 25.57 -27.08
N SER A 701 -15.52 26.09 -28.00
CA SER A 701 -15.57 27.55 -28.05
C SER A 701 -16.02 28.13 -26.75
N LEU A 702 -15.15 28.86 -26.06
CA LEU A 702 -15.43 29.32 -24.71
C LEU A 702 -15.72 30.80 -24.65
N ARG A 703 -16.06 31.40 -25.78
CA ARG A 703 -16.72 32.68 -25.82
C ARG A 703 -17.96 32.52 -26.67
N ALA A 704 -18.67 33.59 -26.96
CA ALA A 704 -20.01 33.49 -27.51
C ALA A 704 -20.15 34.25 -28.82
N ASP A 705 -19.04 34.52 -29.48
CA ASP A 705 -19.02 35.22 -30.75
C ASP A 705 -19.05 34.18 -31.84
N ALA A 706 -18.16 33.21 -31.74
CA ALA A 706 -17.90 32.20 -32.73
C ALA A 706 -18.93 31.10 -32.75
N VAL A 707 -19.87 31.09 -31.82
CA VAL A 707 -20.97 30.14 -31.84
C VAL A 707 -22.27 30.90 -32.01
N ALA A 708 -22.19 32.08 -32.60
CA ALA A 708 -23.34 32.96 -32.79
C ALA A 708 -24.10 32.61 -34.05
N HIS A 709 -23.41 32.03 -35.01
CA HIS A 709 -24.01 31.62 -36.27
C HIS A 709 -24.63 30.23 -36.20
N LEU A 710 -24.91 29.72 -35.00
CA LEU A 710 -25.54 28.41 -34.82
C LEU A 710 -26.47 28.54 -33.63
N GLU A 711 -27.53 27.75 -33.61
CA GLU A 711 -28.59 27.97 -32.63
C GLU A 711 -28.46 27.09 -31.40
N ALA A 712 -29.00 27.62 -30.31
CA ALA A 712 -29.05 26.93 -29.04
C ALA A 712 -29.77 25.60 -29.15
N GLY A 713 -29.16 24.55 -28.62
CA GLY A 713 -29.85 23.33 -28.34
C GLY A 713 -29.69 22.30 -29.43
N LYS A 714 -29.47 22.75 -30.66
CA LYS A 714 -29.30 21.87 -31.78
C LYS A 714 -27.91 21.87 -32.37
N ASP A 715 -27.11 22.90 -32.11
CA ASP A 715 -25.74 22.92 -32.58
C ASP A 715 -24.72 23.24 -31.50
N TYR A 716 -25.11 23.61 -30.30
CA TYR A 716 -24.15 23.73 -29.23
C TYR A 716 -24.82 23.51 -27.88
N LEU A 717 -23.99 23.35 -26.88
CA LEU A 717 -24.37 23.07 -25.50
C LEU A 717 -23.76 24.17 -24.69
N GLU A 718 -24.50 24.74 -23.72
CA GLU A 718 -23.90 25.65 -22.76
C GLU A 718 -23.75 24.94 -21.44
N ILE A 719 -22.60 25.12 -20.78
CA ILE A 719 -22.38 24.54 -19.47
C ILE A 719 -21.55 25.46 -18.60
N GLU A 720 -22.12 25.95 -17.52
CA GLU A 720 -21.30 26.62 -16.53
C GLU A 720 -20.51 25.55 -15.81
N VAL A 721 -19.20 25.51 -16.01
CA VAL A 721 -18.36 24.44 -15.45
C VAL A 721 -17.59 24.91 -14.23
N GLY A 722 -17.03 26.09 -14.26
CA GLY A 722 -16.37 26.72 -13.14
C GLY A 722 -16.94 28.12 -12.92
N GLY A 723 -17.82 28.51 -13.83
CA GLY A 723 -18.44 29.80 -13.95
C GLY A 723 -18.24 30.23 -15.39
N ARG A 724 -17.52 29.44 -16.18
CA ARG A 724 -17.08 29.93 -17.46
C ARG A 724 -18.16 29.93 -18.52
N ARG A 725 -19.18 29.13 -18.38
CA ARG A 725 -20.14 28.94 -19.44
C ARG A 725 -19.45 28.57 -20.75
N LEU A 726 -18.74 27.44 -20.75
CA LEU A 726 -18.20 26.93 -22.00
C LEU A 726 -19.31 26.52 -22.93
N PHE A 727 -19.16 26.84 -24.20
CA PHE A 727 -20.03 26.37 -25.27
C PHE A 727 -19.37 25.24 -26.02
N PHE A 728 -20.00 24.06 -26.04
CA PHE A 728 -19.45 22.90 -26.74
C PHE A 728 -20.30 22.57 -27.95
N VAL A 729 -19.65 22.51 -29.10
CA VAL A 729 -20.29 22.37 -30.38
C VAL A 729 -20.81 20.96 -30.54
N LYS A 730 -21.92 20.80 -31.26
CA LYS A 730 -22.56 19.50 -31.39
C LYS A 730 -21.80 18.74 -32.45
N ALA A 731 -22.30 17.60 -32.87
CA ALA A 731 -21.48 16.63 -33.57
C ALA A 731 -21.46 16.89 -35.06
N HIS A 732 -22.58 17.29 -35.61
CA HIS A 732 -22.74 17.40 -37.05
C HIS A 732 -22.16 18.66 -37.66
N VAL A 733 -21.58 19.58 -36.89
CA VAL A 733 -20.85 20.71 -37.46
C VAL A 733 -19.38 20.64 -37.17
N ARG A 734 -18.96 19.95 -36.13
CA ARG A 734 -17.58 19.59 -35.89
C ARG A 734 -17.62 18.32 -35.08
N GLU A 735 -16.66 17.47 -35.30
CA GLU A 735 -16.62 16.18 -34.64
C GLU A 735 -15.33 16.13 -33.86
N SER A 736 -15.40 15.52 -32.70
CA SER A 736 -14.30 15.59 -31.77
C SER A 736 -13.13 14.83 -32.30
N LEU A 737 -12.07 14.88 -31.54
CA LEU A 737 -10.96 13.98 -31.67
C LEU A 737 -10.91 13.04 -30.49
N LEU A 738 -11.32 13.49 -29.33
CA LEU A 738 -11.48 12.55 -28.24
C LEU A 738 -12.64 11.60 -28.48
N SER A 739 -13.73 12.01 -29.10
CA SER A 739 -14.76 11.02 -29.41
C SER A 739 -14.27 10.00 -30.41
N ILE A 740 -13.46 10.44 -31.38
CA ILE A 740 -13.03 9.56 -32.44
C ILE A 740 -11.86 8.75 -31.99
N LEU A 741 -11.00 9.31 -31.17
CA LEU A 741 -9.95 8.51 -30.60
C LEU A 741 -10.52 7.42 -29.73
N LEU A 742 -11.53 7.75 -28.94
CA LEU A 742 -12.10 6.74 -28.05
C LEU A 742 -12.78 5.63 -28.80
N ARG A 743 -13.38 5.90 -29.95
CA ARG A 743 -14.07 4.81 -30.64
C ARG A 743 -13.14 3.63 -30.93
N ASP A 744 -11.88 3.87 -31.25
CA ASP A 744 -11.02 2.74 -31.54
C ASP A 744 -10.69 1.96 -30.29
N TRP A 745 -10.43 2.63 -29.19
CA TRP A 745 -10.06 1.93 -27.97
C TRP A 745 -11.22 1.15 -27.37
N LEU A 746 -12.39 1.78 -27.31
CA LEU A 746 -13.56 1.12 -26.74
C LEU A 746 -13.79 -0.27 -27.33
N ALA A 747 -13.76 -0.41 -28.67
CA ALA A 747 -13.92 -1.75 -29.24
C ALA A 747 -12.87 -2.74 -28.78
N MET A 748 -11.75 -2.28 -28.25
CA MET A 748 -10.68 -3.14 -27.77
C MET A 748 -11.03 -3.65 -26.38
N ARG A 749 -11.61 -2.79 -25.58
CA ARG A 749 -12.11 -3.26 -24.31
C ARG A 749 -13.34 -4.10 -24.51
N LYS A 750 -14.07 -3.87 -25.60
CA LYS A 750 -15.25 -4.68 -25.87
C LYS A 750 -14.87 -6.07 -26.32
N GLN A 751 -13.74 -6.25 -26.99
CA GLN A 751 -13.33 -7.62 -27.33
C GLN A 751 -12.74 -8.32 -26.13
N ILE A 752 -12.10 -7.59 -25.22
CA ILE A 752 -11.55 -8.29 -24.08
C ILE A 752 -12.64 -8.61 -23.07
N ARG A 753 -13.74 -7.85 -23.08
CA ARG A 753 -14.93 -8.23 -22.34
C ARG A 753 -15.75 -9.29 -23.05
N SER A 754 -15.66 -9.37 -24.38
CA SER A 754 -16.30 -10.45 -25.11
C SER A 754 -15.76 -11.79 -24.67
N ARG A 755 -14.45 -11.97 -24.76
CA ARG A 755 -13.84 -13.25 -24.40
C ARG A 755 -14.17 -13.74 -22.98
N ILE A 756 -14.64 -12.89 -22.08
CA ILE A 756 -14.90 -13.33 -20.68
C ILE A 756 -15.93 -14.45 -20.57
N PRO A 757 -17.06 -14.43 -21.26
CA PRO A 757 -18.09 -15.44 -21.00
C PRO A 757 -17.81 -16.86 -21.46
N GLN A 758 -16.62 -17.14 -21.96
CA GLN A 758 -16.33 -18.40 -22.63
C GLN A 758 -14.98 -18.97 -22.18
N SER A 759 -14.40 -18.47 -21.09
CA SER A 759 -13.08 -18.89 -20.62
C SER A 759 -13.12 -19.58 -19.26
N SER A 760 -11.95 -20.10 -18.87
CA SER A 760 -11.77 -20.80 -17.62
C SER A 760 -11.92 -19.81 -16.47
N PRO A 761 -12.33 -20.25 -15.27
CA PRO A 761 -12.53 -19.28 -14.19
C PRO A 761 -11.24 -18.71 -13.65
N GLU A 762 -10.08 -19.20 -14.10
CA GLU A 762 -8.78 -18.62 -13.78
C GLU A 762 -8.14 -17.92 -14.96
N GLU A 763 -8.44 -18.35 -16.19
CA GLU A 763 -8.09 -17.56 -17.36
C GLU A 763 -9.12 -16.50 -17.68
N ALA A 764 -10.24 -16.49 -16.98
CA ALA A 764 -11.12 -15.35 -17.06
C ALA A 764 -10.58 -14.20 -16.24
N VAL A 765 -9.97 -14.49 -15.10
CA VAL A 765 -9.43 -13.40 -14.28
C VAL A 765 -8.27 -12.66 -14.96
N LEU A 766 -7.58 -13.27 -15.93
CA LEU A 766 -6.55 -12.52 -16.64
C LEU A 766 -7.14 -11.71 -17.77
N LEU A 767 -8.28 -12.11 -18.30
CA LEU A 767 -8.98 -11.28 -19.26
C LEU A 767 -9.91 -10.31 -18.58
N ASP A 768 -10.05 -10.41 -17.27
CA ASP A 768 -10.63 -9.35 -16.48
C ASP A 768 -9.59 -8.28 -16.18
N LYS A 769 -8.38 -8.66 -15.84
CA LYS A 769 -7.42 -7.59 -15.63
C LYS A 769 -6.89 -6.99 -16.93
N GLN A 770 -6.98 -7.67 -18.07
CA GLN A 770 -6.65 -6.97 -19.31
C GLN A 770 -7.71 -5.94 -19.70
N GLN A 771 -8.96 -6.15 -19.30
CA GLN A 771 -9.98 -5.17 -19.63
C GLN A 771 -9.96 -4.04 -18.63
N ALA A 772 -9.66 -4.29 -17.36
CA ALA A 772 -9.41 -3.18 -16.48
C ALA A 772 -8.19 -2.36 -16.93
N ALA A 773 -7.16 -3.02 -17.41
CA ALA A 773 -5.97 -2.31 -17.87
C ALA A 773 -6.23 -1.48 -19.10
N ILE A 774 -7.25 -1.81 -19.90
CA ILE A 774 -7.65 -0.92 -20.99
C ILE A 774 -8.78 0.01 -20.58
N LYS A 775 -9.48 -0.27 -19.50
CA LYS A 775 -10.39 0.73 -18.99
C LYS A 775 -9.61 1.92 -18.50
N VAL A 776 -8.42 1.67 -17.97
CA VAL A 776 -7.59 2.77 -17.51
C VAL A 776 -7.02 3.53 -18.68
N VAL A 777 -6.71 2.87 -19.80
CA VAL A 777 -6.16 3.63 -20.93
C VAL A 777 -7.24 4.28 -21.75
N CYS A 778 -8.48 3.86 -21.63
CA CYS A 778 -9.50 4.63 -22.30
C CYS A 778 -9.87 5.81 -21.44
N ASN A 779 -9.92 5.62 -20.11
CA ASN A 779 -10.34 6.71 -19.27
C ASN A 779 -9.19 7.65 -19.07
N SER A 780 -7.98 7.18 -19.33
CA SER A 780 -6.85 8.06 -19.52
C SER A 780 -7.14 9.11 -20.55
N VAL A 781 -7.92 8.82 -21.57
CA VAL A 781 -8.30 9.89 -22.49
C VAL A 781 -8.84 11.08 -21.71
N TYR A 782 -9.83 10.84 -20.85
CA TYR A 782 -10.33 11.91 -20.00
C TYR A 782 -9.22 12.45 -19.13
N GLY A 783 -8.41 11.58 -18.57
CA GLY A 783 -7.34 11.97 -17.68
C GLY A 783 -6.35 12.89 -18.31
N PHE A 784 -5.76 12.42 -19.39
CA PHE A 784 -4.82 13.17 -20.20
C PHE A 784 -5.33 14.55 -20.50
N THR A 785 -6.61 14.66 -20.87
CA THR A 785 -7.16 16.00 -20.99
C THR A 785 -6.96 16.78 -19.72
N GLY A 786 -7.38 16.24 -18.60
CA GLY A 786 -7.44 17.01 -17.38
C GLY A 786 -6.17 17.10 -16.59
N VAL A 787 -5.03 16.75 -17.14
CA VAL A 787 -3.80 16.89 -16.38
C VAL A 787 -3.39 18.35 -16.50
N GLN A 788 -2.52 18.80 -15.60
CA GLN A 788 -1.91 20.12 -15.66
C GLN A 788 -0.44 19.95 -15.92
N HIS A 789 0.09 20.80 -16.78
CA HIS A 789 1.46 20.72 -17.27
C HIS A 789 1.71 19.48 -18.11
N GLY A 790 0.69 18.82 -18.61
CA GLY A 790 0.92 17.61 -19.35
C GLY A 790 1.31 17.87 -20.77
N LEU A 791 1.09 16.87 -21.62
CA LEU A 791 1.36 16.98 -23.04
C LEU A 791 0.26 17.72 -23.79
N LEU A 792 -0.97 17.75 -23.30
CA LEU A 792 -1.96 18.58 -23.97
C LEU A 792 -3.09 18.87 -22.99
N PRO A 793 -2.80 19.59 -21.92
CA PRO A 793 -3.79 19.85 -20.89
C PRO A 793 -4.91 20.70 -21.43
N CYS A 794 -6.14 20.27 -21.28
CA CYS A 794 -7.26 21.19 -21.39
C CYS A 794 -8.21 20.97 -20.23
N LEU A 795 -8.02 21.68 -19.13
CA LEU A 795 -8.90 21.48 -18.01
C LEU A 795 -10.30 21.98 -18.27
N HIS A 796 -10.57 22.61 -19.39
CA HIS A 796 -11.94 22.94 -19.73
C HIS A 796 -12.72 21.70 -20.08
N VAL A 797 -12.16 20.84 -20.91
CA VAL A 797 -12.85 19.62 -21.28
C VAL A 797 -12.95 18.68 -20.11
N ALA A 798 -11.89 18.53 -19.32
CA ALA A 798 -11.97 17.67 -18.15
C ALA A 798 -12.96 18.16 -17.13
N ALA A 799 -12.96 19.45 -16.87
CA ALA A 799 -13.96 20.00 -15.98
C ALA A 799 -15.34 19.73 -16.50
N THR A 800 -15.57 19.96 -17.78
CA THR A 800 -16.88 19.62 -18.33
C THR A 800 -17.22 18.16 -18.13
N VAL A 801 -16.30 17.25 -18.47
CA VAL A 801 -16.57 15.82 -18.36
C VAL A 801 -17.10 15.52 -16.98
N THR A 802 -16.42 16.02 -15.99
CA THR A 802 -16.89 15.76 -14.65
C THR A 802 -18.17 16.50 -14.34
N THR A 803 -18.41 17.64 -14.98
CA THR A 803 -19.64 18.37 -14.73
C THR A 803 -20.82 17.57 -15.19
N ILE A 804 -20.82 17.23 -16.47
CA ILE A 804 -21.86 16.38 -16.99
C ILE A 804 -21.96 15.09 -16.19
N GLY A 805 -20.88 14.62 -15.58
CA GLY A 805 -21.00 13.40 -14.77
C GLY A 805 -21.82 13.61 -13.51
N ARG A 806 -21.46 14.61 -12.71
CA ARG A 806 -22.25 14.97 -11.54
C ARG A 806 -23.69 15.22 -11.89
N GLU A 807 -23.92 15.92 -12.98
CA GLU A 807 -25.29 16.20 -13.35
C GLU A 807 -26.03 14.92 -13.69
N MET A 808 -25.43 14.07 -14.52
CA MET A 808 -26.09 12.81 -14.86
C MET A 808 -26.45 11.98 -13.65
N LEU A 809 -25.72 12.06 -12.54
CA LEU A 809 -26.18 11.27 -11.41
C LEU A 809 -27.38 11.92 -10.74
N LEU A 810 -27.33 13.23 -10.54
CA LEU A 810 -28.48 13.83 -9.89
C LEU A 810 -29.69 13.79 -10.78
N ALA A 811 -29.52 13.76 -12.09
CA ALA A 811 -30.66 13.59 -12.96
C ALA A 811 -31.27 12.23 -12.73
N THR A 812 -30.43 11.21 -12.68
CA THR A 812 -30.94 9.87 -12.48
C THR A 812 -31.64 9.72 -11.15
N ARG A 813 -31.22 10.45 -10.12
CA ARG A 813 -31.88 10.28 -8.84
C ARG A 813 -33.18 11.04 -8.77
N GLU A 814 -33.25 12.19 -9.37
CA GLU A 814 -34.52 12.87 -9.41
C GLU A 814 -35.46 12.24 -10.40
N TYR A 815 -35.01 11.25 -11.16
CA TYR A 815 -35.93 10.47 -11.97
C TYR A 815 -36.37 9.20 -11.29
N VAL A 816 -35.46 8.54 -10.60
CA VAL A 816 -35.84 7.32 -9.92
C VAL A 816 -36.73 7.62 -8.74
N HIS A 817 -36.57 8.78 -8.11
CA HIS A 817 -37.43 9.11 -6.98
C HIS A 817 -38.77 9.59 -7.44
N ALA A 818 -38.81 10.52 -8.38
CA ALA A 818 -40.10 11.08 -8.76
C ALA A 818 -40.93 10.11 -9.56
N ARG A 819 -40.32 9.27 -10.39
CA ARG A 819 -41.12 8.51 -11.34
C ARG A 819 -41.68 7.23 -10.71
N TRP A 820 -40.85 6.47 -10.01
CA TRP A 820 -41.15 5.10 -9.60
C TRP A 820 -41.41 4.95 -8.11
N ALA A 821 -41.85 5.98 -7.41
CA ALA A 821 -41.89 5.93 -5.96
C ALA A 821 -43.27 5.59 -5.40
N ALA A 822 -44.22 5.29 -6.26
CA ALA A 822 -45.47 4.62 -5.89
C ALA A 822 -45.57 3.36 -6.72
N PHE A 823 -45.88 2.22 -6.09
CA PHE A 823 -45.68 0.96 -6.80
C PHE A 823 -46.59 0.86 -8.00
N GLU A 824 -47.74 1.51 -7.97
CA GLU A 824 -48.61 1.46 -9.13
C GLU A 824 -47.95 2.08 -10.35
N GLN A 825 -47.06 3.04 -10.17
CA GLN A 825 -46.26 3.52 -11.29
C GLN A 825 -45.22 2.52 -11.74
N LEU A 826 -44.79 1.59 -10.89
CA LEU A 826 -43.98 0.51 -11.42
C LEU A 826 -44.83 -0.42 -12.25
N LEU A 827 -46.03 -0.74 -11.80
CA LEU A 827 -46.85 -1.68 -12.52
C LEU A 827 -47.30 -1.17 -13.87
N ALA A 828 -47.30 0.13 -14.09
CA ALA A 828 -47.72 0.65 -15.37
C ALA A 828 -46.57 0.81 -16.34
N ASP A 829 -45.35 0.59 -15.90
CA ASP A 829 -44.16 0.80 -16.69
C ASP A 829 -43.40 -0.47 -16.92
N PHE A 830 -43.32 -1.33 -15.92
CA PHE A 830 -42.84 -2.70 -16.09
C PHE A 830 -43.90 -3.60 -15.51
N PRO A 831 -44.84 -4.11 -16.33
CA PRO A 831 -45.87 -4.99 -15.79
C PRO A 831 -45.37 -6.36 -15.43
N GLU A 832 -44.08 -6.63 -15.54
CA GLU A 832 -43.49 -7.86 -15.05
C GLU A 832 -43.22 -7.82 -13.57
N ALA A 833 -43.45 -6.69 -12.93
CA ALA A 833 -43.29 -6.58 -11.51
C ALA A 833 -44.56 -6.92 -10.76
N ALA A 834 -45.61 -7.34 -11.47
CA ALA A 834 -46.83 -7.74 -10.78
C ALA A 834 -46.59 -8.91 -9.85
N ASP A 835 -45.60 -9.76 -10.15
CA ASP A 835 -45.30 -10.94 -9.38
C ASP A 835 -44.04 -10.81 -8.54
N MET A 836 -43.33 -9.72 -8.68
CA MET A 836 -42.08 -9.48 -8.00
C MET A 836 -42.32 -8.81 -6.66
N ARG A 837 -43.55 -8.50 -6.33
CA ARG A 837 -43.88 -7.74 -5.14
C ARG A 837 -43.66 -8.59 -3.91
N ALA A 838 -42.60 -8.34 -3.19
CA ALA A 838 -42.45 -8.92 -1.87
C ALA A 838 -43.33 -8.17 -0.87
N PRO A 839 -43.72 -8.82 0.22
CA PRO A 839 -44.91 -8.38 0.98
C PRO A 839 -44.82 -6.99 1.56
N GLY A 840 -43.62 -6.46 1.78
CA GLY A 840 -43.45 -5.23 2.52
C GLY A 840 -43.93 -4.02 1.75
N PRO A 841 -43.81 -2.85 2.37
CA PRO A 841 -44.22 -1.61 1.71
C PRO A 841 -43.16 -1.10 0.76
N TYR A 842 -43.61 -0.41 -0.28
CA TYR A 842 -42.79 -0.12 -1.43
C TYR A 842 -42.02 1.18 -1.27
N SER A 843 -40.73 1.17 -1.57
CA SER A 843 -40.01 2.44 -1.73
C SER A 843 -38.74 2.23 -2.53
N MET A 844 -38.63 2.87 -3.68
CA MET A 844 -37.39 2.92 -4.45
C MET A 844 -36.63 4.18 -4.09
N ARG A 845 -35.59 4.05 -3.28
CA ARG A 845 -34.91 5.18 -2.64
C ARG A 845 -33.41 5.13 -2.91
N ILE A 846 -32.85 5.97 -3.79
CA ILE A 846 -31.40 5.92 -3.98
C ILE A 846 -30.71 6.24 -2.67
N ILE A 847 -29.82 5.36 -2.26
CA ILE A 847 -29.08 5.52 -1.01
C ILE A 847 -27.61 5.80 -1.18
N TYR A 848 -27.08 5.77 -2.37
CA TYR A 848 -25.65 5.98 -2.51
C TYR A 848 -25.40 6.20 -3.95
N GLY A 849 -24.47 7.07 -4.26
CA GLY A 849 -23.99 7.25 -5.60
C GLY A 849 -22.49 7.32 -5.57
N ASP A 850 -21.90 7.38 -6.73
CA ASP A 850 -20.47 7.46 -6.84
C ASP A 850 -20.27 8.00 -8.23
N THR A 851 -19.06 8.02 -8.72
CA THR A 851 -18.90 8.68 -10.00
C THR A 851 -19.77 8.11 -11.11
N ASP A 852 -20.17 6.82 -11.07
CA ASP A 852 -21.34 6.42 -11.85
C ASP A 852 -22.43 5.63 -11.15
N SER A 853 -22.14 4.89 -10.10
CA SER A 853 -23.14 4.02 -9.52
C SER A 853 -24.34 4.81 -9.02
N ILE A 854 -25.49 4.17 -8.88
CA ILE A 854 -26.52 4.61 -7.94
C ILE A 854 -27.14 3.38 -7.29
N PHE A 855 -26.84 3.15 -6.04
CA PHE A 855 -27.44 2.07 -5.28
C PHE A 855 -28.89 2.37 -5.00
N VAL A 856 -29.83 1.75 -5.68
CA VAL A 856 -31.24 2.02 -5.52
C VAL A 856 -31.83 1.04 -4.51
N LEU A 857 -31.95 1.41 -3.25
CA LEU A 857 -32.58 0.48 -2.33
C LEU A 857 -34.04 0.32 -2.67
N CYS A 858 -34.40 -0.85 -3.17
CA CYS A 858 -35.77 -1.17 -3.58
C CYS A 858 -36.41 -1.94 -2.45
N ARG A 859 -37.21 -1.29 -1.65
CA ARG A 859 -37.85 -1.93 -0.51
C ARG A 859 -39.23 -2.41 -0.88
N GLY A 860 -39.63 -3.54 -0.30
CA GLY A 860 -40.84 -4.21 -0.74
C GLY A 860 -40.81 -4.86 -2.09
N LEU A 861 -39.69 -5.46 -2.46
CA LEU A 861 -39.55 -6.17 -3.72
C LEU A 861 -38.62 -7.34 -3.50
N THR A 862 -38.90 -8.47 -4.13
CA THR A 862 -38.07 -9.66 -4.07
C THR A 862 -36.83 -9.51 -4.90
N ALA A 863 -35.73 -10.04 -4.42
CA ALA A 863 -34.48 -9.90 -5.13
C ALA A 863 -34.36 -10.85 -6.30
N ALA A 864 -35.30 -11.78 -6.48
CA ALA A 864 -35.09 -12.89 -7.41
C ALA A 864 -34.79 -12.43 -8.81
N GLY A 865 -35.73 -11.72 -9.42
CA GLY A 865 -35.51 -11.11 -10.72
C GLY A 865 -35.21 -9.63 -10.73
N LEU A 866 -34.84 -9.03 -9.60
CA LEU A 866 -34.61 -7.60 -9.61
C LEU A 866 -33.52 -7.20 -10.56
N THR A 867 -32.64 -8.10 -10.92
CA THR A 867 -31.69 -7.77 -11.96
C THR A 867 -32.30 -8.02 -13.31
N ALA A 868 -33.26 -8.95 -13.37
CA ALA A 868 -33.96 -9.16 -14.62
C ALA A 868 -34.68 -7.90 -15.04
N MET A 869 -35.49 -7.34 -14.16
CA MET A 869 -36.15 -6.09 -14.50
C MET A 869 -35.15 -4.94 -14.45
N GLY A 870 -34.15 -5.00 -13.60
CA GLY A 870 -33.23 -3.89 -13.53
C GLY A 870 -32.47 -3.65 -14.81
N ASP A 871 -32.30 -4.67 -15.63
CA ASP A 871 -31.80 -4.40 -16.97
C ASP A 871 -32.77 -3.50 -17.71
N LYS A 872 -34.06 -3.62 -17.41
CA LYS A 872 -35.08 -2.78 -18.04
C LYS A 872 -35.11 -1.39 -17.46
N MET A 873 -34.97 -1.24 -16.16
CA MET A 873 -34.89 0.11 -15.61
C MET A 873 -33.67 0.83 -16.14
N ALA A 874 -32.53 0.17 -16.20
CA ALA A 874 -31.35 0.83 -16.74
C ALA A 874 -31.48 1.08 -18.22
N SER A 875 -32.40 0.42 -18.90
CA SER A 875 -32.67 0.73 -20.29
C SER A 875 -33.81 1.71 -20.47
N HIS A 876 -34.59 1.98 -19.43
CA HIS A 876 -35.62 2.99 -19.44
C HIS A 876 -35.08 4.34 -19.05
N ILE A 877 -34.30 4.40 -17.99
CA ILE A 877 -33.71 5.65 -17.54
C ILE A 877 -32.74 6.17 -18.57
N SER A 878 -31.98 5.28 -19.17
CA SER A 878 -31.03 5.69 -20.18
C SER A 878 -31.76 6.34 -21.34
N ARG A 879 -32.65 5.60 -21.99
CA ARG A 879 -33.36 6.16 -23.13
C ARG A 879 -34.11 7.42 -22.77
N ALA A 880 -34.79 7.44 -21.61
CA ALA A 880 -35.64 8.56 -21.29
C ALA A 880 -34.90 9.81 -20.88
N LEU A 881 -33.64 9.71 -20.44
CA LEU A 881 -32.91 10.91 -20.01
C LEU A 881 -31.67 11.25 -20.82
N PHE A 882 -30.90 10.30 -21.32
CA PHE A 882 -29.55 10.61 -21.78
C PHE A 882 -29.39 10.36 -23.25
N LEU A 883 -28.27 10.81 -23.77
CA LEU A 883 -28.00 10.71 -25.17
C LEU A 883 -27.62 9.28 -25.52
N PRO A 884 -27.73 8.88 -26.78
CA PRO A 884 -27.67 7.46 -27.11
C PRO A 884 -26.37 6.76 -26.76
N PRO A 885 -25.19 7.38 -26.84
CA PRO A 885 -23.98 6.67 -26.35
C PRO A 885 -23.95 6.40 -24.88
N ILE A 886 -24.72 7.11 -24.08
CA ILE A 886 -24.68 6.94 -22.63
C ILE A 886 -25.57 5.76 -22.29
N LYS A 887 -25.05 4.82 -21.52
CA LYS A 887 -25.77 3.58 -21.24
C LYS A 887 -25.72 3.31 -19.76
N LEU A 888 -26.83 3.49 -19.08
CA LEU A 888 -26.98 3.07 -17.70
C LEU A 888 -27.30 1.58 -17.68
N GLU A 889 -26.62 0.81 -16.84
CA GLU A 889 -26.76 -0.65 -16.81
C GLU A 889 -27.01 -1.10 -15.40
N CYS A 890 -27.83 -2.15 -15.20
CA CYS A 890 -28.05 -2.72 -13.86
C CYS A 890 -27.08 -3.86 -13.61
N GLU A 891 -25.84 -3.49 -13.31
CA GLU A 891 -24.76 -4.45 -13.21
C GLU A 891 -24.93 -5.49 -12.08
N LYS A 892 -25.40 -5.10 -10.89
CA LYS A 892 -25.51 -6.06 -9.78
C LYS A 892 -26.76 -5.80 -9.00
N THR A 893 -27.08 -6.74 -8.13
CA THR A 893 -28.05 -6.54 -7.09
C THR A 893 -27.51 -7.10 -5.79
N PHE A 894 -27.32 -6.27 -4.80
CA PHE A 894 -26.89 -6.74 -3.51
C PHE A 894 -28.13 -7.12 -2.75
N THR A 895 -27.96 -8.06 -1.85
CA THR A 895 -28.85 -8.26 -0.73
C THR A 895 -27.93 -8.21 0.48
N LYS A 896 -28.34 -7.58 1.57
CA LYS A 896 -27.39 -7.37 2.65
C LYS A 896 -26.18 -6.58 2.17
N LEU A 897 -26.44 -5.36 1.74
CA LEU A 897 -25.38 -4.35 1.68
C LEU A 897 -25.23 -3.62 3.01
N LEU A 898 -23.98 -3.36 3.37
CA LEU A 898 -23.54 -2.56 4.52
C LEU A 898 -22.81 -1.33 4.00
N LEU A 899 -23.40 -0.15 4.20
CA LEU A 899 -22.89 1.11 3.65
C LEU A 899 -22.07 1.86 4.69
N ILE A 900 -20.85 1.43 4.93
CA ILE A 900 -20.19 1.94 6.12
C ILE A 900 -19.80 3.41 5.97
N ALA A 901 -19.25 3.82 4.83
CA ALA A 901 -18.78 5.19 4.67
C ALA A 901 -18.81 5.53 3.20
N LYS A 902 -18.24 6.68 2.83
CA LYS A 902 -18.40 7.22 1.49
C LYS A 902 -17.93 6.25 0.42
N LYS A 903 -16.67 5.87 0.40
CA LYS A 903 -16.21 4.97 -0.65
C LYS A 903 -15.98 3.57 -0.14
N LYS A 904 -16.58 3.23 0.98
CA LYS A 904 -16.39 1.98 1.67
C LYS A 904 -17.72 1.28 1.76
N TYR A 905 -17.80 0.04 1.32
CA TYR A 905 -19.05 -0.69 1.52
C TYR A 905 -18.76 -2.17 1.38
N ILE A 906 -19.50 -2.99 2.11
CA ILE A 906 -19.40 -4.45 2.00
C ILE A 906 -20.79 -4.96 1.74
N GLY A 907 -20.95 -5.78 0.73
CA GLY A 907 -22.27 -6.29 0.45
C GLY A 907 -22.18 -7.57 -0.31
N VAL A 908 -23.17 -8.43 -0.13
CA VAL A 908 -23.09 -9.76 -0.72
C VAL A 908 -24.02 -9.77 -1.91
N ILE A 909 -23.46 -10.12 -3.06
CA ILE A 909 -24.18 -10.02 -4.30
C ILE A 909 -25.33 -11.00 -4.26
N TYR A 910 -26.31 -10.81 -5.12
CA TYR A 910 -27.45 -11.71 -5.06
C TYR A 910 -27.03 -13.15 -5.27
N GLY A 911 -27.21 -13.94 -4.23
CA GLY A 911 -26.89 -15.36 -4.27
C GLY A 911 -25.45 -15.61 -4.60
N GLY A 912 -24.52 -15.22 -3.72
CA GLY A 912 -23.13 -15.54 -3.96
C GLY A 912 -22.09 -14.60 -3.41
N LYS A 913 -21.18 -14.21 -4.29
CA LYS A 913 -19.91 -13.62 -3.90
C LYS A 913 -20.10 -12.37 -3.09
N MET A 914 -19.14 -12.08 -2.23
CA MET A 914 -19.16 -10.88 -1.44
C MET A 914 -18.28 -9.84 -2.10
N LEU A 915 -18.78 -8.61 -2.20
CA LEU A 915 -18.06 -7.45 -2.68
C LEU A 915 -17.63 -6.61 -1.51
N ILE A 916 -16.36 -6.70 -1.18
CA ILE A 916 -15.74 -5.87 -0.18
C ILE A 916 -15.07 -4.73 -0.91
N LYS A 917 -15.50 -3.49 -0.69
CA LYS A 917 -14.95 -2.33 -1.38
C LYS A 917 -14.33 -1.38 -0.38
N GLY A 918 -13.02 -1.50 -0.25
CA GLY A 918 -12.11 -0.68 0.52
C GLY A 918 -12.27 -0.45 1.99
N VAL A 919 -12.39 -1.49 2.81
CA VAL A 919 -12.77 -1.36 4.21
C VAL A 919 -11.65 -1.64 5.20
N ASP A 920 -10.39 -1.45 4.81
CA ASP A 920 -9.21 -1.83 5.59
C ASP A 920 -9.05 -3.33 5.68
N LEU A 921 -9.64 -4.03 4.74
CA LEU A 921 -9.54 -5.46 4.53
C LEU A 921 -9.29 -5.75 3.07
N VAL A 922 -9.43 -4.75 2.21
CA VAL A 922 -9.13 -4.80 0.82
C VAL A 922 -7.98 -3.85 0.53
N ARG A 923 -7.15 -3.55 1.54
CA ARG A 923 -5.98 -2.72 1.33
C ARG A 923 -4.74 -3.32 1.95
N LYS A 924 -3.64 -3.13 1.25
CA LYS A 924 -2.39 -3.80 1.44
C LYS A 924 -1.67 -3.49 2.74
N ASN A 925 -2.12 -2.55 3.56
CA ASN A 925 -1.32 -2.23 4.73
C ASN A 925 -1.59 -3.26 5.82
N ASN A 926 -2.84 -3.37 6.24
CA ASN A 926 -3.20 -3.99 7.50
C ASN A 926 -2.72 -5.42 7.63
N CYS A 927 -2.13 -5.70 8.78
CA CYS A 927 -1.59 -6.99 9.16
C CYS A 927 -2.47 -8.17 8.83
N ALA A 928 -1.85 -9.25 8.37
CA ALA A 928 -2.60 -10.45 8.00
C ALA A 928 -3.43 -10.99 9.15
N PHE A 929 -2.96 -10.83 10.37
CA PHE A 929 -3.71 -11.41 11.46
C PHE A 929 -5.01 -10.68 11.67
N ILE A 930 -5.02 -9.36 11.48
CA ILE A 930 -6.23 -8.61 11.72
C ILE A 930 -7.16 -8.70 10.52
N ASN A 931 -6.65 -9.11 9.37
CA ASN A 931 -7.48 -9.24 8.20
C ASN A 931 -8.19 -10.56 8.24
N ARG A 932 -7.58 -11.58 8.84
CA ARG A 932 -8.30 -12.83 8.95
C ARG A 932 -9.46 -12.70 9.92
N THR A 933 -9.35 -11.81 10.88
CA THR A 933 -10.35 -11.82 11.93
C THR A 933 -11.48 -10.90 11.55
N SER A 934 -11.22 -9.69 11.07
CA SER A 934 -12.38 -8.98 10.53
C SER A 934 -12.96 -9.65 9.29
N ARG A 935 -12.19 -10.44 8.55
CA ARG A 935 -12.77 -11.23 7.46
C ARG A 935 -13.65 -12.32 7.99
N ALA A 936 -13.51 -12.70 9.25
CA ALA A 936 -14.45 -13.65 9.79
C ALA A 936 -15.61 -12.97 10.44
N LEU A 937 -15.43 -11.73 10.87
CA LEU A 937 -16.55 -11.00 11.40
C LEU A 937 -17.55 -10.61 10.31
N VAL A 938 -17.06 -10.28 9.11
CA VAL A 938 -18.01 -9.92 8.07
C VAL A 938 -18.82 -11.14 7.67
N ASP A 939 -18.20 -12.31 7.66
CA ASP A 939 -18.95 -13.50 7.35
C ASP A 939 -19.95 -13.78 8.45
N LEU A 940 -19.57 -13.55 9.69
CA LEU A 940 -20.55 -13.78 10.73
C LEU A 940 -21.67 -12.79 10.70
N LEU A 941 -21.57 -11.71 9.93
CA LEU A 941 -22.68 -10.78 9.84
C LEU A 941 -23.54 -11.04 8.62
N PHE A 942 -22.93 -11.26 7.46
CA PHE A 942 -23.74 -11.45 6.27
C PHE A 942 -24.28 -12.85 6.16
N TYR A 943 -23.39 -13.84 6.11
CA TYR A 943 -23.82 -15.22 5.91
C TYR A 943 -24.58 -15.78 7.09
N ASP A 944 -24.16 -15.51 8.31
CA ASP A 944 -24.89 -16.11 9.42
C ASP A 944 -26.31 -15.57 9.47
N ASP A 945 -27.17 -16.26 10.20
CA ASP A 945 -28.58 -15.91 10.21
C ASP A 945 -29.03 -15.22 11.49
N THR A 946 -28.77 -15.78 12.66
CA THR A 946 -29.12 -15.05 13.86
C THR A 946 -28.39 -13.74 13.92
N VAL A 947 -27.14 -13.70 13.49
CA VAL A 947 -26.41 -12.45 13.55
C VAL A 947 -26.95 -11.44 12.57
N SER A 948 -27.35 -11.86 11.38
CA SER A 948 -27.93 -10.91 10.43
C SER A 948 -29.23 -10.35 10.94
N GLY A 949 -30.08 -11.20 11.47
CA GLY A 949 -31.31 -10.74 12.11
C GLY A 949 -31.03 -9.79 13.26
N ALA A 950 -30.06 -10.12 14.10
CA ALA A 950 -29.72 -9.26 15.22
C ALA A 950 -29.17 -7.93 14.74
N ALA A 951 -28.24 -7.94 13.79
CA ALA A 951 -27.73 -6.70 13.23
C ALA A 951 -28.85 -5.83 12.70
N ALA A 952 -29.78 -6.41 11.96
CA ALA A 952 -30.93 -5.63 11.53
C ALA A 952 -31.75 -5.16 12.72
N ALA A 953 -31.81 -5.93 13.79
CA ALA A 953 -32.49 -5.48 15.00
C ALA A 953 -31.79 -4.31 15.66
N LEU A 954 -30.51 -4.10 15.38
CA LEU A 954 -29.80 -2.90 15.82
C LEU A 954 -29.97 -1.80 14.77
N ALA A 955 -31.21 -1.52 14.45
CA ALA A 955 -31.64 -0.27 13.90
C ALA A 955 -32.84 0.26 14.63
N GLU A 956 -33.49 -0.57 15.44
CA GLU A 956 -34.69 -0.20 16.15
C GLU A 956 -34.44 0.93 17.13
N ARG A 957 -33.21 1.04 17.64
CA ARG A 957 -32.86 1.92 18.73
C ARG A 957 -31.63 2.74 18.37
N PRO A 958 -31.63 4.06 18.63
CA PRO A 958 -30.46 4.87 18.32
C PRO A 958 -29.24 4.38 19.09
N ALA A 959 -28.07 4.74 18.57
CA ALA A 959 -26.79 4.21 19.07
C ALA A 959 -26.68 4.28 20.56
N GLU A 960 -27.04 5.42 21.11
CA GLU A 960 -26.93 5.68 22.54
C GLU A 960 -27.70 4.62 23.32
N GLU A 961 -28.82 4.17 22.78
CA GLU A 961 -29.69 3.30 23.55
C GLU A 961 -29.25 1.87 23.54
N TRP A 962 -28.11 1.52 22.96
CA TRP A 962 -27.53 0.21 23.14
C TRP A 962 -26.40 0.19 24.15
N LEU A 963 -26.09 1.33 24.75
CA LEU A 963 -25.10 1.33 25.79
C LEU A 963 -25.67 0.96 27.13
N ALA A 964 -26.99 0.84 27.28
CA ALA A 964 -27.60 0.41 28.52
C ALA A 964 -28.30 -0.93 28.39
N ARG A 965 -29.17 -1.03 27.42
CA ARG A 965 -29.85 -2.26 27.10
C ARG A 965 -28.87 -3.22 26.42
N PRO A 966 -28.85 -4.50 26.77
CA PRO A 966 -27.83 -5.38 26.20
C PRO A 966 -28.08 -5.63 24.72
N LEU A 967 -27.06 -6.17 24.09
CA LEU A 967 -27.12 -6.44 22.65
C LEU A 967 -28.02 -7.65 22.39
N PRO A 968 -28.92 -7.58 21.42
CA PRO A 968 -30.09 -8.47 21.44
C PRO A 968 -29.81 -9.92 21.12
N GLU A 969 -28.91 -10.55 21.85
CA GLU A 969 -28.82 -12.00 22.03
C GLU A 969 -28.60 -12.76 20.75
N GLY A 970 -28.30 -12.10 19.64
CA GLY A 970 -27.92 -12.80 18.45
C GLY A 970 -26.45 -12.64 18.20
N LEU A 971 -25.85 -11.61 18.77
CA LEU A 971 -24.47 -11.29 18.50
C LEU A 971 -23.50 -11.98 19.43
N GLN A 972 -23.95 -12.96 20.20
CA GLN A 972 -23.01 -13.71 21.01
C GLN A 972 -22.06 -14.55 20.17
N ALA A 973 -22.32 -14.68 18.89
CA ALA A 973 -21.44 -15.35 17.94
C ALA A 973 -20.48 -14.35 17.35
N PHE A 974 -20.96 -13.13 17.16
CA PHE A 974 -20.12 -12.01 16.77
C PHE A 974 -19.02 -11.79 17.79
N GLY A 975 -19.39 -11.75 19.07
CA GLY A 975 -18.41 -11.49 20.11
C GLY A 975 -17.41 -12.60 20.30
N ALA A 976 -17.81 -13.83 20.01
CA ALA A 976 -16.92 -14.97 20.23
C ALA A 976 -15.66 -14.84 19.40
N VAL A 977 -15.77 -14.37 18.16
CA VAL A 977 -14.57 -14.23 17.37
C VAL A 977 -13.73 -13.07 17.83
N LEU A 978 -14.29 -12.11 18.58
CA LEU A 978 -13.43 -11.07 19.13
C LEU A 978 -12.73 -11.53 20.40
N VAL A 979 -13.43 -12.22 21.30
CA VAL A 979 -12.74 -12.72 22.48
C VAL A 979 -11.75 -13.80 22.11
N ASP A 980 -11.94 -14.46 20.98
CA ASP A 980 -11.06 -15.52 20.56
C ASP A 980 -9.89 -14.95 19.81
N ALA A 981 -10.11 -13.90 19.04
CA ALA A 981 -9.01 -13.19 18.44
C ALA A 981 -8.15 -12.58 19.52
N HIS A 982 -8.76 -12.13 20.61
CA HIS A 982 -7.96 -11.61 21.70
C HIS A 982 -7.22 -12.70 22.43
N ARG A 983 -7.73 -13.92 22.41
CA ARG A 983 -7.02 -14.99 23.07
C ARG A 983 -5.82 -15.41 22.26
N ARG A 984 -5.90 -15.32 20.95
CA ARG A 984 -4.80 -15.77 20.11
C ARG A 984 -3.66 -14.77 20.07
N ILE A 985 -3.96 -13.48 20.14
CA ILE A 985 -2.88 -12.48 20.09
C ILE A 985 -1.88 -12.63 21.21
N THR A 986 -2.30 -13.13 22.35
CA THR A 986 -1.45 -13.10 23.53
C THR A 986 -0.55 -14.31 23.62
N ASP A 987 -0.87 -15.38 22.89
CA ASP A 987 -0.10 -16.61 23.00
C ASP A 987 1.37 -16.31 22.74
N PRO A 988 2.30 -16.80 23.56
CA PRO A 988 3.72 -16.70 23.21
C PRO A 988 4.13 -17.45 21.95
N GLU A 989 3.23 -18.26 21.37
CA GLU A 989 3.53 -19.10 20.21
C GLU A 989 2.94 -18.49 18.95
N ARG A 990 2.95 -17.17 18.91
CA ARG A 990 2.60 -16.42 17.72
C ARG A 990 3.74 -16.53 16.73
N ASP A 991 3.40 -16.35 15.46
CA ASP A 991 4.35 -16.35 14.36
C ASP A 991 4.44 -14.93 13.86
N ILE A 992 5.62 -14.35 13.95
CA ILE A 992 5.82 -12.94 13.63
C ILE A 992 5.30 -12.66 12.25
N GLN A 993 5.53 -13.56 11.30
CA GLN A 993 5.17 -13.33 9.91
C GLN A 993 3.68 -13.22 9.67
N ASP A 994 2.89 -13.42 10.72
CA ASP A 994 1.47 -13.22 10.70
C ASP A 994 1.10 -11.86 11.20
N PHE A 995 1.99 -11.20 11.93
CA PHE A 995 1.71 -9.90 12.51
C PHE A 995 2.47 -8.79 11.79
N VAL A 996 2.76 -8.93 10.51
CA VAL A 996 3.68 -8.01 9.85
C VAL A 996 2.87 -6.99 9.09
N LEU A 997 2.91 -5.74 9.53
CA LEU A 997 2.36 -4.64 8.77
C LEU A 997 3.31 -4.30 7.66
N THR A 998 2.84 -3.56 6.68
CA THR A 998 3.75 -3.23 5.59
C THR A 998 3.22 -1.98 4.92
N ALA A 999 4.10 -1.07 4.53
CA ALA A 999 3.61 0.09 3.81
C ALA A 999 4.65 0.63 2.86
N GLU A 1000 4.15 1.25 1.81
CA GLU A 1000 4.91 1.63 0.62
C GLU A 1000 5.84 2.78 0.81
N LEU A 1001 7.05 2.71 0.28
CA LEU A 1001 7.96 3.84 0.48
C LEU A 1001 7.56 5.06 -0.33
N SER A 1002 7.20 4.90 -1.59
CA SER A 1002 6.37 5.88 -2.30
C SER A 1002 7.03 7.20 -2.62
N ARG A 1003 8.27 7.44 -2.23
CA ARG A 1003 8.91 8.73 -2.40
C ARG A 1003 10.33 8.51 -1.97
N HIS A 1004 11.23 9.33 -2.43
CA HIS A 1004 12.54 9.29 -1.81
C HIS A 1004 12.35 9.60 -0.33
N PRO A 1005 13.03 8.92 0.59
CA PRO A 1005 12.74 9.16 1.99
C PRO A 1005 13.26 10.47 2.54
N ARG A 1006 13.88 11.30 1.73
CA ARG A 1006 14.33 12.63 2.11
C ARG A 1006 13.43 13.70 1.53
N ALA A 1007 12.46 13.31 0.70
CA ALA A 1007 11.43 14.19 0.18
C ALA A 1007 10.19 14.19 1.04
N TYR A 1008 10.19 13.48 2.15
CA TYR A 1008 9.00 13.40 2.99
C TYR A 1008 8.88 14.63 3.86
N THR A 1009 7.75 15.32 3.80
CA THR A 1009 7.51 16.38 4.76
C THR A 1009 7.43 15.84 6.18
N ASN A 1010 6.62 14.79 6.39
CA ASN A 1010 6.50 14.16 7.69
C ASN A 1010 7.48 13.00 7.73
N LYS A 1011 8.55 13.15 8.51
N LYS A 1011 8.53 13.16 8.51
CA LYS A 1011 9.61 12.16 8.56
CA LYS A 1011 9.63 12.20 8.59
C LYS A 1011 9.48 11.18 9.71
C LYS A 1011 9.50 11.20 9.73
N ARG A 1012 8.51 11.35 10.60
N ARG A 1012 8.53 11.36 10.62
CA ARG A 1012 8.33 10.47 11.74
CA ARG A 1012 8.32 10.45 11.74
C ARG A 1012 7.25 9.46 11.35
C ARG A 1012 7.25 9.46 11.35
N LEU A 1013 7.65 8.49 10.53
CA LEU A 1013 6.73 7.55 9.93
C LEU A 1013 7.24 6.15 10.16
N ALA A 1014 6.32 5.25 10.50
CA ALA A 1014 6.66 3.87 10.82
C ALA A 1014 7.60 3.26 9.81
N HIS A 1015 7.18 3.20 8.55
CA HIS A 1015 8.02 2.56 7.56
C HIS A 1015 9.33 3.30 7.40
N LEU A 1016 9.32 4.61 7.39
CA LEU A 1016 10.57 5.35 7.35
C LEU A 1016 11.53 4.96 8.47
N THR A 1017 11.05 5.00 9.71
CA THR A 1017 11.84 4.49 10.82
C THR A 1017 12.46 3.15 10.51
N VAL A 1018 11.71 2.24 9.88
CA VAL A 1018 12.29 0.95 9.56
C VAL A 1018 13.16 1.01 8.34
N TYR A 1019 13.11 2.07 7.60
CA TYR A 1019 13.96 2.13 6.44
C TYR A 1019 15.31 2.60 6.87
N TYR A 1020 15.36 3.42 7.90
CA TYR A 1020 16.64 3.88 8.41
C TYR A 1020 17.24 2.86 9.33
N LYS A 1021 16.43 2.11 10.07
CA LYS A 1021 17.00 0.97 10.77
C LYS A 1021 17.61 0.00 9.79
N LEU A 1022 16.94 -0.26 8.66
CA LEU A 1022 17.53 -1.17 7.68
C LEU A 1022 18.80 -0.61 7.09
N MET A 1023 18.75 0.61 6.59
CA MET A 1023 19.92 1.12 5.90
C MET A 1023 21.07 1.32 6.87
N ALA A 1024 20.78 1.56 8.14
CA ALA A 1024 21.87 1.77 9.09
C ALA A 1024 22.60 0.47 9.34
N ARG A 1025 21.89 -0.62 9.57
CA ARG A 1025 22.58 -1.88 9.80
C ARG A 1025 22.85 -2.65 8.51
N ARG A 1026 23.47 -1.98 7.54
CA ARG A 1026 24.05 -2.61 6.36
C ARG A 1026 23.16 -3.68 5.76
N ALA A 1027 21.87 -3.45 5.66
CA ALA A 1027 20.89 -4.46 5.28
C ALA A 1027 20.24 -4.00 4.02
N GLN A 1028 19.23 -4.73 3.57
CA GLN A 1028 18.73 -4.46 2.22
C GLN A 1028 17.86 -3.25 2.27
N VAL A 1029 18.25 -2.23 1.51
CA VAL A 1029 17.64 -0.91 1.56
C VAL A 1029 16.51 -0.88 0.55
N PRO A 1030 15.25 -0.98 0.94
CA PRO A 1030 14.18 -1.16 -0.04
C PRO A 1030 14.03 0.05 -0.95
N SER A 1031 14.30 -0.16 -2.22
CA SER A 1031 14.12 0.86 -3.22
C SER A 1031 12.70 1.40 -3.23
N ILE A 1032 12.59 2.68 -3.59
CA ILE A 1032 11.34 3.42 -3.65
C ILE A 1032 10.26 2.62 -4.35
N LYS A 1033 9.07 2.65 -3.77
CA LYS A 1033 7.90 1.85 -4.12
C LYS A 1033 7.95 0.40 -3.62
N ASP A 1034 8.98 -0.04 -2.93
CA ASP A 1034 8.94 -1.35 -2.33
C ASP A 1034 8.16 -1.25 -1.05
N ARG A 1035 7.21 -2.14 -0.84
CA ARG A 1035 6.53 -2.22 0.44
C ARG A 1035 7.49 -2.50 1.58
N ILE A 1036 7.69 -1.60 2.53
CA ILE A 1036 8.56 -1.89 3.66
C ILE A 1036 7.77 -2.76 4.63
N PRO A 1037 8.11 -4.02 4.90
CA PRO A 1037 7.54 -4.73 6.06
C PRO A 1037 8.00 -4.12 7.36
N TYR A 1038 7.14 -4.16 8.37
CA TYR A 1038 7.53 -3.70 9.69
C TYR A 1038 6.54 -4.25 10.72
N VAL A 1039 7.06 -4.89 11.75
CA VAL A 1039 6.27 -5.33 12.90
C VAL A 1039 6.56 -4.41 14.07
N ILE A 1040 5.52 -4.04 14.82
CA ILE A 1040 5.62 -3.11 15.95
C ILE A 1040 6.05 -3.84 17.22
N VAL A 1041 7.24 -3.55 17.71
CA VAL A 1041 7.85 -4.33 18.78
C VAL A 1041 7.47 -3.75 20.13
N ALA A 1042 7.45 -4.60 21.16
CA ALA A 1042 6.90 -4.23 22.46
C ALA A 1042 7.65 -3.07 23.03
N GLN A 1043 6.96 -2.20 23.74
CA GLN A 1043 7.67 -1.13 24.43
C GLN A 1043 8.39 -1.72 25.62
N THR A 1044 9.71 -1.77 25.54
CA THR A 1044 10.53 -2.21 26.64
C THR A 1044 11.70 -1.27 26.74
N ARG A 1045 12.52 -1.49 27.77
N ARG A 1045 12.52 -1.50 27.76
CA ARG A 1045 13.62 -0.59 28.03
CA ARG A 1045 13.63 -0.62 28.06
C ARG A 1045 14.75 -0.71 27.03
C ARG A 1045 14.77 -0.74 27.06
N GLU A 1046 14.72 -1.69 26.14
CA GLU A 1046 15.67 -1.76 25.05
C GLU A 1046 15.15 -1.03 23.81
N VAL A 1047 13.86 -0.73 23.78
CA VAL A 1047 13.26 0.07 22.72
C VAL A 1047 13.22 1.52 23.17
N GLU A 1048 13.92 1.84 24.25
CA GLU A 1048 13.92 3.16 24.83
C GLU A 1048 15.30 3.69 25.09
N GLU A 1049 16.31 2.83 25.18
CA GLU A 1049 17.69 3.28 25.10
C GLU A 1049 18.15 3.36 23.66
N THR A 1050 17.48 2.67 22.74
CA THR A 1050 17.90 2.70 21.36
C THR A 1050 17.41 3.96 20.69
N VAL A 1051 16.24 4.42 21.09
CA VAL A 1051 15.73 5.70 20.63
C VAL A 1051 16.59 6.82 21.17
N ALA A 1052 16.99 6.74 22.45
CA ALA A 1052 17.76 7.81 23.05
C ALA A 1052 19.17 7.81 22.50
N ARG A 1053 19.78 6.64 22.32
CA ARG A 1053 21.07 6.59 21.63
C ARG A 1053 20.94 7.13 20.21
N LEU A 1054 19.80 6.88 19.56
CA LEU A 1054 19.57 7.47 18.24
C LEU A 1054 19.05 8.89 18.34
N ALA A 1055 18.59 9.32 19.51
CA ALA A 1055 18.23 10.71 19.75
C ALA A 1055 19.31 11.40 20.59
N ARG A 1099 7.50 9.65 26.26
N ARG A 1099 7.45 9.68 26.22
N ARG A 1099 7.25 9.73 26.96
CA ARG A 1099 7.86 8.41 26.93
CA ARG A 1099 7.86 8.44 26.86
CA ARG A 1099 7.87 8.42 26.85
C ARG A 1099 6.87 7.30 26.60
C ARG A 1099 6.86 7.33 26.68
C ARG A 1099 6.84 7.31 26.68
N LYS A 1100 5.66 7.64 26.16
CA LYS A 1100 4.72 6.63 25.70
C LYS A 1100 5.00 6.61 24.20
N LEU A 1101 5.89 5.72 23.80
CA LEU A 1101 6.56 5.84 22.53
C LEU A 1101 5.56 5.80 21.40
N LEU A 1102 5.88 6.53 20.36
CA LEU A 1102 5.03 6.58 19.20
C LEU A 1102 5.02 5.22 18.55
N VAL A 1103 4.03 5.00 17.70
CA VAL A 1103 4.01 3.79 16.88
C VAL A 1103 5.04 3.91 15.78
N SER A 1104 5.55 5.10 15.52
CA SER A 1104 6.61 5.21 14.55
C SER A 1104 7.92 4.67 15.06
N GLU A 1105 8.27 4.94 16.30
CA GLU A 1105 9.56 4.51 16.83
C GLU A 1105 9.49 3.21 17.61
N LEU A 1106 8.48 2.38 17.34
CA LEU A 1106 8.53 0.96 17.68
C LEU A 1106 8.53 0.09 16.44
N ALA A 1107 8.86 0.62 15.29
CA ALA A 1107 8.82 -0.18 14.09
C ALA A 1107 10.11 -0.96 13.99
N GLU A 1108 10.03 -2.14 13.42
CA GLU A 1108 11.21 -2.99 13.41
C GLU A 1108 11.04 -3.99 12.30
N ASP A 1109 12.13 -4.31 11.64
CA ASP A 1109 11.99 -5.19 10.50
C ASP A 1109 11.82 -6.62 10.99
N PRO A 1110 10.85 -7.38 10.50
CA PRO A 1110 10.64 -8.71 11.06
C PRO A 1110 11.83 -9.66 10.93
N ALA A 1111 12.73 -9.41 9.99
CA ALA A 1111 13.99 -10.15 10.01
C ALA A 1111 14.75 -9.90 11.29
N TYR A 1112 14.80 -8.65 11.74
CA TYR A 1112 15.39 -8.33 13.03
C TYR A 1112 14.50 -8.68 14.19
N ALA A 1113 13.26 -9.05 13.96
CA ALA A 1113 12.34 -9.33 15.05
C ALA A 1113 12.17 -10.81 15.24
N ILE A 1114 12.84 -11.62 14.43
CA ILE A 1114 12.92 -13.05 14.62
C ILE A 1114 14.32 -13.48 15.01
N ALA A 1115 15.34 -12.87 14.42
CA ALA A 1115 16.70 -13.22 14.79
C ALA A 1115 17.03 -12.77 16.21
N HIS A 1116 16.32 -11.77 16.73
CA HIS A 1116 16.47 -11.31 18.10
C HIS A 1116 15.07 -11.30 18.67
N GLY A 1117 14.85 -12.07 19.72
CA GLY A 1117 13.53 -12.62 19.93
C GLY A 1117 12.51 -11.64 20.45
N VAL A 1118 12.40 -10.46 19.82
CA VAL A 1118 11.72 -9.34 20.43
C VAL A 1118 10.23 -9.61 20.47
N ALA A 1119 9.61 -9.16 21.54
CA ALA A 1119 8.18 -9.22 21.71
C ALA A 1119 7.50 -8.21 20.82
N LEU A 1120 6.25 -8.46 20.48
CA LEU A 1120 5.42 -7.53 19.73
C LEU A 1120 4.43 -6.86 20.67
N ASN A 1121 3.88 -5.73 20.24
CA ASN A 1121 2.91 -5.02 21.05
C ASN A 1121 1.63 -5.81 20.98
N THR A 1122 1.11 -6.20 22.12
CA THR A 1122 -0.21 -6.80 22.18
C THR A 1122 -1.22 -5.78 22.65
N ASP A 1123 -0.80 -4.52 22.79
CA ASP A 1123 -1.72 -3.41 22.94
C ASP A 1123 -1.97 -2.83 21.57
N TYR A 1124 -0.91 -2.43 20.87
CA TYR A 1124 -1.02 -1.98 19.49
C TYR A 1124 -1.87 -2.91 18.65
N TYR A 1125 -1.48 -4.17 18.53
CA TYR A 1125 -2.19 -4.98 17.54
C TYR A 1125 -3.60 -5.28 17.94
N PHE A 1126 -3.96 -5.20 19.19
CA PHE A 1126 -5.34 -5.50 19.51
C PHE A 1126 -6.17 -4.26 19.46
N SER A 1127 -5.65 -3.15 19.94
CA SER A 1127 -6.34 -1.88 19.71
C SER A 1127 -6.54 -1.64 18.23
N HIS A 1128 -5.62 -2.12 17.39
CA HIS A 1128 -5.76 -2.02 15.95
C HIS A 1128 -6.77 -3.03 15.40
N LEU A 1129 -6.95 -4.16 16.06
CA LEU A 1129 -7.96 -5.10 15.60
C LEU A 1129 -9.34 -4.58 15.94
N LEU A 1130 -9.48 -3.97 17.10
CA LEU A 1130 -10.75 -3.38 17.41
C LEU A 1130 -10.93 -2.10 16.62
N GLY A 1131 -9.86 -1.44 16.24
CA GLY A 1131 -9.99 -0.31 15.35
C GLY A 1131 -10.56 -0.70 14.00
N ALA A 1132 -10.02 -1.74 13.40
CA ALA A 1132 -10.55 -2.23 12.13
C ALA A 1132 -12.01 -2.68 12.26
N ALA A 1133 -12.24 -3.68 13.11
CA ALA A 1133 -13.60 -4.06 13.47
C ALA A 1133 -14.53 -2.88 13.69
N CYS A 1134 -14.10 -1.89 14.45
CA CYS A 1134 -14.96 -0.73 14.69
C CYS A 1134 -15.24 0.05 13.43
N VAL A 1135 -14.24 0.31 12.59
CA VAL A 1135 -14.53 1.12 11.39
C VAL A 1135 -15.53 0.42 10.49
N THR A 1136 -15.44 -0.89 10.35
CA THR A 1136 -16.47 -1.48 9.50
C THR A 1136 -17.82 -1.55 10.21
N PHE A 1137 -17.86 -1.91 11.47
CA PHE A 1137 -19.13 -2.17 12.11
C PHE A 1137 -19.80 -0.98 12.77
N LYS A 1138 -19.18 0.18 12.86
CA LYS A 1138 -19.89 1.41 13.18
C LYS A 1138 -21.20 1.50 12.42
N ALA A 1139 -21.17 1.15 11.15
CA ALA A 1139 -22.29 1.31 10.24
C ALA A 1139 -23.58 0.71 10.75
N LEU A 1140 -23.53 -0.23 11.69
CA LEU A 1140 -24.75 -0.82 12.24
C LEU A 1140 -25.30 0.02 13.37
N PHE A 1141 -24.43 0.69 14.11
CA PHE A 1141 -24.74 1.18 15.43
C PHE A 1141 -25.25 2.60 15.46
N GLY A 1142 -25.42 3.28 14.33
CA GLY A 1142 -25.52 4.73 14.35
C GLY A 1142 -24.49 5.43 13.51
N ASN A 1143 -23.39 4.78 13.18
CA ASN A 1143 -22.29 5.36 12.43
C ASN A 1143 -21.44 6.31 13.25
N ASN A 1144 -21.51 6.27 14.58
CA ASN A 1144 -20.54 6.92 15.44
C ASN A 1144 -19.57 5.88 15.94
N ALA A 1145 -18.28 6.13 15.76
CA ALA A 1145 -17.28 5.16 16.11
C ALA A 1145 -17.03 5.07 17.60
N LYS A 1146 -17.55 5.99 18.40
CA LYS A 1146 -17.28 5.93 19.82
C LYS A 1146 -18.21 4.96 20.51
N ILE A 1147 -19.44 4.85 20.01
CA ILE A 1147 -20.37 3.89 20.59
C ILE A 1147 -19.93 2.48 20.23
N THR A 1148 -19.79 2.17 18.96
CA THR A 1148 -19.20 0.89 18.61
C THR A 1148 -17.91 0.59 19.34
N GLU A 1149 -16.89 1.46 19.32
CA GLU A 1149 -15.68 1.16 20.09
C GLU A 1149 -15.96 0.82 21.53
N SER A 1150 -17.03 1.34 22.12
CA SER A 1150 -17.34 1.03 23.50
C SER A 1150 -18.16 -0.23 23.65
N LEU A 1151 -18.78 -0.71 22.59
CA LEU A 1151 -19.65 -1.88 22.60
C LEU A 1151 -18.95 -3.11 22.09
N LEU A 1152 -18.09 -2.93 21.11
CA LEU A 1152 -17.29 -4.01 20.56
C LEU A 1152 -16.28 -4.53 21.57
N LYS A 1153 -15.67 -3.65 22.34
CA LYS A 1153 -14.68 -4.09 23.30
C LYS A 1153 -15.32 -4.56 24.59
N ARG A 1154 -16.57 -4.25 24.84
CA ARG A 1154 -17.26 -4.90 25.94
C ARG A 1154 -17.24 -6.42 25.84
N PHE A 1155 -17.10 -6.96 24.65
CA PHE A 1155 -17.04 -8.41 24.47
C PHE A 1155 -15.80 -8.98 25.13
N ILE A 1156 -14.65 -8.36 24.92
CA ILE A 1156 -13.35 -8.89 25.32
C ILE A 1156 -13.31 -9.03 26.83
N PRO A 1157 -13.01 -10.20 27.41
CA PRO A 1157 -12.90 -10.27 28.86
C PRO A 1157 -11.81 -9.36 29.38
N GLU A 1158 -12.09 -8.68 30.48
CA GLU A 1158 -11.11 -7.86 31.16
C GLU A 1158 -10.74 -8.58 32.44
N VAL A 1159 -9.47 -8.49 32.79
CA VAL A 1159 -8.87 -9.27 33.86
C VAL A 1159 -7.96 -8.36 34.63
N TRP A 1160 -7.85 -8.58 35.93
CA TRP A 1160 -7.03 -7.70 36.76
C TRP A 1160 -6.12 -8.49 37.69
N HIS A 1161 -4.87 -8.06 37.78
CA HIS A 1161 -3.96 -8.61 38.76
C HIS A 1161 -3.10 -7.48 39.29
N PRO A 1162 -2.70 -7.49 40.56
CA PRO A 1162 -1.64 -6.56 40.99
C PRO A 1162 -0.33 -6.84 40.29
N PRO A 1163 0.44 -5.82 39.91
CA PRO A 1163 1.75 -6.08 39.29
C PRO A 1163 2.62 -6.97 40.17
N ASP A 1164 2.96 -8.15 39.64
CA ASP A 1164 3.25 -9.33 40.43
C ASP A 1164 4.13 -9.11 41.66
N ASP A 1165 5.33 -8.56 41.47
CA ASP A 1165 6.23 -8.31 42.61
C ASP A 1165 5.53 -7.62 43.78
N VAL A 1166 4.70 -6.62 43.48
CA VAL A 1166 3.87 -6.03 44.51
C VAL A 1166 3.00 -7.09 45.18
N ALA A 1167 2.55 -8.08 44.42
CA ALA A 1167 1.79 -9.14 45.05
C ALA A 1167 2.67 -9.99 45.95
N ALA A 1168 3.91 -10.20 45.53
CA ALA A 1168 4.86 -10.92 46.39
C ALA A 1168 4.99 -10.21 47.73
N ARG A 1169 5.01 -8.87 47.68
CA ARG A 1169 5.19 -8.10 48.89
C ARG A 1169 3.94 -8.10 49.73
N LEU A 1170 2.81 -7.88 49.09
CA LEU A 1170 1.52 -7.90 49.77
C LEU A 1170 1.30 -9.25 50.47
N ARG A 1171 1.30 -10.34 49.69
CA ARG A 1171 1.32 -11.70 50.24
C ARG A 1171 2.26 -11.82 51.42
N ALA A 1172 3.51 -11.38 51.24
CA ALA A 1172 4.49 -11.40 52.32
C ALA A 1172 3.97 -10.62 53.52
N ALA A 1173 3.29 -9.51 53.28
CA ALA A 1173 2.57 -8.76 54.30
C ALA A 1173 1.36 -9.50 54.87
N GLY A 1174 1.08 -10.72 54.40
CA GLY A 1174 -0.02 -11.53 54.86
C GLY A 1174 -1.36 -10.90 54.58
N PHE A 1175 -1.62 -10.78 53.28
CA PHE A 1175 -2.94 -10.54 52.74
C PHE A 1175 -3.42 -11.85 52.14
N GLY A 1176 -4.69 -11.90 51.74
CA GLY A 1176 -5.22 -13.00 50.94
C GLY A 1176 -5.44 -12.63 49.49
N ALA A 1177 -5.12 -13.55 48.57
CA ALA A 1177 -5.44 -13.40 47.15
C ALA A 1177 -6.86 -13.87 46.89
N VAL A 1178 -7.66 -13.07 46.20
CA VAL A 1178 -9.12 -13.23 46.18
C VAL A 1178 -9.50 -13.35 44.71
N GLY A 1179 -9.61 -14.59 44.21
CA GLY A 1179 -10.09 -14.82 42.87
C GLY A 1179 -9.36 -15.91 42.11
N ALA A 1180 -8.92 -15.52 40.92
CA ALA A 1180 -8.19 -16.41 40.01
C ALA A 1180 -6.88 -16.90 40.60
N GLY A 1181 -6.12 -16.02 41.25
CA GLY A 1181 -4.84 -16.49 41.74
C GLY A 1181 -4.97 -17.49 42.86
N ALA A 1182 -6.09 -17.46 43.58
CA ALA A 1182 -6.55 -18.57 44.38
C ALA A 1182 -7.52 -19.41 43.55
N THR A 1183 -8.12 -20.42 44.16
CA THR A 1183 -9.27 -21.08 43.55
C THR A 1183 -10.52 -20.55 44.23
N ALA A 1184 -11.67 -21.01 43.73
CA ALA A 1184 -12.90 -20.23 43.81
C ALA A 1184 -13.57 -20.26 45.17
N GLU A 1185 -13.10 -21.08 46.10
CA GLU A 1185 -13.61 -21.07 47.47
C GLU A 1185 -12.57 -20.63 48.47
N GLU A 1186 -11.47 -20.05 48.01
CA GLU A 1186 -10.60 -19.28 48.88
C GLU A 1186 -10.92 -17.80 48.78
N THR A 1187 -11.62 -17.38 47.72
CA THR A 1187 -11.94 -15.97 47.53
C THR A 1187 -13.02 -15.51 48.51
N ARG A 1188 -14.07 -16.29 48.68
CA ARG A 1188 -15.21 -15.75 49.41
C ARG A 1188 -14.97 -15.70 50.91
N ARG A 1189 -14.27 -16.69 51.45
CA ARG A 1189 -14.26 -16.83 52.90
C ARG A 1189 -13.35 -15.77 53.52
N MET A 1190 -12.19 -15.60 52.91
CA MET A 1190 -11.21 -14.64 53.35
C MET A 1190 -11.63 -13.22 53.02
N LEU A 1191 -12.23 -12.98 51.85
CA LEU A 1191 -12.81 -11.67 51.64
C LEU A 1191 -13.95 -11.37 52.61
N HIS A 1192 -14.54 -12.40 53.22
CA HIS A 1192 -15.45 -12.12 54.32
C HIS A 1192 -14.70 -11.63 55.54
N ARG A 1193 -13.53 -12.21 55.79
CA ARG A 1193 -12.74 -11.79 56.96
C ARG A 1193 -12.20 -10.36 56.80
N ALA A 1194 -11.76 -10.03 55.58
CA ALA A 1194 -11.23 -8.69 55.29
C ALA A 1194 -12.20 -7.58 55.64
N PHE A 1195 -13.47 -7.89 55.64
CA PHE A 1195 -14.44 -6.86 55.85
C PHE A 1195 -14.50 -6.55 57.32
N ASP A 1196 -14.48 -7.59 58.17
CA ASP A 1196 -14.37 -7.37 59.60
C ASP A 1196 -13.10 -6.61 59.93
N THR A 1197 -12.04 -6.85 59.17
CA THR A 1197 -10.80 -6.12 59.39
C THR A 1197 -11.02 -4.63 59.20
N LEU A 1198 -11.47 -4.23 58.02
CA LEU A 1198 -11.61 -2.80 57.75
C LEU A 1198 -12.84 -2.20 58.43
N ALA A 1199 -13.93 -2.94 58.52
CA ALA A 1199 -15.08 -2.52 59.30
C ALA A 1199 -14.66 -2.21 60.74
N GLY B 28 -36.97 -10.11 39.52
CA GLY B 28 -36.32 -10.47 38.28
C GLY B 28 -34.85 -10.73 38.48
N ALA B 29 -34.08 -9.66 38.70
CA ALA B 29 -32.68 -9.82 38.98
C ALA B 29 -32.51 -10.45 40.36
N PRO B 30 -31.78 -11.56 40.50
CA PRO B 30 -31.61 -12.11 41.85
C PRO B 30 -30.97 -11.13 42.79
N CYS B 31 -29.86 -10.54 42.36
CA CYS B 31 -28.98 -9.70 43.18
C CYS B 31 -29.34 -8.23 43.01
N GLN B 32 -30.38 -7.83 43.72
CA GLN B 32 -30.96 -6.50 43.66
C GLN B 32 -30.50 -5.72 44.89
N VAL B 33 -29.84 -4.60 44.67
CA VAL B 33 -29.53 -3.64 45.71
C VAL B 33 -30.02 -2.27 45.29
N VAL B 34 -30.62 -1.60 46.26
CA VAL B 34 -31.29 -0.34 46.04
C VAL B 34 -30.81 0.65 47.08
N LEU B 35 -30.69 1.90 46.69
CA LEU B 35 -30.42 3.00 47.61
C LEU B 35 -31.65 3.89 47.59
N GLN B 36 -32.48 3.77 48.63
CA GLN B 36 -33.68 4.58 48.82
C GLN B 36 -33.32 5.86 49.54
N GLY B 37 -34.08 6.91 49.25
CA GLY B 37 -33.66 8.28 49.51
C GLY B 37 -32.95 8.61 50.81
N ALA B 38 -33.42 8.16 51.97
CA ALA B 38 -32.75 8.49 53.23
C ALA B 38 -31.35 7.86 53.31
N GLU B 39 -31.24 6.62 52.91
CA GLU B 39 -29.92 6.01 52.94
C GLU B 39 -29.08 6.55 51.80
N LEU B 40 -29.70 6.77 50.66
CA LEU B 40 -28.97 7.36 49.55
C LEU B 40 -28.36 8.71 49.91
N ASN B 41 -29.05 9.57 50.67
CA ASN B 41 -28.35 10.81 51.05
C ASN B 41 -27.40 10.55 52.19
N GLY B 42 -27.48 9.40 52.86
CA GLY B 42 -26.38 8.99 53.71
C GLY B 42 -25.12 8.67 52.90
N ILE B 43 -25.25 7.83 51.87
CA ILE B 43 -24.03 7.46 51.15
C ILE B 43 -23.61 8.56 50.19
N LEU B 44 -24.48 9.50 49.87
CA LEU B 44 -24.01 10.61 49.05
C LEU B 44 -23.02 11.46 49.81
N GLN B 45 -23.29 11.68 51.09
CA GLN B 45 -22.34 12.42 51.91
C GLN B 45 -21.14 11.57 52.27
N ALA B 46 -21.32 10.26 52.35
CA ALA B 46 -20.17 9.43 52.65
C ALA B 46 -19.18 9.43 51.48
N PHE B 47 -19.68 9.37 50.26
CA PHE B 47 -18.83 9.44 49.08
C PHE B 47 -18.34 10.83 48.75
N ALA B 48 -19.06 11.87 49.17
CA ALA B 48 -18.74 13.22 48.71
C ALA B 48 -17.30 13.63 48.97
N PRO B 49 -16.74 13.51 50.19
CA PRO B 49 -15.39 14.02 50.42
C PRO B 49 -14.33 13.49 49.49
N LEU B 50 -14.50 12.31 48.93
CA LEU B 50 -13.41 11.67 48.22
C LEU B 50 -13.45 12.07 46.77
N ARG B 51 -13.48 13.37 46.50
CA ARG B 51 -13.79 13.86 45.16
C ARG B 51 -12.87 13.23 44.11
N THR B 52 -13.49 12.57 43.13
CA THR B 52 -12.83 11.95 41.97
C THR B 52 -11.67 11.05 42.36
N SER B 53 -11.69 10.50 43.58
CA SER B 53 -10.89 9.36 43.91
C SER B 53 -11.87 8.22 44.05
N LEU B 54 -11.44 7.01 43.77
CA LEU B 54 -12.29 5.84 43.79
C LEU B 54 -13.18 5.79 42.55
N LEU B 55 -13.13 6.76 41.64
CA LEU B 55 -13.82 6.60 40.38
C LEU B 55 -12.99 5.84 39.37
N ASP B 56 -11.88 5.23 39.79
CA ASP B 56 -11.22 4.17 39.04
C ASP B 56 -11.20 2.90 39.85
N SER B 57 -12.09 2.82 40.84
CA SER B 57 -12.17 1.75 41.78
C SER B 57 -12.41 0.41 41.14
N LEU B 58 -12.17 -0.61 41.92
CA LEU B 58 -12.62 -1.97 41.65
C LEU B 58 -13.66 -2.34 42.70
N LEU B 59 -14.93 -2.37 42.32
CA LEU B 59 -15.99 -2.77 43.24
C LEU B 59 -16.02 -4.28 43.36
N VAL B 60 -15.79 -4.81 44.55
CA VAL B 60 -15.95 -6.23 44.86
C VAL B 60 -17.22 -6.41 45.68
N MET B 61 -18.18 -7.15 45.16
CA MET B 61 -19.48 -7.31 45.78
C MET B 61 -19.65 -8.76 46.15
N GLY B 62 -19.93 -9.02 47.42
CA GLY B 62 -20.16 -10.35 47.92
C GLY B 62 -21.46 -10.34 48.67
N ASP B 63 -21.75 -11.38 49.46
CA ASP B 63 -23.00 -11.38 50.21
C ASP B 63 -23.09 -10.26 51.24
N ARG B 64 -21.99 -9.62 51.61
CA ARG B 64 -21.92 -8.86 52.84
C ARG B 64 -21.97 -7.36 52.63
N GLY B 65 -22.05 -6.90 51.42
CA GLY B 65 -22.05 -5.49 51.16
C GLY B 65 -21.36 -5.27 49.83
N ILE B 66 -20.54 -4.23 49.78
CA ILE B 66 -19.75 -3.97 48.61
C ILE B 66 -18.51 -3.22 49.07
N LEU B 67 -17.37 -3.59 48.53
CA LEU B 67 -16.08 -3.11 48.98
C LEU B 67 -15.42 -2.50 47.77
N ILE B 68 -14.70 -1.42 47.95
CA ILE B 68 -14.25 -0.63 46.82
C ILE B 68 -12.77 -0.45 47.02
N HIS B 69 -12.00 -0.69 45.99
CA HIS B 69 -10.56 -0.80 46.13
C HIS B 69 -9.88 0.14 45.15
N ASN B 70 -8.68 0.61 45.50
CA ASN B 70 -7.90 1.31 44.49
C ASN B 70 -6.47 1.54 44.97
N THR B 71 -5.59 1.70 43.99
CA THR B 71 -4.24 2.18 44.21
C THR B 71 -4.23 3.69 44.05
N ILE B 72 -3.92 4.41 45.12
CA ILE B 72 -3.84 5.85 45.11
C ILE B 72 -2.43 6.26 45.52
N PHE B 73 -1.73 6.99 44.64
CA PHE B 73 -0.27 7.21 44.75
C PHE B 73 0.47 5.92 45.11
N GLY B 74 0.32 4.92 44.27
CA GLY B 74 0.85 3.59 44.54
C GLY B 74 0.64 3.09 45.96
N GLU B 75 -0.55 3.22 46.52
CA GLU B 75 -0.79 2.62 47.82
C GLU B 75 -2.25 2.21 47.95
N GLN B 76 -2.52 1.18 48.73
CA GLN B 76 -3.83 0.54 48.77
C GLN B 76 -4.85 1.34 49.57
N VAL B 77 -6.08 1.45 49.05
CA VAL B 77 -7.14 2.19 49.72
C VAL B 77 -8.48 1.49 49.48
N PHE B 78 -9.31 1.47 50.51
CA PHE B 78 -10.49 0.61 50.58
C PHE B 78 -11.66 1.40 51.08
N LEU B 79 -12.84 0.94 50.77
CA LEU B 79 -14.06 1.59 51.26
C LEU B 79 -15.16 0.55 51.38
N PRO B 80 -15.40 0.00 52.57
CA PRO B 80 -16.57 -0.85 52.77
C PRO B 80 -17.90 -0.12 52.72
N LEU B 81 -18.93 -0.82 52.26
CA LEU B 81 -20.29 -0.31 52.09
C LEU B 81 -21.35 -1.28 52.65
N GLU B 82 -21.15 -1.78 53.86
CA GLU B 82 -21.93 -2.88 54.43
C GLU B 82 -23.44 -2.55 54.45
N HIS B 83 -24.24 -3.61 54.59
CA HIS B 83 -25.70 -3.61 54.34
C HIS B 83 -26.40 -2.38 54.88
N SER B 84 -26.24 -2.15 56.17
CA SER B 84 -26.92 -1.07 56.89
C SER B 84 -26.73 0.28 56.23
N GLN B 85 -25.68 0.45 55.43
CA GLN B 85 -25.45 1.72 54.77
C GLN B 85 -26.62 2.06 53.86
N PHE B 86 -26.94 1.21 52.90
CA PHE B 86 -28.04 1.45 51.97
C PHE B 86 -29.24 0.58 52.29
N SER B 87 -30.33 0.79 51.53
CA SER B 87 -31.66 0.41 51.99
C SER B 87 -31.77 -1.09 52.22
N ARG B 88 -31.58 -1.87 51.17
CA ARG B 88 -31.59 -3.33 51.27
C ARG B 88 -30.54 -3.88 50.33
N TYR B 89 -30.07 -5.06 50.65
CA TYR B 89 -29.12 -5.81 49.83
C TYR B 89 -29.61 -7.22 49.77
N ARG B 90 -29.49 -7.82 48.60
CA ARG B 90 -29.80 -9.23 48.43
C ARG B 90 -28.91 -9.69 47.31
N TRP B 91 -28.18 -10.77 47.55
CA TRP B 91 -27.16 -11.24 46.64
C TRP B 91 -27.13 -12.75 46.73
N ARG B 92 -26.86 -13.40 45.62
CA ARG B 92 -26.62 -14.83 45.68
C ARG B 92 -25.68 -15.23 44.58
N GLY B 93 -24.96 -16.31 44.83
CA GLY B 93 -23.89 -16.76 43.98
C GLY B 93 -22.57 -16.09 44.26
N PRO B 94 -21.57 -16.43 43.45
CA PRO B 94 -20.19 -16.00 43.73
C PRO B 94 -20.02 -14.49 43.79
N THR B 95 -19.06 -14.05 44.60
CA THR B 95 -18.78 -12.62 44.67
C THR B 95 -18.26 -12.14 43.34
N ALA B 96 -18.79 -11.02 42.87
CA ALA B 96 -18.46 -10.46 41.58
C ALA B 96 -17.50 -9.30 41.76
N ALA B 97 -16.75 -8.99 40.72
CA ALA B 97 -15.93 -7.80 40.75
C ALA B 97 -16.03 -7.04 39.46
N PHE B 98 -16.38 -5.76 39.59
CA PHE B 98 -16.67 -4.86 38.48
C PHE B 98 -15.62 -3.76 38.44
N LEU B 99 -14.89 -3.72 37.37
CA LEU B 99 -13.80 -2.79 37.22
C LEU B 99 -14.40 -1.46 36.89
N SER B 100 -14.67 -0.66 37.93
CA SER B 100 -15.65 0.41 37.97
C SER B 100 -15.73 1.30 36.74
N LEU B 101 -14.63 1.65 36.14
CA LEU B 101 -14.66 2.62 35.05
C LEU B 101 -15.35 2.03 33.83
N VAL B 102 -16.58 2.51 33.58
CA VAL B 102 -17.55 1.89 32.66
C VAL B 102 -17.53 2.60 31.32
N ASP B 103 -17.13 1.88 30.28
CA ASP B 103 -16.85 2.44 28.96
C ASP B 103 -15.67 3.38 28.98
N GLN B 104 -14.78 3.25 29.96
CA GLN B 104 -13.47 3.88 30.02
C GLN B 104 -13.47 5.40 30.10
N LYS B 105 -14.61 6.06 30.22
CA LYS B 105 -14.62 7.46 30.66
C LYS B 105 -15.59 7.71 31.79
N ARG B 106 -16.61 6.88 31.94
N ARG B 106 -16.64 6.91 31.93
CA ARG B 106 -17.73 7.08 32.84
CA ARG B 106 -17.72 7.13 32.88
C ARG B 106 -17.62 6.07 33.97
C ARG B 106 -17.63 6.08 33.96
N SER B 107 -18.06 6.42 35.17
CA SER B 107 -17.68 5.66 36.33
C SER B 107 -18.88 5.27 37.16
N LEU B 108 -18.96 3.97 37.43
CA LEU B 108 -20.08 3.37 38.14
C LEU B 108 -20.46 4.11 39.41
N LEU B 109 -19.51 4.78 40.06
CA LEU B 109 -19.78 5.55 41.27
C LEU B 109 -19.86 7.05 41.02
N SER B 110 -19.86 7.52 39.76
CA SER B 110 -20.06 8.93 39.49
C SER B 110 -21.35 9.44 40.11
N VAL B 111 -22.38 8.62 40.11
CA VAL B 111 -23.69 9.02 40.62
C VAL B 111 -23.63 9.59 42.03
N PHE B 112 -22.59 9.26 42.81
CA PHE B 112 -22.50 9.75 44.18
C PHE B 112 -21.51 10.89 44.35
N ARG B 113 -21.21 11.66 43.32
CA ARG B 113 -20.20 12.70 43.52
C ARG B 113 -20.72 13.94 44.21
N ALA B 114 -21.97 13.97 44.66
CA ALA B 114 -22.55 14.96 45.56
C ALA B 114 -22.82 16.31 44.90
N ASN B 115 -22.46 16.50 43.62
CA ASN B 115 -23.00 17.58 42.82
C ASN B 115 -23.40 17.13 41.41
N GLN B 116 -23.17 15.88 41.05
CA GLN B 116 -23.68 15.31 39.81
C GLN B 116 -25.06 14.72 40.05
N TYR B 117 -26.01 15.09 39.21
CA TYR B 117 -27.39 14.62 39.28
C TYR B 117 -28.00 15.07 40.60
N PRO B 118 -28.08 16.38 40.84
CA PRO B 118 -28.13 16.89 42.22
C PRO B 118 -29.28 16.36 43.08
N ASP B 119 -30.51 16.42 42.62
CA ASP B 119 -31.67 16.07 43.48
C ASP B 119 -32.04 14.61 43.25
N LEU B 120 -31.21 13.72 43.75
CA LEU B 120 -31.34 12.32 43.41
C LEU B 120 -32.44 11.65 44.23
N ARG B 121 -32.85 10.50 43.74
CA ARG B 121 -33.71 9.57 44.41
C ARG B 121 -33.22 8.20 43.98
N ARG B 122 -34.02 7.20 44.29
CA ARG B 122 -33.66 5.80 44.36
C ARG B 122 -32.72 5.38 43.23
N VAL B 123 -31.60 4.73 43.60
CA VAL B 123 -30.69 4.19 42.59
C VAL B 123 -30.66 2.69 42.74
N GLU B 124 -30.84 2.01 41.62
CA GLU B 124 -31.02 0.56 41.55
C GLU B 124 -29.81 -0.07 40.90
N LEU B 125 -28.91 -0.59 41.70
CA LEU B 125 -27.91 -1.53 41.23
C LEU B 125 -28.53 -2.91 41.19
N ALA B 126 -28.47 -3.59 40.05
CA ALA B 126 -28.89 -4.99 40.06
C ALA B 126 -28.07 -5.78 39.07
N ILE B 127 -27.86 -7.06 39.35
CA ILE B 127 -27.06 -7.90 38.44
C ILE B 127 -27.86 -9.15 38.15
N THR B 128 -28.15 -9.39 36.86
CA THR B 128 -29.02 -10.47 36.48
C THR B 128 -28.32 -11.71 35.96
N GLY B 129 -26.99 -11.74 35.87
CA GLY B 129 -26.40 -12.82 35.10
C GLY B 129 -26.41 -14.19 35.75
N GLN B 130 -25.47 -15.05 35.34
CA GLN B 130 -25.05 -16.20 36.12
C GLN B 130 -23.53 -16.18 36.26
N ALA B 131 -22.93 -17.23 36.82
CA ALA B 131 -21.75 -17.05 37.68
C ALA B 131 -20.57 -16.36 37.00
N PRO B 132 -19.96 -16.90 35.95
CA PRO B 132 -18.82 -16.20 35.34
C PRO B 132 -19.14 -14.82 34.79
N PHE B 133 -20.16 -14.73 33.92
CA PHE B 133 -20.41 -13.62 33.00
C PHE B 133 -21.41 -12.59 33.51
N ARG B 134 -21.55 -12.46 34.82
CA ARG B 134 -22.47 -11.52 35.46
C ARG B 134 -22.38 -10.14 34.85
N THR B 135 -23.50 -9.45 34.76
CA THR B 135 -23.45 -8.04 34.39
C THR B 135 -24.46 -7.23 35.19
N LEU B 136 -24.03 -6.02 35.52
CA LEU B 136 -24.61 -5.18 36.56
C LEU B 136 -25.13 -3.91 35.93
N VAL B 137 -26.36 -3.56 36.21
CA VAL B 137 -27.03 -2.42 35.63
C VAL B 137 -27.27 -1.41 36.73
N GLN B 138 -26.73 -0.20 36.57
CA GLN B 138 -26.93 0.92 37.48
C GLN B 138 -27.97 1.85 36.91
N ARG B 139 -29.18 1.79 37.45
CA ARG B 139 -30.31 2.59 37.04
C ARG B 139 -30.44 3.77 37.98
N ILE B 140 -30.56 4.99 37.44
CA ILE B 140 -30.63 6.21 38.25
C ILE B 140 -32.03 6.78 38.14
N TRP B 141 -32.52 7.40 39.22
CA TRP B 141 -33.80 8.09 39.21
C TRP B 141 -33.62 9.50 39.77
N THR B 142 -34.30 10.47 39.15
CA THR B 142 -34.05 11.88 39.38
C THR B 142 -35.35 12.60 39.72
N THR B 143 -35.39 13.31 40.84
CA THR B 143 -36.64 13.90 41.33
C THR B 143 -37.22 14.84 40.28
N THR B 144 -38.51 15.15 40.45
CA THR B 144 -39.23 16.20 39.74
C THR B 144 -40.26 16.66 40.76
N SER B 145 -40.22 17.95 41.10
CA SER B 145 -40.62 18.38 42.43
C SER B 145 -42.14 18.41 42.54
N ASP B 146 -42.69 17.21 42.66
CA ASP B 146 -43.99 16.97 43.25
C ASP B 146 -43.94 15.81 44.25
N GLY B 147 -42.85 15.05 44.22
CA GLY B 147 -42.72 13.69 44.68
C GLY B 147 -42.49 12.78 43.50
N GLU B 148 -42.38 13.34 42.28
CA GLU B 148 -42.22 12.61 41.05
C GLU B 148 -40.75 12.29 40.82
N ALA B 149 -40.49 11.38 39.87
CA ALA B 149 -39.12 11.24 39.44
C ALA B 149 -39.02 10.48 38.13
N VAL B 150 -38.08 10.95 37.33
CA VAL B 150 -37.81 10.48 35.98
C VAL B 150 -36.60 9.58 36.04
N GLU B 151 -36.77 8.30 35.77
CA GLU B 151 -35.60 7.49 35.50
C GLU B 151 -34.98 7.99 34.21
N LEU B 152 -33.78 8.53 34.30
CA LEU B 152 -33.03 8.94 33.14
C LEU B 152 -32.39 7.70 32.59
N ALA B 153 -33.08 7.03 31.67
CA ALA B 153 -32.45 5.96 30.91
C ALA B 153 -31.69 6.57 29.75
N SER B 154 -30.79 7.48 30.07
CA SER B 154 -29.89 8.18 29.17
C SER B 154 -28.46 8.15 29.69
N GLU B 155 -28.28 7.92 31.00
CA GLU B 155 -27.01 7.82 31.68
C GLU B 155 -26.91 6.55 32.51
N THR B 156 -27.84 5.61 32.35
CA THR B 156 -27.83 4.38 33.14
C THR B 156 -26.76 3.45 32.62
N LEU B 157 -26.07 2.77 33.54
CA LEU B 157 -24.83 2.09 33.22
C LEU B 157 -25.00 0.58 33.19
N MET B 158 -24.15 -0.05 32.39
CA MET B 158 -24.15 -1.49 32.17
C MET B 158 -22.71 -1.96 32.29
N LYS B 159 -22.31 -2.54 33.41
CA LYS B 159 -20.99 -3.12 33.54
C LYS B 159 -21.07 -4.63 33.49
N ARG B 160 -19.90 -5.26 33.41
CA ARG B 160 -19.78 -6.71 33.32
C ARG B 160 -18.67 -7.17 34.24
N GLU B 161 -18.85 -8.35 34.79
CA GLU B 161 -17.93 -8.90 35.76
C GLU B 161 -16.57 -9.12 35.14
N LEU B 162 -15.54 -8.77 35.89
CA LEU B 162 -14.22 -9.22 35.53
C LEU B 162 -14.22 -10.72 35.55
N THR B 163 -13.61 -11.34 34.54
CA THR B 163 -13.67 -12.79 34.54
C THR B 163 -12.86 -13.36 35.67
N SER B 164 -11.60 -12.93 35.77
CA SER B 164 -10.69 -13.46 36.77
C SER B 164 -9.96 -12.29 37.41
N PHE B 165 -10.15 -12.09 38.72
CA PHE B 165 -9.70 -10.87 39.38
C PHE B 165 -9.09 -11.25 40.70
N VAL B 166 -7.84 -10.87 40.98
CA VAL B 166 -7.21 -11.20 42.24
C VAL B 166 -6.84 -9.91 42.93
N VAL B 167 -7.42 -9.70 44.10
CA VAL B 167 -7.28 -8.45 44.84
C VAL B 167 -6.87 -8.84 46.24
N LEU B 168 -5.86 -8.19 46.76
CA LEU B 168 -5.26 -8.53 48.03
C LEU B 168 -5.88 -7.67 49.11
N VAL B 169 -6.68 -8.26 49.98
CA VAL B 169 -7.49 -7.48 50.92
C VAL B 169 -6.93 -7.59 52.34
N PRO B 170 -6.87 -6.48 53.13
CA PRO B 170 -6.36 -6.57 54.45
C PRO B 170 -7.11 -7.57 55.28
N GLN B 171 -6.40 -8.21 56.18
CA GLN B 171 -7.08 -9.10 57.07
C GLN B 171 -6.38 -9.08 58.40
N GLY B 172 -7.10 -9.59 59.39
CA GLY B 172 -6.56 -9.77 60.71
C GLY B 172 -7.31 -8.93 61.72
N THR B 173 -6.59 -8.55 62.77
CA THR B 173 -7.06 -7.65 63.79
C THR B 173 -5.84 -6.81 64.14
N PRO B 174 -5.92 -5.49 64.11
CA PRO B 174 -4.79 -4.69 64.57
C PRO B 174 -4.51 -4.92 66.03
N ASP B 175 -3.30 -4.57 66.45
CA ASP B 175 -2.89 -4.78 67.83
C ASP B 175 -2.86 -3.50 68.65
N VAL B 176 -2.69 -2.34 68.04
CA VAL B 176 -2.92 -1.08 68.74
C VAL B 176 -3.67 -0.17 67.78
N GLN B 177 -4.96 -0.02 67.99
CA GLN B 177 -5.76 0.94 67.24
C GLN B 177 -5.98 2.15 68.14
N LEU B 178 -5.43 3.29 67.73
CA LEU B 178 -5.63 4.55 68.42
C LEU B 178 -6.54 5.43 67.59
N ARG B 179 -7.27 6.34 68.25
CA ARG B 179 -8.21 7.25 67.58
C ARG B 179 -7.53 8.60 67.53
N LEU B 180 -7.02 8.94 66.37
CA LEU B 180 -6.19 10.12 66.18
C LEU B 180 -7.08 11.08 65.38
N THR B 181 -7.59 12.10 66.07
CA THR B 181 -8.78 12.82 65.61
C THR B 181 -8.38 13.96 64.68
N ARG B 182 -9.34 14.81 64.35
CA ARG B 182 -9.26 15.60 63.11
C ARG B 182 -8.07 16.54 63.05
N PRO B 183 -7.78 17.37 64.06
CA PRO B 183 -6.58 18.21 63.92
C PRO B 183 -5.29 17.42 63.84
N GLN B 184 -5.08 16.50 64.79
CA GLN B 184 -3.76 15.90 64.91
C GLN B 184 -3.41 14.98 63.76
N LEU B 185 -4.38 14.58 62.94
CA LEU B 185 -4.04 13.77 61.78
C LEU B 185 -3.59 14.65 60.63
N THR B 186 -3.64 15.96 60.82
CA THR B 186 -2.90 16.88 60.00
C THR B 186 -1.51 17.08 60.56
N LYS B 187 -1.41 17.19 61.89
CA LYS B 187 -0.10 17.33 62.53
C LYS B 187 0.82 16.18 62.15
N VAL B 188 0.31 14.96 62.06
CA VAL B 188 1.20 13.83 61.80
C VAL B 188 1.64 13.83 60.35
N LEU B 189 0.72 14.02 59.43
CA LEU B 189 1.08 14.03 58.01
C LEU B 189 2.03 15.18 57.71
N ASN B 190 1.86 16.33 58.37
CA ASN B 190 2.88 17.37 58.20
C ASN B 190 4.18 16.95 58.85
N ALA B 191 4.10 16.20 59.94
CA ALA B 191 5.31 15.76 60.60
C ALA B 191 6.09 14.78 59.73
N THR B 192 5.43 14.17 58.74
CA THR B 192 6.13 13.34 57.79
C THR B 192 6.86 14.23 56.79
N GLY B 193 7.71 13.63 55.95
CA GLY B 193 8.60 14.40 55.11
C GLY B 193 8.25 14.33 53.63
N ALA B 194 9.16 14.89 52.84
CA ALA B 194 8.90 15.15 51.42
C ALA B 194 9.23 13.95 50.54
N ASP B 195 10.46 13.45 50.62
CA ASP B 195 10.89 12.39 49.71
C ASP B 195 11.67 11.35 50.49
N SER B 196 12.28 10.41 49.75
CA SER B 196 12.77 9.17 50.33
C SER B 196 13.97 9.36 51.26
N ALA B 197 14.55 10.56 51.30
CA ALA B 197 15.71 10.81 52.14
C ALA B 197 15.41 10.57 53.61
N THR B 198 14.16 10.76 54.04
CA THR B 198 13.83 11.12 55.42
C THR B 198 12.70 10.23 55.93
N PRO B 199 13.01 8.98 56.29
CA PRO B 199 11.99 8.07 56.82
C PRO B 199 11.52 8.46 58.22
N THR B 200 10.21 8.67 58.33
CA THR B 200 9.53 9.01 59.56
C THR B 200 9.31 7.75 60.38
N THR B 201 9.14 7.90 61.69
CA THR B 201 9.17 6.77 62.59
C THR B 201 8.05 6.95 63.61
N PHE B 202 7.09 6.05 63.56
CA PHE B 202 6.04 5.97 64.54
C PHE B 202 6.59 5.15 65.67
N GLU B 203 6.48 5.63 66.89
CA GLU B 203 7.09 4.89 67.99
C GLU B 203 6.28 5.17 69.24
N LEU B 204 5.45 4.20 69.59
CA LEU B 204 4.82 4.24 70.88
C LEU B 204 5.80 3.67 71.89
N GLY B 205 6.09 4.44 72.93
CA GLY B 205 6.93 4.00 74.01
C GLY B 205 6.08 3.58 75.21
N VAL B 206 6.79 3.22 76.28
CA VAL B 206 6.12 2.75 77.48
C VAL B 206 5.26 3.87 78.03
N ASN B 207 4.12 3.49 78.63
CA ASN B 207 3.15 4.45 79.14
C ASN B 207 2.57 5.36 78.05
N GLY B 208 2.45 4.85 76.82
CA GLY B 208 1.78 5.61 75.79
C GLY B 208 2.34 6.96 75.37
N LYS B 209 3.53 6.98 74.79
CA LYS B 209 4.08 8.19 74.21
C LYS B 209 3.49 8.44 72.83
N PHE B 210 3.55 7.45 71.95
CA PHE B 210 3.02 7.56 70.60
C PHE B 210 3.57 8.78 69.86
N SER B 211 4.87 8.81 69.66
CA SER B 211 5.47 9.96 68.99
C SER B 211 5.79 9.61 67.55
N VAL B 212 5.44 10.52 66.64
CA VAL B 212 5.89 10.48 65.25
C VAL B 212 7.20 11.27 65.17
N PHE B 213 8.31 10.58 65.23
CA PHE B 213 9.62 11.19 65.16
C PHE B 213 10.10 11.31 63.73
N THR B 214 10.96 12.29 63.51
CA THR B 214 11.75 12.39 62.29
C THR B 214 12.73 13.53 62.50
N THR B 215 13.70 13.64 61.59
CA THR B 215 14.79 14.59 61.76
C THR B 215 14.30 16.03 61.83
N SER B 216 13.18 16.34 61.19
CA SER B 216 12.73 17.72 61.04
C SER B 216 11.87 18.14 62.21
N THR B 217 10.89 17.32 62.57
CA THR B 217 10.08 17.64 63.74
C THR B 217 9.42 16.38 64.28
N CYS B 218 8.84 16.55 65.44
CA CYS B 218 8.38 15.49 66.29
C CYS B 218 7.03 15.90 66.83
N VAL B 219 6.12 14.95 66.93
CA VAL B 219 4.78 15.20 67.44
C VAL B 219 4.47 14.10 68.43
N THR B 220 3.95 14.50 69.59
CA THR B 220 3.79 13.57 70.69
C THR B 220 2.38 13.68 71.25
N PHE B 221 1.98 12.62 71.93
CA PHE B 221 0.58 12.38 72.25
C PHE B 221 0.50 11.64 73.56
N ALA B 222 -0.68 11.64 74.15
CA ALA B 222 -0.99 10.74 75.25
C ALA B 222 -1.87 9.65 74.69
N ALA B 223 -1.55 8.39 75.02
CA ALA B 223 -2.24 7.22 74.48
C ALA B 223 -2.99 6.55 75.63
N ARG B 224 -4.30 6.41 75.49
CA ARG B 224 -5.16 6.16 76.64
C ARG B 224 -6.05 4.96 76.37
N GLU B 225 -7.00 4.69 77.27
CA GLU B 225 -8.01 3.67 77.08
C GLU B 225 -9.37 4.21 77.50
N ASN B 252 -5.74 18.96 77.33
CA ASN B 252 -6.43 17.69 77.41
C ASN B 252 -6.80 17.16 76.04
N ALA B 253 -6.80 18.02 75.02
CA ALA B 253 -6.91 17.54 73.64
C ALA B 253 -5.56 17.09 73.08
N LYS B 254 -4.90 16.19 73.80
CA LYS B 254 -3.88 15.30 73.26
C LYS B 254 -4.10 13.89 73.81
N THR B 255 -5.30 13.61 74.31
CA THR B 255 -5.68 12.29 74.80
C THR B 255 -6.18 11.50 73.59
N VAL B 256 -5.28 10.73 73.01
CA VAL B 256 -5.52 9.92 71.84
C VAL B 256 -6.02 8.57 72.34
N TYR B 257 -7.29 8.32 72.09
CA TYR B 257 -8.05 7.25 72.68
C TYR B 257 -7.95 6.03 71.77
N GLY B 258 -7.62 4.89 72.33
CA GLY B 258 -7.52 3.67 71.55
C GLY B 258 -7.88 2.48 72.38
N GLU B 259 -7.11 1.42 72.26
CA GLU B 259 -7.32 0.30 73.16
C GLU B 259 -6.10 -0.61 73.13
N ASN B 260 -5.87 -1.26 74.27
CA ASN B 260 -4.81 -2.25 74.43
C ASN B 260 -3.45 -1.69 73.95
N THR B 261 -3.29 -0.38 74.10
CA THR B 261 -2.15 0.36 73.56
C THR B 261 -0.82 -0.08 74.16
N HIS B 262 -0.84 -0.79 75.28
CA HIS B 262 0.38 -1.18 75.98
C HIS B 262 1.34 -1.96 75.09
N ARG B 263 0.87 -2.64 74.04
CA ARG B 263 1.82 -3.45 73.30
C ARG B 263 2.68 -2.51 72.46
N THR B 264 3.84 -2.17 73.03
CA THR B 264 4.76 -1.19 72.47
C THR B 264 5.24 -1.58 71.08
N PHE B 265 5.37 -0.58 70.22
CA PHE B 265 5.97 -0.76 68.90
C PHE B 265 6.90 0.40 68.58
N SER B 266 7.85 0.14 67.71
CA SER B 266 8.50 1.17 66.93
C SER B 266 8.54 0.69 65.49
N VAL B 267 8.15 1.57 64.57
CA VAL B 267 7.98 1.23 63.17
C VAL B 267 8.44 2.42 62.36
N VAL B 268 8.92 2.19 61.15
CA VAL B 268 9.43 3.26 60.30
C VAL B 268 8.75 3.16 58.95
N VAL B 269 8.26 4.29 58.47
CA VAL B 269 7.50 4.38 57.24
C VAL B 269 8.43 4.90 56.17
N ASP B 270 8.65 4.12 55.13
CA ASP B 270 9.59 4.52 54.10
C ASP B 270 8.91 5.04 52.83
N ASP B 271 7.62 4.78 52.62
CA ASP B 271 6.91 5.44 51.54
C ASP B 271 6.74 6.91 51.87
N CYS B 272 7.20 7.77 50.96
CA CYS B 272 7.06 9.22 51.09
C CYS B 272 5.64 9.71 50.86
N SER B 273 4.69 8.82 50.57
CA SER B 273 3.38 9.18 50.07
C SER B 273 2.33 9.40 51.14
N MET B 274 2.62 9.24 52.42
CA MET B 274 1.52 9.06 53.37
C MET B 274 0.68 10.33 53.50
N ARG B 275 1.34 11.48 53.69
CA ARG B 275 0.64 12.75 53.63
C ARG B 275 -0.13 12.91 52.33
N ALA B 276 0.52 12.59 51.21
CA ALA B 276 -0.08 12.71 49.89
C ALA B 276 -1.45 12.04 49.82
N VAL B 277 -1.51 10.74 50.12
CA VAL B 277 -2.78 10.06 49.91
C VAL B 277 -3.75 10.42 50.99
N LEU B 278 -3.30 10.46 52.24
CA LEU B 278 -4.27 10.67 53.30
C LEU B 278 -4.94 12.03 53.13
N ARG B 279 -4.18 13.06 52.73
CA ARG B 279 -4.78 14.34 52.40
C ARG B 279 -5.69 14.25 51.19
N ARG B 280 -5.21 13.63 50.09
CA ARG B 280 -6.03 13.44 48.89
C ARG B 280 -7.40 12.90 49.22
N LEU B 281 -7.47 11.97 50.17
CA LEU B 281 -8.75 11.48 50.66
C LEU B 281 -9.44 12.48 51.55
N GLN B 282 -8.68 13.39 52.18
CA GLN B 282 -9.20 14.42 53.06
C GLN B 282 -10.00 13.80 54.21
N VAL B 283 -9.29 13.02 54.99
CA VAL B 283 -9.94 12.31 56.08
C VAL B 283 -10.03 13.24 57.28
N ALA B 284 -11.07 13.04 58.08
CA ALA B 284 -11.18 13.64 59.39
C ALA B 284 -10.47 12.83 60.46
N GLY B 285 -9.88 11.71 60.10
CA GLY B 285 -9.19 10.90 61.05
C GLY B 285 -10.18 10.19 61.95
N GLY B 286 -9.61 9.39 62.84
CA GLY B 286 -10.40 8.69 63.82
C GLY B 286 -9.99 7.26 64.01
N THR B 287 -8.98 6.80 63.28
CA THR B 287 -8.21 5.70 63.83
C THR B 287 -6.96 5.51 62.99
N LEU B 288 -5.86 5.17 63.65
CA LEU B 288 -4.76 4.48 63.02
C LEU B 288 -4.83 3.02 63.45
N LYS B 289 -4.96 2.14 62.47
CA LYS B 289 -4.89 0.70 62.66
C LYS B 289 -3.48 0.21 62.36
N PHE B 290 -2.95 -0.62 63.24
CA PHE B 290 -1.57 -1.04 63.25
C PHE B 290 -1.54 -2.56 63.29
N PHE B 291 -0.84 -3.17 62.34
CA PHE B 291 -0.69 -4.63 62.30
C PHE B 291 0.80 -4.80 62.38
N LEU B 292 1.25 -5.19 63.56
CA LEU B 292 2.65 -5.35 63.90
C LEU B 292 3.13 -6.78 63.74
N THR B 293 2.30 -7.75 64.13
CA THR B 293 2.65 -9.17 64.21
C THR B 293 3.46 -9.67 63.02
N THR B 294 2.93 -9.48 61.89
CA THR B 294 3.33 -10.16 60.69
C THR B 294 4.47 -9.39 60.02
N PRO B 295 5.26 -10.03 59.16
CA PRO B 295 6.39 -9.31 58.55
C PRO B 295 5.89 -8.18 57.67
N VAL B 296 6.73 -7.14 57.56
CA VAL B 296 6.46 -5.89 56.86
C VAL B 296 5.16 -5.37 57.46
N PRO B 297 5.15 -4.97 58.72
CA PRO B 297 3.87 -4.63 59.36
C PRO B 297 3.14 -3.52 58.62
N SER B 298 1.82 -3.57 58.66
CA SER B 298 0.97 -2.68 57.88
C SER B 298 0.33 -1.62 58.76
N LEU B 299 0.48 -0.38 58.35
CA LEU B 299 -0.22 0.77 58.95
C LEU B 299 -1.40 1.13 58.08
N CYS B 300 -2.59 0.77 58.51
CA CYS B 300 -3.81 1.23 57.87
C CYS B 300 -4.36 2.40 58.68
N VAL B 301 -5.19 3.22 58.04
CA VAL B 301 -5.72 4.43 58.65
C VAL B 301 -7.15 4.59 58.23
N THR B 302 -8.06 4.79 59.19
CA THR B 302 -9.48 4.87 58.87
C THR B 302 -10.04 6.20 59.36
N ALA B 303 -11.01 6.69 58.61
CA ALA B 303 -11.77 7.88 58.97
C ALA B 303 -13.01 7.45 59.72
N THR B 304 -13.62 8.41 60.40
CA THR B 304 -14.72 8.12 61.32
C THR B 304 -15.92 9.02 61.06
N GLY B 305 -16.03 9.60 59.87
CA GLY B 305 -17.21 10.33 59.53
C GLY B 305 -18.28 9.34 59.11
N PRO B 306 -19.10 9.65 58.10
CA PRO B 306 -20.04 8.63 57.62
C PRO B 306 -19.39 7.61 56.72
N ASN B 307 -18.26 7.94 56.11
CA ASN B 307 -17.54 6.98 55.28
C ASN B 307 -16.66 6.11 56.16
N ALA B 308 -15.99 5.16 55.56
CA ALA B 308 -15.00 4.36 56.25
C ALA B 308 -13.78 4.15 55.40
N VAL B 309 -13.46 5.09 54.50
CA VAL B 309 -12.35 4.89 53.60
C VAL B 309 -11.08 4.70 54.42
N SER B 310 -10.20 3.82 53.95
CA SER B 310 -9.04 3.40 54.70
C SER B 310 -7.89 3.21 53.73
N ALA B 311 -6.67 3.28 54.22
CA ALA B 311 -5.52 3.27 53.32
C ALA B 311 -4.37 2.56 54.00
N VAL B 312 -4.02 1.38 53.49
CA VAL B 312 -3.02 0.53 54.11
C VAL B 312 -1.65 1.02 53.70
N PHE B 313 -0.78 1.23 54.69
CA PHE B 313 0.60 1.66 54.49
C PHE B 313 1.55 0.56 54.90
N LEU B 314 2.33 0.09 53.95
CA LEU B 314 3.40 -0.83 54.24
C LEU B 314 4.58 -0.12 54.88
N LEU B 315 5.32 -0.87 55.70
CA LEU B 315 6.27 -0.33 56.66
C LEU B 315 7.47 -1.26 56.65
N LYS B 316 8.59 -0.77 57.15
CA LYS B 316 9.77 -1.58 57.03
C LYS B 316 9.94 -2.41 58.30
N PRO B 317 10.71 -3.50 58.24
CA PRO B 317 10.72 -4.45 59.36
C PRO B 317 11.22 -3.87 60.66
N GLN B 318 10.37 -3.90 61.68
CA GLN B 318 10.73 -3.54 63.04
C GLN B 318 9.69 -4.17 63.97
N LYS B 319 9.79 -3.88 65.26
CA LYS B 319 9.15 -4.67 66.31
C LYS B 319 9.26 -6.19 66.07
#